data_4MJ0
#
_entry.id   4MJ0
#
_cell.length_a   144.680
_cell.length_b   152.640
_cell.length_c   63.190
_cell.angle_alpha   90.00
_cell.angle_beta   90.00
_cell.angle_gamma   90.00
#
_symmetry.space_group_name_H-M   'P 21 21 2'
#
loop_
_entity.id
_entity.type
_entity.pdbx_description
1 polymer 'VP1 capsid protein'
2 branched 'N-acetyl-alpha-neuraminic acid-(2-8)-N-acetyl-alpha-neuraminic acid-(2-3)-beta-D-galactopyranose-(1-4)-beta-D-glucopyranose'
3 branched 'N-acetyl-alpha-neuraminic acid-(2-8)-N-acetyl-alpha-neuraminic acid'
4 branched 'N-acetyl-alpha-neuraminic acid-(2-8)-N-acetyl-alpha-neuraminic acid-(2-3)-beta-D-galactopyranose'
5 non-polymer GLYCEROL
6 non-polymer 'CHLORIDE ION'
7 water water
#
_entity_poly.entity_id   1
_entity_poly.type   'polypeptide(L)'
_entity_poly.pdbx_seq_one_letter_code
;GSHMGGVEVLEVKTGVDAITEVECFLNPEMGDPDENLRGFSLKLSAENDFSSDSPERKMLPCYSTARIPLPNLNEDLTCG
NLLMWEAVTVQTEVIGITSMLNLHAGSQKVHEHGGGKPIQGSNFHFFAVGGDPLEMQGVLMNYRTKYPDGTITPKNPTAQ
SQVMNTDHKAYLDKNNAYPVECWVPDPSRNENTRYFGTFTGGENVPPVLHVTNTATTVLLDEQGVGPLCKADSLYVSAAD
ICGLFTNSSGTQQWRGLARYFKIRLRKRSVKNPYP
;
_entity_poly.pdbx_strand_id   A,B,C,D,E
#
# COMPACT_ATOMS: atom_id res chain seq x y z
N VAL A 7 17.06 37.15 9.28
CA VAL A 7 15.66 37.07 9.79
C VAL A 7 15.57 36.26 11.09
N GLU A 8 15.53 36.96 12.23
CA GLU A 8 15.22 36.33 13.50
C GLU A 8 13.71 36.31 13.65
N VAL A 9 13.15 35.14 13.95
CA VAL A 9 11.69 34.94 14.02
C VAL A 9 11.15 35.18 15.43
N LEU A 10 10.19 36.10 15.55
CA LEU A 10 9.56 36.44 16.83
C LEU A 10 8.13 35.86 16.86
N GLU A 11 7.21 36.50 17.57
CA GLU A 11 5.87 35.95 17.76
C GLU A 11 4.96 36.14 16.55
N VAL A 12 4.02 35.22 16.38
CA VAL A 12 2.89 35.40 15.46
C VAL A 12 2.07 36.61 15.91
N LYS A 13 1.64 37.44 14.97
CA LYS A 13 0.76 38.58 15.28
C LYS A 13 -0.68 38.24 14.90
N THR A 14 -1.62 38.59 15.78
CA THR A 14 -3.04 38.46 15.45
C THR A 14 -3.70 39.83 15.49
N GLY A 15 -4.94 39.88 15.02
CA GLY A 15 -5.69 41.11 15.00
C GLY A 15 -6.31 41.35 13.65
N VAL A 16 -6.66 42.59 13.39
CA VAL A 16 -7.35 42.94 12.17
C VAL A 16 -6.37 42.76 11.00
N ASP A 17 -6.84 42.10 9.95
CA ASP A 17 -6.04 41.91 8.74
C ASP A 17 -4.69 41.18 8.96
N ALA A 18 -4.61 40.29 9.95
CA ALA A 18 -3.39 39.54 10.23
C ALA A 18 -3.37 38.16 9.60
N ILE A 19 -4.43 37.84 8.85
CA ILE A 19 -4.52 36.59 8.12
CA ILE A 19 -4.51 36.59 8.11
C ILE A 19 -4.99 36.89 6.69
N THR A 20 -4.55 36.08 5.75
CA THR A 20 -5.05 36.14 4.39
C THR A 20 -5.02 34.77 3.76
N GLU A 21 -5.80 34.60 2.69
CA GLU A 21 -5.85 33.35 1.95
C GLU A 21 -5.66 33.68 0.49
N VAL A 22 -4.80 32.93 -0.20
CA VAL A 22 -4.64 33.10 -1.64
C VAL A 22 -4.88 31.78 -2.32
N GLU A 23 -5.31 31.83 -3.56
CA GLU A 23 -5.51 30.59 -4.29
C GLU A 23 -5.10 30.78 -5.74
N CYS A 24 -4.82 29.66 -6.39
CA CYS A 24 -4.33 29.63 -7.76
CA CYS A 24 -4.57 29.66 -7.81
C CYS A 24 -4.67 28.26 -8.37
N PHE A 25 -4.89 28.21 -9.68
CA PHE A 25 -4.86 26.96 -10.44
C PHE A 25 -3.62 27.14 -11.33
N LEU A 26 -2.71 26.17 -11.29
CA LEU A 26 -1.51 26.19 -12.10
C LEU A 26 -1.65 25.13 -13.19
N ASN A 27 -1.63 25.57 -14.45
CA ASN A 27 -1.72 24.64 -15.57
C ASN A 27 -0.48 23.80 -15.75
N PRO A 28 -0.65 22.56 -16.24
CA PRO A 28 0.47 21.69 -16.52
C PRO A 28 1.19 22.14 -17.79
N GLU A 29 2.48 21.81 -17.89
CA GLU A 29 3.31 22.16 -19.03
C GLU A 29 3.93 20.90 -19.63
N MET A 30 3.11 20.15 -20.36
CA MET A 30 3.48 18.83 -20.87
C MET A 30 4.16 18.86 -22.23
N GLY A 31 4.10 20.01 -22.90
CA GLY A 31 4.77 20.17 -24.18
C GLY A 31 3.87 20.78 -25.26
N ASP A 32 2.59 20.40 -25.27
CA ASP A 32 1.55 21.04 -26.07
C ASP A 32 1.91 21.04 -27.56
N PRO A 33 1.88 19.86 -28.19
CA PRO A 33 2.46 19.70 -29.54
C PRO A 33 1.73 20.38 -30.68
N ASP A 34 0.46 20.72 -30.52
CA ASP A 34 -0.23 21.55 -31.49
C ASP A 34 -1.35 22.30 -30.79
N GLU A 35 -2.06 23.12 -31.56
CA GLU A 35 -3.08 24.03 -31.02
C GLU A 35 -4.26 23.31 -30.35
N ASN A 36 -4.45 22.02 -30.64
CA ASN A 36 -5.55 21.23 -30.06
C ASN A 36 -5.15 20.35 -28.88
N LEU A 37 -3.86 20.11 -28.69
CA LEU A 37 -3.39 19.08 -27.75
C LEU A 37 -2.72 19.65 -26.48
N ARG A 38 -3.25 20.77 -26.04
CA ARG A 38 -2.92 21.35 -24.73
C ARG A 38 -3.13 20.32 -23.63
N GLY A 39 -2.12 20.15 -22.78
CA GLY A 39 -2.13 19.18 -21.69
C GLY A 39 -1.52 17.83 -22.03
N PHE A 40 -1.11 17.65 -23.29
CA PHE A 40 -0.39 16.45 -23.73
C PHE A 40 1.00 16.83 -24.19
N SER A 41 1.88 15.84 -24.29
CA SER A 41 3.17 16.02 -24.96
C SER A 41 3.12 15.54 -26.41
N LEU A 42 4.15 15.91 -27.17
CA LEU A 42 4.44 15.28 -28.44
C LEU A 42 4.59 13.78 -28.19
N LYS A 43 4.32 12.99 -29.23
CA LYS A 43 4.54 11.56 -29.11
C LYS A 43 6.00 11.24 -28.73
N LEU A 44 6.17 10.18 -27.94
CA LEU A 44 7.47 9.78 -27.44
C LEU A 44 8.23 9.04 -28.52
N SER A 45 9.49 9.44 -28.68
CA SER A 45 10.45 8.66 -29.44
C SER A 45 10.98 7.56 -28.51
N ALA A 46 11.62 6.56 -29.08
CA ALA A 46 12.22 5.49 -28.29
C ALA A 46 13.49 4.96 -28.95
N GLU A 47 14.36 4.41 -28.11
CA GLU A 47 15.54 3.64 -28.52
C GLU A 47 16.65 4.48 -29.15
N ASN A 48 16.69 5.76 -28.83
CA ASN A 48 17.75 6.61 -29.32
C ASN A 48 19.03 6.22 -28.59
N ASP A 49 20.11 5.97 -29.34
CA ASP A 49 21.40 5.71 -28.70
C ASP A 49 21.72 6.89 -27.77
N PHE A 50 22.37 6.61 -26.64
CA PHE A 50 22.76 7.68 -25.71
C PHE A 50 23.63 8.74 -26.39
N SER A 51 24.36 8.35 -27.45
CA SER A 51 25.22 9.27 -28.21
C SER A 51 24.45 10.16 -29.22
N SER A 52 23.18 9.85 -29.45
CA SER A 52 22.36 10.58 -30.42
CA SER A 52 22.36 10.57 -30.43
C SER A 52 20.93 10.70 -29.91
N ASP A 53 20.79 11.42 -28.79
CA ASP A 53 19.52 11.56 -28.08
C ASP A 53 19.14 13.04 -28.08
N SER A 54 18.26 13.41 -29.01
CA SER A 54 17.90 14.81 -29.24
C SER A 54 16.39 15.03 -29.14
N PRO A 55 15.86 15.06 -27.91
CA PRO A 55 14.42 15.20 -27.72
C PRO A 55 13.91 16.55 -28.20
N GLU A 56 12.76 16.54 -28.89
CA GLU A 56 12.11 17.77 -29.30
C GLU A 56 11.49 18.46 -28.10
N ARG A 57 11.42 19.78 -28.14
CA ARG A 57 10.96 20.54 -27.00
C ARG A 57 9.55 20.12 -26.61
N LYS A 58 8.69 19.91 -27.60
CA LYS A 58 7.27 19.58 -27.35
C LYS A 58 7.06 18.20 -26.72
N MET A 59 8.11 17.40 -26.67
CA MET A 59 8.07 16.06 -26.06
C MET A 59 8.41 16.06 -24.57
N LEU A 60 8.89 17.18 -24.06
CA LEU A 60 9.41 17.25 -22.69
C LEU A 60 8.52 18.02 -21.71
N PRO A 61 7.85 17.29 -20.81
CA PRO A 61 7.14 18.00 -19.75
C PRO A 61 8.11 18.83 -18.89
N CYS A 62 7.65 20.00 -18.45
CA CYS A 62 8.44 20.93 -17.65
C CYS A 62 7.69 21.24 -16.37
N TYR A 63 8.42 21.67 -15.35
CA TYR A 63 7.82 22.16 -14.11
C TYR A 63 6.97 23.42 -14.39
N SER A 64 5.87 23.53 -13.65
CA SER A 64 5.07 24.74 -13.62
C SER A 64 5.40 25.54 -12.38
N THR A 65 5.33 26.85 -12.50
CA THR A 65 5.58 27.73 -11.37
C THR A 65 4.94 29.08 -11.57
N ALA A 66 4.58 29.72 -10.46
CA ALA A 66 4.01 31.06 -10.47
C ALA A 66 4.34 31.75 -9.16
N ARG A 67 4.30 33.07 -9.22
CA ARG A 67 4.50 33.92 -8.06
C ARG A 67 3.16 34.64 -7.77
N ILE A 68 2.69 34.55 -6.53
CA ILE A 68 1.44 35.16 -6.09
C ILE A 68 1.79 36.38 -5.21
N PRO A 69 1.37 37.59 -5.63
CA PRO A 69 1.64 38.76 -4.79
C PRO A 69 0.78 38.76 -3.53
N LEU A 70 1.35 39.24 -2.43
CA LEU A 70 0.67 39.31 -1.16
C LEU A 70 0.52 40.77 -0.74
N PRO A 71 -0.43 41.06 0.17
CA PRO A 71 -0.56 42.45 0.59
C PRO A 71 0.75 43.02 1.12
N ASN A 72 1.09 44.19 0.61
CA ASN A 72 2.37 44.85 0.84
C ASN A 72 2.62 45.12 2.32
N LEU A 73 3.71 44.57 2.84
CA LEU A 73 4.20 44.85 4.18
C LEU A 73 5.51 45.58 4.04
N ASN A 74 5.81 46.43 4.99
CA ASN A 74 7.01 47.26 4.93
C ASN A 74 8.27 46.38 5.11
N GLU A 75 9.17 46.43 4.11
CA GLU A 75 10.43 45.66 4.12
C GLU A 75 11.57 46.42 4.80
N ASP A 76 11.36 47.70 5.11
CA ASP A 76 12.37 48.52 5.76
C ASP A 76 12.65 47.93 7.13
N LEU A 77 13.82 47.29 7.27
CA LEU A 77 14.13 46.55 8.48
C LEU A 77 14.15 47.44 9.74
N THR A 78 14.24 48.77 9.56
CA THR A 78 14.23 49.70 10.69
C THR A 78 12.83 50.23 11.08
N CYS A 79 11.79 49.83 10.35
CA CYS A 79 10.45 50.38 10.62
C CYS A 79 9.87 49.88 11.94
N GLY A 80 8.83 50.55 12.42
CA GLY A 80 8.21 50.24 13.71
C GLY A 80 7.08 49.21 13.68
N ASN A 81 6.90 48.53 12.55
CA ASN A 81 5.93 47.43 12.46
C ASN A 81 6.41 46.42 11.43
N LEU A 82 7.51 45.74 11.77
CA LEU A 82 8.17 44.82 10.84
C LEU A 82 7.57 43.42 10.89
N LEU A 83 6.86 43.05 9.84
CA LEU A 83 6.19 41.77 9.77
C LEU A 83 6.48 41.12 8.43
N MET A 84 6.33 39.80 8.40
CA MET A 84 6.32 39.06 7.14
C MET A 84 5.12 38.13 7.11
N TRP A 85 4.62 37.88 5.90
CA TRP A 85 3.61 36.85 5.71
C TRP A 85 4.27 35.48 5.86
N GLU A 86 3.58 34.59 6.57
CA GLU A 86 4.09 33.26 6.88
C GLU A 86 3.05 32.27 6.37
N ALA A 87 3.47 31.34 5.51
CA ALA A 87 2.52 30.38 4.98
C ALA A 87 2.32 29.26 5.98
N VAL A 88 1.07 28.97 6.36
CA VAL A 88 0.75 28.05 7.45
CA VAL A 88 0.82 28.01 7.44
C VAL A 88 0.25 26.68 6.95
N THR A 89 -0.65 26.71 5.97
CA THR A 89 -1.27 25.50 5.40
C THR A 89 -1.50 25.66 3.92
N VAL A 90 -1.57 24.51 3.23
CA VAL A 90 -1.97 24.48 1.84
C VAL A 90 -2.95 23.32 1.61
N GLN A 91 -4.03 23.65 0.91
CA GLN A 91 -4.95 22.67 0.37
CA GLN A 91 -4.98 22.70 0.36
C GLN A 91 -4.67 22.58 -1.13
N THR A 92 -4.53 21.36 -1.63
CA THR A 92 -4.11 21.18 -3.01
C THR A 92 -4.64 19.86 -3.56
N GLU A 93 -4.99 19.87 -4.83
CA GLU A 93 -5.36 18.62 -5.51
C GLU A 93 -5.23 18.79 -7.01
N VAL A 94 -5.21 17.66 -7.69
CA VAL A 94 -5.11 17.63 -9.14
C VAL A 94 -6.51 17.73 -9.72
N ILE A 95 -6.64 18.55 -10.76
CA ILE A 95 -7.93 18.97 -11.29
C ILE A 95 -8.26 18.29 -12.62
N GLY A 96 -9.37 17.57 -12.64
CA GLY A 96 -9.83 16.93 -13.89
C GLY A 96 -9.51 15.45 -14.00
N ILE A 97 -9.35 14.79 -12.86
CA ILE A 97 -8.95 13.38 -12.85
C ILE A 97 -9.95 12.47 -13.56
N THR A 98 -11.23 12.84 -13.53
CA THR A 98 -12.27 12.04 -14.16
C THR A 98 -12.23 12.09 -15.69
N SER A 99 -11.51 13.05 -16.25
CA SER A 99 -11.37 13.15 -17.71
C SER A 99 -10.76 11.89 -18.30
N MET A 100 -10.01 11.14 -17.48
CA MET A 100 -9.42 9.88 -17.91
C MET A 100 -10.44 8.75 -18.11
N LEU A 101 -11.70 9.00 -17.75
CA LEU A 101 -12.81 8.05 -18.03
C LEU A 101 -13.36 8.16 -19.46
N ASN A 102 -12.81 9.08 -20.25
CA ASN A 102 -13.10 9.10 -21.68
C ASN A 102 -12.21 8.07 -22.33
N LEU A 103 -12.78 6.89 -22.62
CA LEU A 103 -12.04 5.82 -23.30
C LEU A 103 -12.51 5.65 -24.76
N HIS A 104 -13.29 6.61 -25.25
CA HIS A 104 -13.85 6.57 -26.59
C HIS A 104 -13.02 7.38 -27.60
N ALA A 105 -12.24 8.35 -27.11
CA ALA A 105 -11.49 9.26 -27.95
C ALA A 105 -10.02 8.85 -28.05
N GLY A 106 -9.58 8.54 -29.27
CA GLY A 106 -8.16 8.50 -29.59
C GLY A 106 -7.34 7.31 -29.13
N SER A 107 -7.73 6.65 -28.04
CA SER A 107 -6.86 5.63 -27.43
C SER A 107 -7.03 4.26 -28.08
N GLN A 108 -5.94 3.51 -28.14
CA GLN A 108 -5.92 2.18 -28.73
C GLN A 108 -6.86 1.23 -28.00
N LYS A 109 -7.61 0.43 -28.76
CA LYS A 109 -8.51 -0.53 -28.14
C LYS A 109 -7.67 -1.54 -27.33
N VAL A 110 -8.18 -1.95 -26.18
CA VAL A 110 -7.48 -2.92 -25.35
C VAL A 110 -7.42 -4.32 -26.01
N HIS A 111 -8.43 -4.64 -26.81
CA HIS A 111 -8.52 -5.86 -27.60
C HIS A 111 -9.64 -5.65 -28.63
N GLU A 112 -9.78 -6.58 -29.57
CA GLU A 112 -10.80 -6.43 -30.60
C GLU A 112 -12.17 -6.30 -29.93
N HIS A 113 -12.94 -5.29 -30.36
CA HIS A 113 -14.28 -4.96 -29.83
C HIS A 113 -14.28 -4.29 -28.45
N GLY A 114 -13.12 -4.05 -27.86
CA GLY A 114 -13.06 -3.48 -26.51
C GLY A 114 -13.01 -1.95 -26.50
N GLY A 115 -13.01 -1.38 -25.30
CA GLY A 115 -12.88 0.07 -25.12
C GLY A 115 -11.45 0.50 -25.28
N GLY A 116 -11.22 1.80 -25.28
CA GLY A 116 -9.88 2.35 -25.39
C GLY A 116 -9.05 2.07 -24.15
N LYS A 117 -7.74 2.13 -24.33
CA LYS A 117 -6.82 1.89 -23.25
C LYS A 117 -6.74 3.10 -22.31
N PRO A 118 -6.93 2.88 -21.00
CA PRO A 118 -6.73 3.96 -20.02
C PRO A 118 -5.32 4.54 -20.02
N ILE A 119 -5.22 5.82 -19.65
CA ILE A 119 -3.92 6.40 -19.36
C ILE A 119 -3.32 5.64 -18.18
N GLN A 120 -2.06 5.27 -18.31
CA GLN A 120 -1.35 4.52 -17.28
C GLN A 120 0.14 4.61 -17.56
N GLY A 121 0.93 4.12 -16.63
CA GLY A 121 2.38 4.14 -16.78
C GLY A 121 3.02 5.11 -15.84
N SER A 122 4.29 5.43 -16.08
CA SER A 122 5.07 6.24 -15.15
C SER A 122 4.41 7.57 -14.87
N ASN A 123 4.45 7.97 -13.61
CA ASN A 123 3.83 9.22 -13.22
C ASN A 123 4.61 9.93 -12.13
N PHE A 124 4.40 11.24 -12.03
CA PHE A 124 5.10 12.06 -11.05
C PHE A 124 4.14 13.14 -10.60
N HIS A 125 3.95 13.23 -9.29
CA HIS A 125 3.07 14.24 -8.69
C HIS A 125 3.83 14.96 -7.62
N PHE A 126 3.95 16.27 -7.81
CA PHE A 126 4.85 17.11 -7.03
C PHE A 126 4.25 18.48 -6.85
N PHE A 127 4.39 19.03 -5.65
CA PHE A 127 4.08 20.44 -5.42
C PHE A 127 5.00 21.02 -4.37
N ALA A 128 5.14 22.34 -4.43
CA ALA A 128 5.92 23.11 -3.46
C ALA A 128 5.29 24.45 -3.20
N VAL A 129 5.43 24.93 -1.97
CA VAL A 129 5.03 26.26 -1.56
C VAL A 129 6.19 26.89 -0.80
N GLY A 130 6.55 28.12 -1.16
CA GLY A 130 7.64 28.77 -0.46
C GLY A 130 7.65 30.28 -0.54
N GLY A 131 8.55 30.89 0.23
CA GLY A 131 8.73 32.33 0.20
C GLY A 131 9.89 32.77 -0.68
N ASP A 132 10.52 31.80 -1.34
CA ASP A 132 11.54 32.01 -2.38
C ASP A 132 11.26 31.02 -3.51
N PRO A 133 11.82 31.26 -4.71
CA PRO A 133 11.69 30.25 -5.75
C PRO A 133 12.24 28.89 -5.29
N LEU A 134 11.63 27.82 -5.76
CA LEU A 134 12.08 26.46 -5.49
C LEU A 134 13.50 26.28 -5.99
N GLU A 135 14.34 25.70 -5.14
CA GLU A 135 15.73 25.43 -5.48
CA GLU A 135 15.73 25.44 -5.49
C GLU A 135 15.85 23.99 -5.96
N MET A 136 16.51 23.80 -7.12
CA MET A 136 16.57 22.51 -7.78
C MET A 136 18.00 22.03 -7.99
N GLN A 137 18.13 20.70 -8.09
CA GLN A 137 19.38 20.01 -8.34
C GLN A 137 19.17 19.19 -9.62
N GLY A 138 20.14 19.23 -10.51
CA GLY A 138 20.05 18.52 -11.79
C GLY A 138 20.64 17.14 -11.72
N VAL A 139 19.92 16.17 -12.29
CA VAL A 139 20.39 14.80 -12.47
C VAL A 139 19.83 14.30 -13.81
N LEU A 140 20.68 13.68 -14.62
CA LEU A 140 20.31 13.24 -15.97
C LEU A 140 20.36 11.73 -16.09
N MET A 141 19.43 11.16 -16.86
CA MET A 141 19.53 9.74 -17.24
C MET A 141 20.78 9.52 -18.08
N ASN A 142 21.03 10.46 -19.00
CA ASN A 142 22.08 10.37 -19.99
C ASN A 142 22.70 11.75 -20.12
N TYR A 143 23.94 11.91 -19.67
CA TYR A 143 24.56 13.27 -19.66
C TYR A 143 24.76 13.83 -21.06
N ARG A 144 24.78 12.95 -22.06
CA ARG A 144 24.97 13.32 -23.46
C ARG A 144 23.71 13.74 -24.19
N THR A 145 22.56 13.73 -23.52
CA THR A 145 21.32 14.17 -24.15
C THR A 145 21.50 15.61 -24.67
N LYS A 146 21.07 15.83 -25.90
CA LYS A 146 21.11 17.15 -26.55
C LYS A 146 19.73 17.80 -26.38
N TYR A 147 19.61 18.71 -25.42
CA TYR A 147 18.31 19.31 -25.11
C TYR A 147 18.04 20.47 -26.05
N PRO A 148 16.74 20.74 -26.34
CA PRO A 148 16.34 21.68 -27.37
C PRO A 148 16.23 23.13 -26.90
N ASP A 149 16.30 24.05 -27.85
CA ASP A 149 16.12 25.48 -27.54
C ASP A 149 14.81 25.68 -26.82
N GLY A 150 14.85 26.56 -25.82
CA GLY A 150 13.68 26.89 -25.02
C GLY A 150 13.63 26.16 -23.69
N THR A 151 14.49 25.15 -23.52
CA THR A 151 14.64 24.48 -22.24
C THR A 151 15.88 24.98 -21.49
N ILE A 152 15.80 24.90 -20.17
CA ILE A 152 16.92 25.19 -19.30
C ILE A 152 17.26 23.89 -18.60
N THR A 153 18.43 23.35 -18.92
CA THR A 153 18.86 22.04 -18.46
C THR A 153 20.25 22.15 -17.84
N PRO A 154 20.69 21.11 -17.09
CA PRO A 154 22.00 21.17 -16.46
C PRO A 154 23.09 21.56 -17.45
N LYS A 155 23.85 22.61 -17.11
CA LYS A 155 24.81 23.19 -18.02
C LYS A 155 26.10 22.41 -17.97
N ASN A 156 26.62 22.13 -19.17
CA ASN A 156 27.94 21.55 -19.34
C ASN A 156 28.10 20.28 -18.49
N PRO A 157 27.18 19.33 -18.67
CA PRO A 157 27.18 18.13 -17.85
C PRO A 157 28.33 17.17 -18.16
N THR A 158 28.62 16.29 -17.19
CA THR A 158 29.63 15.25 -17.32
C THR A 158 28.96 13.92 -16.96
N ALA A 159 29.71 12.81 -17.06
CA ALA A 159 29.18 11.50 -16.62
C ALA A 159 28.72 11.54 -15.17
N GLN A 160 29.36 12.37 -14.36
CA GLN A 160 28.94 12.49 -12.94
C GLN A 160 27.56 13.09 -12.80
N SER A 161 27.11 13.79 -13.83
CA SER A 161 25.76 14.37 -13.84
C SER A 161 24.67 13.30 -13.92
N GLN A 162 25.04 12.06 -14.22
CA GLN A 162 24.13 10.91 -14.11
C GLN A 162 23.91 10.45 -12.69
N VAL A 163 24.79 10.88 -11.78
CA VAL A 163 24.64 10.63 -10.35
C VAL A 163 24.51 12.00 -9.68
N MET A 164 25.38 12.37 -8.75
CA MET A 164 25.32 13.71 -8.15
C MET A 164 26.51 14.58 -8.57
N ASN A 165 26.19 15.67 -9.25
CA ASN A 165 27.15 16.70 -9.64
C ASN A 165 26.67 18.02 -9.03
N THR A 166 27.35 18.49 -7.99
CA THR A 166 26.85 19.67 -7.25
C THR A 166 26.88 20.99 -8.05
N ASP A 167 27.49 20.98 -9.23
CA ASP A 167 27.44 22.16 -10.09
C ASP A 167 26.04 22.51 -10.61
N HIS A 168 25.15 21.52 -10.71
CA HIS A 168 23.84 21.71 -11.32
C HIS A 168 22.80 22.23 -10.32
N LYS A 169 22.93 23.51 -9.96
CA LYS A 169 21.98 24.18 -9.06
C LYS A 169 21.21 25.18 -9.88
N ALA A 170 19.89 25.22 -9.70
CA ALA A 170 19.04 26.19 -10.38
C ALA A 170 17.88 26.59 -9.52
N TYR A 171 17.34 27.78 -9.81
CA TYR A 171 16.05 28.22 -9.27
C TYR A 171 14.97 27.94 -10.31
N LEU A 172 13.80 27.47 -9.85
CA LEU A 172 12.65 27.34 -10.72
C LEU A 172 12.06 28.74 -10.90
N ASP A 173 12.67 29.47 -11.83
CA ASP A 173 12.46 30.92 -12.05
C ASP A 173 11.80 31.23 -13.39
N LYS A 174 11.31 30.20 -14.07
CA LYS A 174 10.66 30.37 -15.37
C LYS A 174 9.69 29.21 -15.55
N ASN A 175 8.46 29.54 -15.92
CA ASN A 175 7.44 28.53 -16.18
C ASN A 175 7.69 27.86 -17.53
N ASN A 176 7.38 26.57 -17.63
CA ASN A 176 7.47 25.85 -18.91
C ASN A 176 8.85 25.92 -19.56
N ALA A 177 9.88 25.69 -18.75
CA ALA A 177 11.28 25.76 -19.21
C ALA A 177 12.21 24.71 -18.65
N TYR A 178 11.97 24.27 -17.40
CA TYR A 178 12.83 23.32 -16.72
C TYR A 178 12.25 21.92 -16.88
N PRO A 179 12.84 21.07 -17.73
CA PRO A 179 12.23 19.74 -17.90
C PRO A 179 12.20 18.91 -16.64
N VAL A 180 11.07 18.24 -16.41
CA VAL A 180 10.92 17.43 -15.22
C VAL A 180 12.01 16.36 -15.18
N GLU A 181 12.35 15.77 -16.33
CA GLU A 181 13.34 14.70 -16.37
C GLU A 181 14.77 15.11 -15.96
N CYS A 182 15.05 16.42 -15.90
CA CYS A 182 16.39 16.92 -15.64
C CYS A 182 16.60 17.42 -14.23
N TRP A 183 15.53 17.65 -13.49
CA TRP A 183 15.63 18.41 -12.26
C TRP A 183 14.77 17.83 -11.15
N VAL A 184 15.28 17.93 -9.93
CA VAL A 184 14.54 17.56 -8.72
C VAL A 184 14.67 18.68 -7.70
N PRO A 185 13.73 18.76 -6.75
CA PRO A 185 13.95 19.68 -5.65
C PRO A 185 15.22 19.35 -4.89
N ASP A 186 15.94 20.37 -4.43
CA ASP A 186 17.24 20.18 -3.79
C ASP A 186 17.06 20.13 -2.27
N PRO A 187 17.28 18.94 -1.63
CA PRO A 187 17.11 18.84 -0.18
C PRO A 187 18.19 19.56 0.62
N SER A 188 19.29 19.98 -0.02
CA SER A 188 20.38 20.68 0.66
C SER A 188 20.13 22.19 0.74
N ARG A 189 19.09 22.65 0.06
CA ARG A 189 18.70 24.05 0.12
C ARG A 189 17.21 24.11 0.52
N ASN A 190 16.43 25.02 -0.07
CA ASN A 190 15.00 25.15 0.23
C ASN A 190 14.67 25.31 1.72
N GLU A 191 15.46 26.13 2.41
CA GLU A 191 15.20 26.47 3.82
C GLU A 191 13.85 27.15 4.01
N ASN A 192 13.39 27.85 2.98
CA ASN A 192 12.16 28.64 3.05
C ASN A 192 11.04 28.15 2.14
N THR A 193 11.08 26.86 1.78
CA THR A 193 10.08 26.22 0.95
C THR A 193 9.78 24.85 1.55
N ARG A 194 8.54 24.39 1.40
CA ARG A 194 8.19 23.00 1.70
C ARG A 194 7.79 22.36 0.40
N TYR A 195 8.37 21.19 0.11
CA TYR A 195 8.03 20.48 -1.12
C TYR A 195 7.72 19.00 -0.84
N PHE A 196 6.95 18.41 -1.77
CA PHE A 196 6.41 17.06 -1.61
C PHE A 196 6.24 16.46 -2.99
N GLY A 197 6.82 15.29 -3.22
CA GLY A 197 6.72 14.64 -4.52
C GLY A 197 6.76 13.13 -4.42
N THR A 198 6.04 12.47 -5.33
CA THR A 198 6.10 11.00 -5.44
C THR A 198 6.23 10.64 -6.92
N PHE A 199 7.24 9.82 -7.22
CA PHE A 199 7.46 9.24 -8.53
C PHE A 199 7.07 7.77 -8.48
N THR A 200 6.25 7.33 -9.43
CA THR A 200 5.93 5.91 -9.55
C THR A 200 6.22 5.53 -11.00
N GLY A 201 7.15 4.60 -11.19
CA GLY A 201 7.57 4.22 -12.54
C GLY A 201 7.08 2.85 -12.97
N GLY A 202 6.81 2.69 -14.26
CA GLY A 202 6.48 1.38 -14.78
C GLY A 202 5.48 1.47 -15.90
N GLU A 203 5.53 0.50 -16.80
CA GLU A 203 4.68 0.47 -17.99
C GLU A 203 3.19 0.51 -17.68
N ASN A 204 2.79 -0.23 -16.65
CA ASN A 204 1.38 -0.50 -16.40
C ASN A 204 0.88 0.10 -15.09
N VAL A 205 1.65 1.02 -14.54
CA VAL A 205 1.31 1.67 -13.26
C VAL A 205 -0.05 2.35 -13.34
N PRO A 206 -0.98 2.02 -12.42
CA PRO A 206 -2.25 2.74 -12.40
C PRO A 206 -2.15 4.10 -11.74
N PRO A 207 -2.67 5.16 -12.40
CA PRO A 207 -2.87 6.41 -11.70
C PRO A 207 -3.81 6.22 -10.51
N VAL A 208 -3.44 6.79 -9.39
CA VAL A 208 -4.29 6.79 -8.20
C VAL A 208 -4.30 8.20 -7.64
N LEU A 209 -5.45 8.85 -7.71
CA LEU A 209 -5.54 10.25 -7.34
C LEU A 209 -6.75 10.53 -6.47
N HIS A 210 -6.53 11.25 -5.37
CA HIS A 210 -7.57 11.56 -4.42
C HIS A 210 -7.93 13.03 -4.48
N VAL A 211 -9.21 13.32 -4.28
CA VAL A 211 -9.66 14.70 -4.14
C VAL A 211 -10.54 14.83 -2.88
N THR A 212 -10.39 15.95 -2.19
CA THR A 212 -11.23 16.29 -1.07
C THR A 212 -10.90 17.71 -0.63
N ASN A 213 -11.93 18.46 -0.26
CA ASN A 213 -11.73 19.80 0.26
C ASN A 213 -11.56 19.80 1.78
N THR A 214 -11.36 18.61 2.38
CA THR A 214 -11.29 18.49 3.84
C THR A 214 -9.87 18.23 4.34
N ALA A 215 -8.92 18.10 3.41
CA ALA A 215 -7.53 17.74 3.72
C ALA A 215 -6.68 18.98 3.55
N THR A 216 -5.77 19.15 4.51
CA THR A 216 -4.87 20.29 4.60
CA THR A 216 -4.82 20.24 4.43
C THR A 216 -3.44 19.77 4.90
N THR A 217 -2.41 20.35 4.28
CA THR A 217 -1.01 20.03 4.57
C THR A 217 -0.46 21.20 5.39
N VAL A 218 0.07 20.92 6.58
CA VAL A 218 0.60 21.97 7.47
C VAL A 218 2.03 22.27 7.00
N LEU A 219 2.37 23.56 6.89
CA LEU A 219 3.66 23.97 6.32
C LEU A 219 4.66 24.44 7.37
N LEU A 220 4.24 24.41 8.63
CA LEU A 220 5.08 24.78 9.76
C LEU A 220 6.18 23.73 9.95
N ASP A 221 7.39 24.18 10.27
CA ASP A 221 8.48 23.28 10.59
C ASP A 221 8.40 22.88 12.08
N GLU A 222 9.44 22.22 12.57
CA GLU A 222 9.45 21.75 13.96
C GLU A 222 9.43 22.86 15.01
N GLN A 223 9.83 24.07 14.61
CA GLN A 223 9.77 25.25 15.48
C GLN A 223 8.44 26.03 15.35
N GLY A 224 7.50 25.50 14.57
CA GLY A 224 6.22 26.17 14.37
C GLY A 224 6.28 27.32 13.36
N VAL A 225 7.30 27.31 12.50
CA VAL A 225 7.49 28.39 11.52
C VAL A 225 7.29 27.91 10.09
N GLY A 226 6.39 28.57 9.37
CA GLY A 226 6.14 28.27 7.98
C GLY A 226 7.04 29.12 7.10
N PRO A 227 7.01 28.87 5.77
CA PRO A 227 7.74 29.72 4.84
C PRO A 227 7.43 31.19 5.05
N LEU A 228 8.47 32.02 5.08
CA LEU A 228 8.34 33.46 5.28
C LEU A 228 8.52 34.15 3.92
N CYS A 229 7.55 34.96 3.54
CA CYS A 229 7.45 35.40 2.18
C CYS A 229 8.27 36.64 1.92
N LYS A 230 9.41 36.42 1.27
CA LYS A 230 10.33 37.50 0.95
C LYS A 230 9.70 38.38 -0.13
N ALA A 231 9.80 39.67 0.10
CA ALA A 231 9.31 40.67 -0.83
C ALA A 231 7.83 40.45 -1.13
N ASP A 232 7.10 39.97 -0.12
CA ASP A 232 5.63 39.74 -0.19
C ASP A 232 5.22 38.95 -1.42
N SER A 233 5.96 37.87 -1.67
CA SER A 233 5.71 37.00 -2.79
C SER A 233 5.65 35.57 -2.28
N LEU A 234 4.65 34.83 -2.76
CA LEU A 234 4.47 33.42 -2.44
C LEU A 234 4.70 32.64 -3.72
N TYR A 235 5.54 31.61 -3.66
CA TYR A 235 5.90 30.83 -4.84
C TYR A 235 5.23 29.47 -4.78
N VAL A 236 4.53 29.12 -5.85
CA VAL A 236 3.92 27.81 -5.99
C VAL A 236 4.54 27.12 -7.19
N SER A 237 4.79 25.81 -7.05
CA SER A 237 5.39 25.00 -8.13
C SER A 237 4.71 23.65 -8.17
N ALA A 238 4.68 23.04 -9.36
CA ALA A 238 4.02 21.75 -9.52
C ALA A 238 4.54 21.00 -10.73
N ALA A 239 4.36 19.69 -10.69
CA ALA A 239 4.48 18.83 -11.86
C ALA A 239 3.52 17.67 -11.60
N ASP A 240 2.61 17.44 -12.54
CA ASP A 240 1.60 16.39 -12.44
C ASP A 240 1.44 15.62 -13.75
N ILE A 241 2.46 14.81 -14.04
CA ILE A 241 2.47 13.88 -15.16
C ILE A 241 1.65 12.68 -14.70
N CYS A 242 0.50 12.46 -15.32
CA CYS A 242 -0.46 11.47 -14.84
C CYS A 242 -0.23 10.07 -15.38
N GLY A 243 0.49 10.00 -16.50
CA GLY A 243 0.78 8.74 -17.17
C GLY A 243 0.89 8.98 -18.67
N LEU A 244 0.90 7.87 -19.42
CA LEU A 244 0.93 7.90 -20.87
C LEU A 244 -0.42 7.55 -21.49
N PHE A 245 -0.78 8.35 -22.50
CA PHE A 245 -1.92 8.13 -23.38
C PHE A 245 -1.43 7.36 -24.59
N THR A 246 -2.10 6.25 -24.93
CA THR A 246 -1.67 5.40 -26.04
C THR A 246 -2.67 5.55 -27.18
N ASN A 247 -2.20 6.17 -28.27
CA ASN A 247 -2.99 6.33 -29.49
C ASN A 247 -3.26 5.00 -30.19
N SER A 248 -4.26 4.99 -31.05
CA SER A 248 -4.62 3.79 -31.81
CA SER A 248 -4.62 3.80 -31.81
C SER A 248 -3.43 3.20 -32.56
N SER A 249 -2.54 4.07 -33.05
CA SER A 249 -1.32 3.66 -33.75
C SER A 249 -0.29 2.92 -32.90
N GLY A 250 -0.38 3.10 -31.58
CA GLY A 250 0.62 2.60 -30.63
C GLY A 250 1.50 3.71 -30.07
N THR A 251 1.48 4.88 -30.70
CA THR A 251 2.30 5.98 -30.19
C THR A 251 1.80 6.43 -28.83
N GLN A 252 2.71 6.98 -28.04
CA GLN A 252 2.37 7.39 -26.69
C GLN A 252 2.69 8.85 -26.42
N GLN A 253 1.84 9.50 -25.61
CA GLN A 253 2.02 10.89 -25.23
C GLN A 253 1.80 11.05 -23.74
N TRP A 254 2.61 11.86 -23.08
CA TRP A 254 2.33 12.21 -21.69
C TRP A 254 1.02 12.99 -21.59
N ARG A 255 0.27 12.76 -20.51
CA ARG A 255 -0.89 13.56 -20.15
C ARG A 255 -0.67 14.19 -18.78
N GLY A 256 -0.92 15.50 -18.69
CA GLY A 256 -0.82 16.22 -17.42
C GLY A 256 -2.12 16.92 -17.09
N LEU A 257 -2.27 17.32 -15.83
CA LEU A 257 -3.47 18.03 -15.38
C LEU A 257 -3.06 19.18 -14.49
N ALA A 258 -3.92 20.20 -14.40
CA ALA A 258 -3.69 21.37 -13.54
C ALA A 258 -3.73 21.02 -12.06
N ARG A 259 -3.09 21.84 -11.24
CA ARG A 259 -3.13 21.69 -9.80
C ARG A 259 -3.66 22.96 -9.13
N TYR A 260 -4.58 22.76 -8.20
CA TYR A 260 -5.16 23.86 -7.42
C TYR A 260 -4.38 24.02 -6.13
N PHE A 261 -4.22 25.27 -5.71
CA PHE A 261 -3.59 25.62 -4.42
C PHE A 261 -4.46 26.62 -3.66
N LYS A 262 -4.69 26.36 -2.38
CA LYS A 262 -5.25 27.35 -1.47
C LYS A 262 -4.34 27.43 -0.27
N ILE A 263 -3.71 28.59 -0.07
CA ILE A 263 -2.72 28.78 0.97
C ILE A 263 -3.20 29.78 1.99
N ARG A 264 -3.18 29.41 3.27
CA ARG A 264 -3.54 30.30 4.36
C ARG A 264 -2.25 30.88 4.95
N LEU A 265 -2.22 32.18 5.12
CA LEU A 265 -1.04 32.86 5.66
C LEU A 265 -1.40 33.72 6.85
N ARG A 266 -0.41 33.99 7.69
CA ARG A 266 -0.56 34.84 8.86
C ARG A 266 0.65 35.75 8.97
N LYS A 267 0.50 36.83 9.74
CA LYS A 267 1.59 37.79 9.90
C LYS A 267 2.47 37.34 11.05
N ARG A 268 3.78 37.35 10.80
CA ARG A 268 4.76 36.93 11.77
C ARG A 268 5.68 38.10 12.05
N SER A 269 5.90 38.41 13.31
CA SER A 269 6.86 39.45 13.71
C SER A 269 8.26 38.90 13.50
N VAL A 270 9.13 39.71 12.89
CA VAL A 270 10.53 39.33 12.71
C VAL A 270 11.41 40.53 13.07
N LYS A 271 12.72 40.28 13.18
CA LYS A 271 13.71 41.31 13.57
C LYS A 271 14.94 41.26 12.66
N GLU B 8 -23.23 34.45 9.26
CA GLU B 8 -22.66 34.58 10.63
C GLU B 8 -23.27 33.52 11.55
N VAL B 9 -22.45 32.53 11.90
CA VAL B 9 -22.89 31.36 12.65
C VAL B 9 -22.77 31.60 14.16
N LEU B 10 -23.87 31.39 14.88
CA LEU B 10 -23.89 31.54 16.34
C LEU B 10 -23.84 30.17 17.03
N GLU B 11 -24.57 29.99 18.12
CA GLU B 11 -24.46 28.78 18.94
C GLU B 11 -25.33 27.62 18.43
N VAL B 12 -24.93 26.41 18.82
CA VAL B 12 -25.72 25.21 18.57
C VAL B 12 -26.93 25.19 19.53
N LYS B 13 -28.08 24.77 19.01
CA LYS B 13 -29.31 24.67 19.81
C LYS B 13 -29.46 23.26 20.41
N THR B 14 -29.98 23.18 21.63
CA THR B 14 -30.30 21.91 22.28
C THR B 14 -31.62 22.01 23.05
N ASP B 17 -35.41 17.45 20.61
CA ASP B 17 -35.97 17.98 19.36
C ASP B 17 -34.88 18.51 18.41
N ALA B 18 -33.69 18.77 18.93
CA ALA B 18 -32.64 19.48 18.19
C ALA B 18 -31.83 18.63 17.21
N ILE B 19 -32.06 17.32 17.17
CA ILE B 19 -31.30 16.38 16.34
C ILE B 19 -32.23 15.62 15.41
N THR B 20 -31.76 15.36 14.18
CA THR B 20 -32.48 14.47 13.29
C THR B 20 -31.48 13.66 12.47
N GLU B 21 -31.91 12.49 12.04
CA GLU B 21 -31.14 11.70 11.08
C GLU B 21 -31.95 11.55 9.82
N VAL B 22 -31.27 11.64 8.69
CA VAL B 22 -31.86 11.29 7.41
C VAL B 22 -31.01 10.23 6.75
N GLU B 23 -31.67 9.38 5.98
CA GLU B 23 -30.95 8.37 5.21
C GLU B 23 -31.52 8.27 3.80
N CYS B 24 -30.68 7.80 2.88
CA CYS B 24 -31.03 7.69 1.47
CA CYS B 24 -31.13 7.53 1.52
C CYS B 24 -30.17 6.62 0.80
N PHE B 25 -30.71 5.91 -0.18
CA PHE B 25 -29.92 5.09 -1.10
C PHE B 25 -30.01 5.82 -2.44
N LEU B 26 -28.86 6.19 -2.98
CA LEU B 26 -28.77 6.88 -4.24
C LEU B 26 -28.32 5.93 -5.37
N ASN B 27 -29.16 5.74 -6.38
CA ASN B 27 -28.84 4.83 -7.48
C ASN B 27 -27.76 5.40 -8.37
N PRO B 28 -26.93 4.52 -8.97
CA PRO B 28 -25.93 5.00 -9.91
C PRO B 28 -26.59 5.32 -11.23
N GLU B 29 -25.92 6.13 -12.05
CA GLU B 29 -26.43 6.51 -13.36
C GLU B 29 -25.36 6.23 -14.40
N MET B 30 -25.24 4.96 -14.78
CA MET B 30 -24.17 4.49 -15.65
C MET B 30 -24.49 4.58 -17.14
N GLY B 31 -25.72 4.90 -17.49
CA GLY B 31 -26.14 4.99 -18.89
C GLY B 31 -27.41 4.21 -19.20
N ASP B 32 -27.49 2.98 -18.68
CA ASP B 32 -28.67 2.13 -18.73
C ASP B 32 -29.14 1.86 -20.18
N PRO B 33 -28.36 1.05 -20.92
CA PRO B 33 -28.54 0.94 -22.38
C PRO B 33 -29.85 0.30 -22.84
N ASP B 34 -30.43 -0.54 -22.02
CA ASP B 34 -31.77 -1.06 -22.26
C ASP B 34 -32.43 -1.36 -20.92
N GLU B 35 -33.68 -1.83 -20.96
CA GLU B 35 -34.47 -1.99 -19.73
C GLU B 35 -33.93 -3.09 -18.81
N ASN B 36 -33.19 -4.02 -19.38
CA ASN B 36 -32.55 -5.06 -18.56
C ASN B 36 -31.23 -4.69 -17.93
N LEU B 37 -30.57 -3.66 -18.43
CA LEU B 37 -29.18 -3.39 -18.06
C LEU B 37 -28.99 -2.15 -17.18
N ARG B 38 -29.96 -1.94 -16.31
CA ARG B 38 -29.84 -0.95 -15.23
C ARG B 38 -28.58 -1.19 -14.43
N GLY B 39 -27.77 -0.14 -14.27
CA GLY B 39 -26.51 -0.21 -13.55
C GLY B 39 -25.28 -0.46 -14.41
N PHE B 40 -25.51 -0.63 -15.71
CA PHE B 40 -24.44 -0.77 -16.71
C PHE B 40 -24.55 0.38 -17.72
N SER B 41 -23.44 0.61 -18.43
CA SER B 41 -23.43 1.47 -19.61
C SER B 41 -23.62 0.68 -20.89
N LEU B 42 -23.91 1.41 -21.97
CA LEU B 42 -23.79 0.90 -23.32
C LEU B 42 -22.34 0.41 -23.52
N LYS B 43 -22.14 -0.52 -24.44
CA LYS B 43 -20.79 -0.95 -24.76
C LYS B 43 -19.92 0.22 -25.18
N LEU B 44 -18.65 0.16 -24.82
CA LEU B 44 -17.70 1.22 -25.11
C LEU B 44 -17.21 1.15 -26.55
N SER B 45 -17.22 2.30 -27.20
CA SER B 45 -16.56 2.46 -28.48
C SER B 45 -15.07 2.70 -28.20
N ALA B 46 -14.27 2.70 -29.26
CA ALA B 46 -12.85 2.96 -29.14
C ALA B 46 -12.24 3.55 -30.42
N GLU B 47 -11.17 4.33 -30.24
CA GLU B 47 -10.33 4.82 -31.32
C GLU B 47 -10.96 5.90 -32.21
N ASN B 48 -11.97 6.60 -31.69
CA ASN B 48 -12.53 7.74 -32.42
C ASN B 48 -11.48 8.84 -32.52
N ASP B 49 -11.24 9.36 -33.71
CA ASP B 49 -10.33 10.51 -33.81
C ASP B 49 -10.88 11.63 -32.92
N PHE B 50 -10.01 12.43 -32.32
CA PHE B 50 -10.46 13.57 -31.48
C PHE B 50 -11.33 14.53 -32.27
N SER B 51 -11.18 14.56 -33.60
CA SER B 51 -11.97 15.45 -34.46
C SER B 51 -13.34 14.89 -34.81
N SER B 52 -13.61 13.63 -34.46
CA SER B 52 -14.89 13.00 -34.76
C SER B 52 -15.26 12.04 -33.63
N ASP B 53 -15.44 12.61 -32.44
CA ASP B 53 -15.68 11.87 -31.21
C ASP B 53 -17.07 12.24 -30.72
N SER B 54 -18.07 11.42 -31.05
CA SER B 54 -19.46 11.67 -30.69
C SER B 54 -20.07 10.52 -29.86
N PRO B 55 -19.78 10.50 -28.55
CA PRO B 55 -20.25 9.40 -27.67
C PRO B 55 -21.76 9.38 -27.53
N GLU B 56 -22.34 8.17 -27.54
CA GLU B 56 -23.78 8.03 -27.31
C GLU B 56 -24.11 8.26 -25.84
N ARG B 57 -25.29 8.83 -25.60
CA ARG B 57 -25.79 9.14 -24.27
CA ARG B 57 -25.66 9.18 -24.24
C ARG B 57 -25.61 7.97 -23.30
N LYS B 58 -26.14 6.83 -23.72
CA LYS B 58 -26.19 5.65 -22.86
C LYS B 58 -24.82 5.04 -22.54
N MET B 59 -23.78 5.53 -23.21
CA MET B 59 -22.40 5.10 -22.95
C MET B 59 -21.71 5.89 -21.83
N LEU B 60 -22.31 7.00 -21.38
CA LEU B 60 -21.67 7.97 -20.49
C LEU B 60 -22.23 7.94 -19.07
N PRO B 61 -21.47 7.38 -18.12
CA PRO B 61 -21.88 7.50 -16.73
C PRO B 61 -21.95 8.98 -16.31
N CYS B 62 -22.94 9.28 -15.48
CA CYS B 62 -23.15 10.63 -14.95
C CYS B 62 -23.17 10.63 -13.44
N TYR B 63 -22.94 11.80 -12.85
CA TYR B 63 -23.08 11.96 -11.42
C TYR B 63 -24.54 11.77 -11.00
N SER B 64 -24.70 11.16 -9.82
CA SER B 64 -25.98 11.05 -9.16
C SER B 64 -26.10 12.13 -8.12
N THR B 65 -27.31 12.61 -7.92
CA THR B 65 -27.59 13.58 -6.86
C THR B 65 -29.06 13.52 -6.42
N ALA B 66 -29.29 13.88 -5.17
CA ALA B 66 -30.63 14.03 -4.63
C ALA B 66 -30.65 15.21 -3.65
N ARG B 67 -31.78 15.92 -3.63
CA ARG B 67 -32.05 16.95 -2.64
C ARG B 67 -33.06 16.42 -1.64
N ILE B 68 -32.74 16.52 -0.35
CA ILE B 68 -33.61 16.03 0.71
C ILE B 68 -34.17 17.21 1.50
N PRO B 69 -35.49 17.45 1.38
CA PRO B 69 -36.07 18.55 2.15
C PRO B 69 -36.13 18.22 3.64
N LEU B 70 -35.92 19.23 4.46
CA LEU B 70 -35.89 19.10 5.93
C LEU B 70 -36.98 20.00 6.51
N PRO B 71 -37.41 19.71 7.75
CA PRO B 71 -38.47 20.54 8.34
C PRO B 71 -38.14 22.02 8.31
N ASN B 72 -39.13 22.77 7.85
CA ASN B 72 -39.08 24.20 7.64
C ASN B 72 -39.04 24.94 8.98
N LEU B 73 -37.84 25.36 9.39
CA LEU B 73 -37.62 25.85 10.75
C LEU B 73 -38.01 27.29 11.06
N ASN B 74 -38.20 28.12 10.04
CA ASN B 74 -38.42 29.57 10.25
C ASN B 74 -39.76 30.07 9.72
N GLU B 75 -40.58 30.59 10.63
CA GLU B 75 -41.88 31.18 10.32
C GLU B 75 -41.72 32.43 9.44
N ASP B 76 -40.67 33.18 9.71
CA ASP B 76 -40.49 34.50 9.11
C ASP B 76 -39.00 34.67 8.76
N LEU B 77 -38.71 34.57 7.46
CA LEU B 77 -37.33 34.69 6.96
C LEU B 77 -36.75 36.11 7.09
N THR B 78 -37.57 37.10 7.41
CA THR B 78 -37.10 38.48 7.60
C THR B 78 -36.80 38.83 9.09
N CYS B 79 -36.63 37.81 9.93
CA CYS B 79 -36.17 38.00 11.31
C CYS B 79 -34.65 38.19 11.34
N GLY B 80 -34.17 38.75 12.45
CA GLY B 80 -32.74 38.99 12.66
C GLY B 80 -31.92 37.72 12.73
N ASN B 81 -32.39 36.76 13.52
CA ASN B 81 -31.75 35.44 13.63
C ASN B 81 -32.64 34.35 13.02
N LEU B 82 -31.99 33.28 12.56
CA LEU B 82 -32.71 32.14 12.02
C LEU B 82 -32.13 30.85 12.61
N LEU B 83 -32.83 29.74 12.38
CA LEU B 83 -32.33 28.42 12.72
C LEU B 83 -32.08 27.69 11.42
N MET B 84 -30.99 26.94 11.36
CA MET B 84 -30.67 26.12 10.19
C MET B 84 -30.24 24.73 10.62
N TRP B 85 -30.57 23.75 9.80
CA TRP B 85 -30.06 22.41 9.99
C TRP B 85 -28.59 22.34 9.60
N GLU B 86 -27.77 21.75 10.48
CA GLU B 86 -26.33 21.61 10.31
C GLU B 86 -25.95 20.14 10.22
N ALA B 87 -25.35 19.73 9.10
CA ALA B 87 -24.91 18.34 8.92
C ALA B 87 -23.62 18.09 9.71
N VAL B 88 -23.63 17.10 10.62
CA VAL B 88 -22.49 16.89 11.53
CA VAL B 88 -22.54 16.86 11.57
C VAL B 88 -21.66 15.66 11.19
N THR B 89 -22.31 14.58 10.76
CA THR B 89 -21.63 13.35 10.38
C THR B 89 -22.35 12.65 9.22
N VAL B 90 -21.60 11.81 8.51
CA VAL B 90 -22.16 10.93 7.49
C VAL B 90 -21.56 9.55 7.59
N GLN B 91 -22.42 8.54 7.47
CA GLN B 91 -22.00 7.15 7.28
C GLN B 91 -22.41 6.79 5.87
N THR B 92 -21.50 6.19 5.12
CA THR B 92 -21.75 5.94 3.72
C THR B 92 -21.06 4.65 3.29
N GLU B 93 -21.68 3.99 2.31
CA GLU B 93 -21.26 2.68 1.89
C GLU B 93 -21.72 2.39 0.46
N VAL B 94 -20.86 1.76 -0.35
CA VAL B 94 -21.26 1.26 -1.67
C VAL B 94 -22.01 -0.08 -1.50
N ILE B 95 -23.15 -0.20 -2.17
CA ILE B 95 -24.09 -1.30 -1.93
C ILE B 95 -24.08 -2.36 -3.04
N GLY B 96 -23.79 -3.61 -2.69
CA GLY B 96 -23.86 -4.71 -3.65
C GLY B 96 -22.51 -5.16 -4.16
N ILE B 97 -21.47 -4.94 -3.38
CA ILE B 97 -20.12 -5.21 -3.86
C ILE B 97 -19.89 -6.70 -4.16
N THR B 98 -20.60 -7.58 -3.44
CA THR B 98 -20.45 -9.03 -3.62
C THR B 98 -21.08 -9.52 -4.93
N SER B 99 -21.91 -8.70 -5.58
CA SER B 99 -22.51 -9.07 -6.87
C SER B 99 -21.46 -9.34 -7.96
N MET B 100 -20.27 -8.79 -7.78
CA MET B 100 -19.14 -9.07 -8.67
C MET B 100 -18.57 -10.48 -8.53
N LEU B 101 -19.08 -11.26 -7.57
CA LEU B 101 -18.70 -12.68 -7.45
C LEU B 101 -19.52 -13.59 -8.39
N ASN B 102 -20.44 -13.02 -9.15
CA ASN B 102 -21.09 -13.73 -10.25
C ASN B 102 -20.17 -13.70 -11.48
N LEU B 103 -19.44 -14.80 -11.67
CA LEU B 103 -18.54 -14.96 -12.82
C LEU B 103 -19.09 -15.99 -13.82
N HIS B 104 -20.36 -16.35 -13.65
CA HIS B 104 -21.03 -17.30 -14.55
C HIS B 104 -21.85 -16.61 -15.64
N ALA B 105 -22.30 -15.38 -15.38
CA ALA B 105 -23.18 -14.63 -16.27
C ALA B 105 -22.41 -13.66 -17.16
N GLY B 106 -22.46 -13.90 -18.47
CA GLY B 106 -22.12 -12.91 -19.50
C GLY B 106 -20.66 -12.62 -19.75
N SER B 107 -19.82 -12.74 -18.73
CA SER B 107 -18.42 -12.31 -18.86
C SER B 107 -17.55 -13.31 -19.61
N GLN B 108 -16.56 -12.79 -20.33
CA GLN B 108 -15.63 -13.59 -21.10
C GLN B 108 -14.82 -14.55 -20.21
N LYS B 109 -14.71 -15.80 -20.64
CA LYS B 109 -13.89 -16.78 -19.94
C LYS B 109 -12.45 -16.30 -19.87
N VAL B 110 -11.80 -16.50 -18.72
CA VAL B 110 -10.40 -16.09 -18.56
C VAL B 110 -9.47 -16.94 -19.41
N HIS B 111 -9.86 -18.18 -19.66
CA HIS B 111 -9.15 -19.10 -20.55
C HIS B 111 -10.08 -20.29 -20.83
N GLU B 112 -9.68 -21.20 -21.71
CA GLU B 112 -10.53 -22.34 -22.03
C GLU B 112 -10.88 -23.15 -20.77
N HIS B 113 -12.18 -23.41 -20.57
CA HIS B 113 -12.71 -24.14 -19.40
C HIS B 113 -12.73 -23.33 -18.10
N GLY B 114 -12.25 -22.09 -18.14
CA GLY B 114 -12.16 -21.26 -16.93
C GLY B 114 -13.46 -20.52 -16.64
N GLY B 115 -13.50 -19.86 -15.50
CA GLY B 115 -14.63 -19.00 -15.12
C GLY B 115 -14.59 -17.67 -15.85
N GLY B 116 -15.62 -16.86 -15.67
CA GLY B 116 -15.69 -15.55 -16.30
C GLY B 116 -14.71 -14.54 -15.73
N LYS B 117 -14.44 -13.51 -16.52
CA LYS B 117 -13.51 -12.45 -16.15
C LYS B 117 -14.18 -11.48 -15.17
N PRO B 118 -13.53 -11.24 -14.01
CA PRO B 118 -14.06 -10.25 -13.09
C PRO B 118 -14.14 -8.83 -13.68
N ILE B 119 -15.06 -8.05 -13.13
CA ILE B 119 -15.07 -6.61 -13.36
C ILE B 119 -13.78 -6.03 -12.80
N GLN B 120 -13.13 -5.19 -13.60
CA GLN B 120 -11.84 -4.61 -13.25
C GLN B 120 -11.55 -3.46 -14.18
N GLY B 121 -10.48 -2.73 -13.91
CA GLY B 121 -10.11 -1.58 -14.73
C GLY B 121 -10.51 -0.29 -14.05
N SER B 122 -10.43 0.81 -14.79
CA SER B 122 -10.59 2.13 -14.22
C SER B 122 -11.87 2.27 -13.39
N ASN B 123 -11.74 2.94 -12.25
CA ASN B 123 -12.88 3.13 -11.37
C ASN B 123 -12.82 4.51 -10.67
N PHE B 124 -13.97 4.96 -10.21
CA PHE B 124 -14.06 6.23 -9.51
C PHE B 124 -15.14 6.12 -8.46
N HIS B 125 -14.76 6.48 -7.22
CA HIS B 125 -15.67 6.42 -6.08
C HIS B 125 -15.64 7.76 -5.40
N PHE B 126 -16.81 8.35 -5.32
CA PHE B 126 -16.96 9.75 -4.93
C PHE B 126 -18.29 9.95 -4.19
N PHE B 127 -18.25 10.75 -3.13
CA PHE B 127 -19.48 11.23 -2.50
C PHE B 127 -19.30 12.66 -1.96
N ALA B 128 -20.43 13.32 -1.75
CA ALA B 128 -20.46 14.65 -1.17
C ALA B 128 -21.73 14.85 -0.39
N VAL B 129 -21.65 15.68 0.64
CA VAL B 129 -22.80 16.09 1.45
C VAL B 129 -22.67 17.59 1.66
N GLY B 130 -23.73 18.34 1.36
CA GLY B 130 -23.70 19.77 1.59
C GLY B 130 -25.06 20.40 1.77
N GLY B 131 -25.05 21.70 2.07
CA GLY B 131 -26.27 22.48 2.20
C GLY B 131 -26.60 23.30 0.96
N ASP B 132 -25.77 23.15 -0.06
CA ASP B 132 -25.99 23.72 -1.40
C ASP B 132 -25.68 22.64 -2.43
N PRO B 133 -26.16 22.80 -3.68
CA PRO B 133 -25.75 21.81 -4.70
C PRO B 133 -24.23 21.77 -4.84
N LEU B 134 -23.70 20.60 -5.17
CA LEU B 134 -22.26 20.45 -5.37
C LEU B 134 -21.83 21.35 -6.51
N GLU B 135 -20.71 22.04 -6.30
CA GLU B 135 -20.14 22.92 -7.30
CA GLU B 135 -20.16 22.91 -7.30
C GLU B 135 -19.01 22.20 -8.04
N MET B 136 -19.09 22.24 -9.37
CA MET B 136 -18.20 21.46 -10.21
C MET B 136 -17.40 22.33 -11.18
N GLN B 137 -16.24 21.80 -11.59
CA GLN B 137 -15.34 22.39 -12.57
C GLN B 137 -15.23 21.42 -13.72
N GLY B 138 -15.34 21.95 -14.93
CA GLY B 138 -15.23 21.12 -16.13
C GLY B 138 -13.80 20.93 -16.61
N VAL B 139 -13.41 19.69 -16.90
CA VAL B 139 -12.15 19.38 -17.58
C VAL B 139 -12.42 18.22 -18.56
N LEU B 140 -11.89 18.32 -19.78
CA LEU B 140 -12.16 17.35 -20.83
C LEU B 140 -10.87 16.69 -21.31
N MET B 141 -10.96 15.40 -21.65
CA MET B 141 -9.90 14.71 -22.36
C MET B 141 -9.68 15.34 -23.71
N ASN B 142 -10.78 15.65 -24.39
CA ASN B 142 -10.77 16.15 -25.75
C ASN B 142 -11.80 17.28 -25.87
N TYR B 143 -11.35 18.53 -26.04
CA TYR B 143 -12.29 19.65 -26.04
C TYR B 143 -13.26 19.59 -27.22
N ARG B 144 -12.89 18.86 -28.25
CA ARG B 144 -13.68 18.73 -29.47
C ARG B 144 -14.77 17.63 -29.40
N THR B 145 -14.85 16.90 -28.29
CA THR B 145 -15.90 15.90 -28.14
C THR B 145 -17.27 16.53 -28.34
N LYS B 146 -18.11 15.87 -29.13
CA LYS B 146 -19.45 16.33 -29.42
C LYS B 146 -20.32 15.48 -28.51
N TYR B 147 -20.83 16.08 -27.45
CA TYR B 147 -21.62 15.35 -26.45
C TYR B 147 -23.09 15.29 -26.84
N PRO B 148 -23.80 14.24 -26.38
CA PRO B 148 -25.14 13.96 -26.89
C PRO B 148 -26.23 14.73 -26.17
N ASP B 149 -27.36 14.90 -26.83
CA ASP B 149 -28.53 15.54 -26.23
C ASP B 149 -28.87 14.84 -24.92
N GLY B 150 -29.24 15.65 -23.92
CA GLY B 150 -29.56 15.12 -22.59
C GLY B 150 -28.43 15.18 -21.59
N THR B 151 -27.20 15.43 -22.05
CA THR B 151 -26.09 15.69 -21.18
C THR B 151 -25.84 17.20 -21.07
N ILE B 152 -25.26 17.57 -19.93
CA ILE B 152 -24.86 18.94 -19.67
C ILE B 152 -23.35 18.90 -19.50
N THR B 153 -22.65 19.55 -20.43
CA THR B 153 -21.20 19.49 -20.51
C THR B 153 -20.61 20.90 -20.68
N PRO B 154 -19.28 21.03 -20.56
CA PRO B 154 -18.71 22.38 -20.66
C PRO B 154 -19.11 23.15 -21.94
N LYS B 155 -19.56 24.38 -21.73
CA LYS B 155 -20.04 25.23 -22.80
C LYS B 155 -18.87 26.02 -23.39
N ASN B 156 -18.86 26.13 -24.72
CA ASN B 156 -17.82 26.86 -25.44
C ASN B 156 -16.43 26.38 -25.07
N PRO B 157 -16.19 25.08 -25.12
CA PRO B 157 -14.87 24.57 -24.74
C PRO B 157 -13.80 24.96 -25.74
N THR B 158 -12.55 25.02 -25.26
CA THR B 158 -11.39 25.35 -26.09
C THR B 158 -10.29 24.35 -25.73
N ALA B 159 -9.11 24.48 -26.35
CA ALA B 159 -7.99 23.62 -25.96
C ALA B 159 -7.64 23.76 -24.47
N GLN B 160 -7.86 24.94 -23.91
CA GLN B 160 -7.59 25.16 -22.47
C GLN B 160 -8.52 24.36 -21.57
N SER B 161 -9.67 23.93 -22.10
CA SER B 161 -10.59 23.03 -21.40
C SER B 161 -10.00 21.65 -21.12
N GLN B 162 -8.88 21.32 -21.76
CA GLN B 162 -8.16 20.08 -21.49
C GLN B 162 -7.24 20.23 -20.28
N VAL B 163 -6.99 21.47 -19.88
CA VAL B 163 -6.30 21.76 -18.64
C VAL B 163 -7.29 22.53 -17.75
N MET B 164 -6.95 23.70 -17.25
CA MET B 164 -7.91 24.50 -16.46
C MET B 164 -8.45 25.70 -17.23
N ASN B 165 -9.76 25.67 -17.44
CA ASN B 165 -10.51 26.76 -18.04
C ASN B 165 -11.58 27.16 -17.03
N THR B 166 -11.39 28.33 -16.40
CA THR B 166 -12.27 28.72 -15.29
C THR B 166 -13.70 29.08 -15.73
N ASP B 167 -13.95 29.17 -17.03
CA ASP B 167 -15.33 29.34 -17.54
C ASP B 167 -16.27 28.19 -17.15
N HIS B 168 -15.72 26.98 -17.00
CA HIS B 168 -16.55 25.78 -16.84
C HIS B 168 -16.93 25.53 -15.37
N LYS B 169 -17.84 26.35 -14.88
CA LYS B 169 -18.42 26.21 -13.56
C LYS B 169 -19.86 25.76 -13.70
N ALA B 170 -20.24 24.73 -12.94
CA ALA B 170 -21.60 24.22 -12.94
C ALA B 170 -22.01 23.80 -11.54
N TYR B 171 -23.32 23.76 -11.33
CA TYR B 171 -23.92 23.16 -10.15
C TYR B 171 -24.42 21.78 -10.52
N LEU B 172 -24.21 20.79 -9.65
CA LEU B 172 -24.81 19.48 -9.85
C LEU B 172 -26.28 19.57 -9.45
N ASP B 173 -27.07 20.06 -10.40
CA ASP B 173 -28.47 20.44 -10.18
C ASP B 173 -29.46 19.59 -10.98
N LYS B 174 -28.97 18.51 -11.57
CA LYS B 174 -29.83 17.58 -12.28
C LYS B 174 -29.19 16.20 -12.19
N ASN B 175 -30.01 15.21 -11.86
CA ASN B 175 -29.55 13.83 -11.80
C ASN B 175 -29.44 13.27 -13.21
N ASN B 176 -28.44 12.41 -13.41
CA ASN B 176 -28.24 11.70 -14.66
C ASN B 176 -28.07 12.63 -15.88
N ALA B 177 -27.27 13.66 -15.71
CA ALA B 177 -27.08 14.66 -16.77
C ALA B 177 -25.65 15.12 -16.93
N TYR B 178 -24.90 15.22 -15.84
CA TYR B 178 -23.51 15.69 -15.89
C TYR B 178 -22.56 14.49 -16.02
N PRO B 179 -21.93 14.29 -17.20
CA PRO B 179 -21.08 13.11 -17.33
C PRO B 179 -19.90 13.16 -16.39
N VAL B 180 -19.58 12.02 -15.79
CA VAL B 180 -18.45 11.93 -14.88
C VAL B 180 -17.15 12.34 -15.60
N GLU B 181 -17.00 11.95 -16.87
CA GLU B 181 -15.78 12.25 -17.61
C GLU B 181 -15.55 13.74 -17.89
N CYS B 182 -16.56 14.57 -17.66
CA CYS B 182 -16.50 16.01 -17.96
C CYS B 182 -16.30 16.92 -16.75
N TRP B 183 -16.55 16.39 -15.55
CA TRP B 183 -16.76 17.25 -14.39
C TRP B 183 -16.09 16.68 -13.16
N VAL B 184 -15.50 17.55 -12.34
CA VAL B 184 -14.94 17.19 -11.04
C VAL B 184 -15.48 18.15 -9.98
N PRO B 185 -15.46 17.72 -8.71
CA PRO B 185 -15.76 18.71 -7.68
C PRO B 185 -14.76 19.88 -7.72
N ASP B 186 -15.25 21.09 -7.47
CA ASP B 186 -14.43 22.29 -7.58
C ASP B 186 -13.82 22.67 -6.20
N PRO B 187 -12.50 22.52 -6.03
CA PRO B 187 -11.91 22.84 -4.74
C PRO B 187 -11.85 24.34 -4.44
N SER B 188 -12.12 25.17 -5.43
CA SER B 188 -12.07 26.63 -5.25
C SER B 188 -13.42 27.16 -4.77
N ARG B 189 -14.41 26.29 -4.70
CA ARG B 189 -15.74 26.65 -4.24
C ARG B 189 -16.15 25.65 -3.17
N ASN B 190 -17.42 25.23 -3.13
CA ASN B 190 -17.89 24.28 -2.13
C ASN B 190 -17.57 24.65 -0.68
N GLU B 191 -17.80 25.91 -0.33
CA GLU B 191 -17.65 26.35 1.06
C GLU B 191 -18.60 25.62 2.01
N ASN B 192 -19.72 25.16 1.47
CA ASN B 192 -20.81 24.60 2.29
C ASN B 192 -21.12 23.14 1.97
N THR B 193 -20.14 22.44 1.38
CA THR B 193 -20.23 21.03 1.01
C THR B 193 -18.89 20.38 1.36
N ARG B 194 -18.93 19.15 1.87
CA ARG B 194 -17.71 18.33 1.99
C ARG B 194 -17.76 17.22 0.96
N TYR B 195 -16.67 17.05 0.23
CA TYR B 195 -16.59 16.04 -0.81
C TYR B 195 -15.32 15.20 -0.70
N PHE B 196 -15.42 13.99 -1.23
CA PHE B 196 -14.37 12.97 -1.11
C PHE B 196 -14.41 12.07 -2.34
N GLY B 197 -13.28 11.89 -3.00
CA GLY B 197 -13.21 11.02 -4.17
C GLY B 197 -11.85 10.43 -4.42
N THR B 198 -11.85 9.25 -5.05
CA THR B 198 -10.63 8.57 -5.44
C THR B 198 -10.84 8.01 -6.84
N PHE B 199 -9.94 8.40 -7.74
CA PHE B 199 -9.89 7.82 -9.08
C PHE B 199 -8.72 6.86 -9.16
N THR B 200 -8.97 5.65 -9.68
CA THR B 200 -7.90 4.68 -9.93
C THR B 200 -8.03 4.24 -11.40
N GLY B 201 -7.03 4.52 -12.22
CA GLY B 201 -7.10 4.20 -13.66
C GLY B 201 -6.22 3.06 -14.08
N GLY B 202 -6.62 2.36 -15.15
CA GLY B 202 -5.80 1.33 -15.71
C GLY B 202 -6.61 0.19 -16.26
N GLU B 203 -6.01 -0.63 -17.10
CA GLU B 203 -6.72 -1.73 -17.74
C GLU B 203 -7.13 -2.82 -16.78
N ASN B 204 -6.23 -3.17 -15.86
CA ASN B 204 -6.42 -4.35 -15.02
C ASN B 204 -6.53 -4.05 -13.53
N VAL B 205 -6.82 -2.81 -13.18
CA VAL B 205 -6.84 -2.46 -11.77
CA VAL B 205 -6.95 -2.36 -11.78
C VAL B 205 -7.95 -3.22 -11.02
N PRO B 206 -7.57 -3.83 -9.87
CA PRO B 206 -8.58 -4.54 -9.08
C PRO B 206 -9.49 -3.61 -8.29
N PRO B 207 -10.82 -3.82 -8.36
CA PRO B 207 -11.67 -3.11 -7.41
C PRO B 207 -11.32 -3.54 -6.00
N VAL B 208 -11.28 -2.58 -5.07
CA VAL B 208 -11.08 -2.87 -3.66
C VAL B 208 -12.10 -2.03 -2.90
N LEU B 209 -13.08 -2.69 -2.29
CA LEU B 209 -14.18 -1.99 -1.64
C LEU B 209 -14.43 -2.56 -0.27
N HIS B 210 -14.59 -1.67 0.71
CA HIS B 210 -14.79 -2.03 2.09
C HIS B 210 -16.22 -1.69 2.51
N VAL B 211 -16.76 -2.54 3.37
CA VAL B 211 -18.01 -2.23 4.04
C VAL B 211 -17.86 -2.37 5.55
N THR B 212 -18.45 -1.43 6.28
CA THR B 212 -18.58 -1.56 7.72
C THR B 212 -19.55 -0.53 8.23
N ASN B 213 -20.34 -0.90 9.23
CA ASN B 213 -21.28 0.04 9.85
C ASN B 213 -20.66 0.75 11.06
N THR B 214 -19.33 0.69 11.17
CA THR B 214 -18.63 1.21 12.35
C THR B 214 -17.84 2.49 12.01
N ALA B 215 -17.91 2.94 10.76
CA ALA B 215 -17.12 4.07 10.27
C ALA B 215 -18.01 5.28 10.02
N THR B 216 -17.58 6.44 10.55
CA THR B 216 -18.32 7.69 10.47
C THR B 216 -17.36 8.80 10.04
N THR B 217 -17.79 9.62 9.10
CA THR B 217 -17.03 10.78 8.65
C THR B 217 -17.60 12.04 9.28
N VAL B 218 -16.78 12.79 10.01
CA VAL B 218 -17.21 14.04 10.62
C VAL B 218 -17.18 15.15 9.55
N LEU B 219 -18.23 15.97 9.50
CA LEU B 219 -18.39 16.99 8.44
C LEU B 219 -18.08 18.41 8.94
N LEU B 220 -17.75 18.54 10.22
CA LEU B 220 -17.43 19.81 10.82
C LEU B 220 -16.13 20.32 10.22
N ASP B 221 -16.09 21.63 9.93
CA ASP B 221 -14.85 22.30 9.53
C ASP B 221 -13.96 22.62 10.73
N GLU B 222 -12.90 23.39 10.51
CA GLU B 222 -11.95 23.75 11.58
C GLU B 222 -12.57 24.55 12.72
N GLN B 223 -13.64 25.28 12.42
CA GLN B 223 -14.34 26.08 13.43
C GLN B 223 -15.48 25.32 14.10
N GLY B 224 -15.59 24.02 13.78
CA GLY B 224 -16.62 23.17 14.35
C GLY B 224 -18.00 23.34 13.72
N VAL B 225 -18.04 23.86 12.49
CA VAL B 225 -19.31 24.09 11.79
C VAL B 225 -19.45 23.12 10.61
N GLY B 226 -20.59 22.44 10.56
CA GLY B 226 -20.90 21.56 9.44
C GLY B 226 -21.57 22.32 8.32
N PRO B 227 -21.81 21.64 7.18
CA PRO B 227 -22.66 22.23 6.15
C PRO B 227 -24.01 22.70 6.70
N LEU B 228 -24.43 23.90 6.29
CA LEU B 228 -25.67 24.50 6.77
C LEU B 228 -26.70 24.50 5.64
N CYS B 229 -27.88 23.95 5.93
CA CYS B 229 -28.82 23.66 4.87
C CYS B 229 -29.62 24.89 4.47
N LYS B 230 -29.20 25.46 3.33
CA LYS B 230 -29.86 26.61 2.72
C LYS B 230 -31.23 26.19 2.23
N ALA B 231 -32.22 27.02 2.53
CA ALA B 231 -33.59 26.75 2.14
C ALA B 231 -34.01 25.35 2.59
N ASP B 232 -33.54 24.95 3.77
CA ASP B 232 -33.91 23.67 4.40
C ASP B 232 -33.80 22.48 3.47
N SER B 233 -32.71 22.45 2.72
CA SER B 233 -32.41 21.34 1.81
C SER B 233 -31.01 20.80 2.06
N LEU B 234 -30.94 19.46 2.10
CA LEU B 234 -29.68 18.74 2.24
C LEU B 234 -29.38 18.07 0.90
N TYR B 235 -28.13 18.17 0.45
CA TYR B 235 -27.72 17.64 -0.86
C TYR B 235 -26.75 16.49 -0.73
N VAL B 236 -27.06 15.39 -1.40
CA VAL B 236 -26.15 14.24 -1.48
C VAL B 236 -25.82 14.00 -2.94
N SER B 237 -24.56 13.66 -3.19
CA SER B 237 -24.06 13.41 -4.54
C SER B 237 -23.11 12.22 -4.52
N ALA B 238 -23.03 11.50 -5.64
CA ALA B 238 -22.14 10.36 -5.74
C ALA B 238 -21.78 10.01 -7.17
N ALA B 239 -20.68 9.28 -7.32
CA ALA B 239 -20.34 8.56 -8.53
C ALA B 239 -19.57 7.33 -8.08
N ASP B 240 -20.04 6.15 -8.48
CA ASP B 240 -19.40 4.91 -8.09
C ASP B 240 -19.31 3.97 -9.28
N ILE B 241 -18.41 4.31 -10.20
CA ILE B 241 -18.03 3.45 -11.32
C ILE B 241 -17.06 2.39 -10.78
N CYS B 242 -17.49 1.12 -10.76
CA CYS B 242 -16.72 0.06 -10.13
C CYS B 242 -15.64 -0.54 -11.02
N GLY B 243 -15.81 -0.42 -12.33
CA GLY B 243 -14.85 -0.92 -13.30
C GLY B 243 -15.57 -1.29 -14.59
N LEU B 244 -14.91 -2.07 -15.42
CA LEU B 244 -15.46 -2.54 -16.69
C LEU B 244 -15.82 -4.02 -16.62
N PHE B 245 -17.01 -4.34 -17.15
CA PHE B 245 -17.48 -5.69 -17.39
C PHE B 245 -17.12 -6.06 -18.82
N THR B 246 -16.46 -7.20 -19.00
CA THR B 246 -16.08 -7.66 -20.34
C THR B 246 -16.94 -8.83 -20.77
N ASN B 247 -17.77 -8.57 -21.78
CA ASN B 247 -18.60 -9.62 -22.38
C ASN B 247 -17.79 -10.68 -23.10
N SER B 248 -18.40 -11.85 -23.27
CA SER B 248 -17.76 -12.93 -24.01
CA SER B 248 -17.77 -12.94 -24.02
C SER B 248 -17.22 -12.48 -25.37
N SER B 249 -17.94 -11.59 -26.03
CA SER B 249 -17.54 -11.07 -27.34
C SER B 249 -16.29 -10.20 -27.32
N GLY B 250 -15.97 -9.65 -26.15
CA GLY B 250 -14.85 -8.73 -26.00
C GLY B 250 -15.31 -7.30 -25.74
N THR B 251 -16.60 -7.04 -25.94
CA THR B 251 -17.12 -5.70 -25.71
C THR B 251 -17.08 -5.41 -24.21
N GLN B 252 -17.02 -4.12 -23.85
CA GLN B 252 -16.92 -3.70 -22.46
C GLN B 252 -17.98 -2.68 -22.09
N GLN B 253 -18.45 -2.75 -20.84
CA GLN B 253 -19.47 -1.84 -20.29
C GLN B 253 -19.04 -1.44 -18.90
N TRP B 254 -19.24 -0.18 -18.55
CA TRP B 254 -19.13 0.26 -17.17
C TRP B 254 -20.18 -0.40 -16.30
N ARG B 255 -19.82 -0.72 -15.06
CA ARG B 255 -20.74 -1.19 -14.04
C ARG B 255 -20.64 -0.26 -12.84
N GLY B 256 -21.79 0.18 -12.32
CA GLY B 256 -21.83 1.00 -11.12
C GLY B 256 -22.76 0.41 -10.07
N LEU B 257 -22.64 0.93 -8.85
CA LEU B 257 -23.49 0.50 -7.74
C LEU B 257 -24.04 1.70 -6.98
N ALA B 258 -25.17 1.48 -6.30
CA ALA B 258 -25.81 2.47 -5.43
C ALA B 258 -24.92 2.80 -4.23
N ARG B 259 -25.16 3.98 -3.66
CA ARG B 259 -24.48 4.40 -2.44
C ARG B 259 -25.51 4.80 -1.38
N TYR B 260 -25.28 4.28 -0.17
CA TYR B 260 -26.09 4.62 1.00
C TYR B 260 -25.50 5.81 1.74
N PHE B 261 -26.36 6.69 2.24
CA PHE B 261 -25.98 7.82 3.11
C PHE B 261 -26.84 7.77 4.37
N LYS B 262 -26.23 7.94 5.54
CA LYS B 262 -26.96 8.24 6.77
C LYS B 262 -26.33 9.49 7.37
N ILE B 263 -27.10 10.57 7.46
CA ILE B 263 -26.54 11.87 7.86
C ILE B 263 -27.21 12.35 9.15
N ARG B 264 -26.41 12.71 10.16
CA ARG B 264 -26.94 13.26 11.40
C ARG B 264 -26.90 14.78 11.33
N LEU B 265 -28.03 15.43 11.61
CA LEU B 265 -28.09 16.89 11.64
C LEU B 265 -28.53 17.42 12.99
N ARG B 266 -28.15 18.67 13.25
CA ARG B 266 -28.54 19.37 14.45
C ARG B 266 -28.95 20.80 14.10
N LYS B 267 -29.68 21.44 15.01
CA LYS B 267 -30.14 22.80 14.80
C LYS B 267 -29.07 23.79 15.22
N ARG B 268 -28.83 24.79 14.37
CA ARG B 268 -27.81 25.81 14.60
C ARG B 268 -28.42 27.20 14.41
N SER B 269 -28.22 28.06 15.41
CA SER B 269 -28.66 29.46 15.34
CA SER B 269 -28.67 29.45 15.32
C SER B 269 -27.69 30.23 14.45
N VAL B 270 -28.24 31.06 13.55
CA VAL B 270 -27.42 31.93 12.69
C VAL B 270 -27.99 33.36 12.68
N LYS B 271 -27.14 34.34 12.37
CA LYS B 271 -27.58 35.73 12.17
C LYS B 271 -27.99 35.93 10.72
N ASN B 272 -28.93 36.84 10.47
CA ASN B 272 -29.43 37.11 9.12
C ASN B 272 -28.72 38.31 8.50
N VAL C 9 -31.27 0.91 27.84
CA VAL C 9 -29.93 0.41 28.28
C VAL C 9 -29.45 1.15 29.53
N LEU C 10 -29.21 0.42 30.61
CA LEU C 10 -28.80 1.00 31.90
C LEU C 10 -27.30 0.78 32.15
N GLU C 11 -26.91 0.64 33.41
CA GLU C 11 -25.49 0.49 33.80
C GLU C 11 -24.93 -0.92 33.54
N VAL C 12 -23.61 -1.02 33.45
CA VAL C 12 -22.93 -2.28 33.24
C VAL C 12 -23.02 -3.17 34.48
N ILE C 19 -18.15 -10.91 33.32
CA ILE C 19 -17.34 -11.14 32.13
C ILE C 19 -17.34 -12.62 31.73
N THR C 20 -17.58 -12.89 30.45
CA THR C 20 -17.52 -14.25 29.92
C THR C 20 -16.92 -14.23 28.52
N GLU C 21 -16.29 -15.34 28.13
CA GLU C 21 -15.71 -15.50 26.81
C GLU C 21 -16.37 -16.67 26.09
N VAL C 22 -16.72 -16.49 24.83
CA VAL C 22 -17.20 -17.58 23.99
C VAL C 22 -16.34 -17.63 22.74
N GLU C 23 -16.16 -18.83 22.21
CA GLU C 23 -15.38 -19.01 20.98
C GLU C 23 -16.03 -20.03 20.07
N CYS C 24 -15.73 -19.90 18.78
CA CYS C 24 -16.34 -20.67 17.71
CA CYS C 24 -16.21 -20.83 17.79
C CYS C 24 -15.38 -20.75 16.51
N PHE C 25 -15.28 -21.91 15.87
CA PHE C 25 -14.66 -22.02 14.56
C PHE C 25 -15.85 -22.21 13.62
N LEU C 26 -16.05 -21.28 12.71
CA LEU C 26 -17.17 -21.33 11.78
C LEU C 26 -16.71 -21.81 10.40
N ASN C 27 -17.22 -22.95 9.96
CA ASN C 27 -16.80 -23.51 8.66
C ASN C 27 -17.33 -22.71 7.46
N PRO C 28 -16.52 -22.64 6.38
CA PRO C 28 -16.93 -21.96 5.17
C PRO C 28 -17.95 -22.81 4.43
N GLU C 29 -18.78 -22.15 3.61
CA GLU C 29 -19.79 -22.83 2.81
C GLU C 29 -19.63 -22.47 1.33
N MET C 30 -18.64 -23.11 0.70
CA MET C 30 -18.28 -22.80 -0.68
C MET C 30 -19.08 -23.55 -1.73
N GLY C 31 -19.83 -24.58 -1.34
CA GLY C 31 -20.63 -25.37 -2.27
C GLY C 31 -20.47 -26.86 -2.07
N ASP C 32 -19.22 -27.29 -1.86
CA ASP C 32 -18.88 -28.67 -1.52
C ASP C 32 -19.41 -29.68 -2.55
N PRO C 33 -18.78 -29.72 -3.74
CA PRO C 33 -19.37 -30.44 -4.86
C PRO C 33 -19.41 -31.98 -4.73
N ASP C 34 -18.54 -32.53 -3.90
CA ASP C 34 -18.62 -33.94 -3.53
C ASP C 34 -18.02 -34.17 -2.15
N GLU C 35 -18.03 -35.40 -1.69
CA GLU C 35 -17.66 -35.75 -0.31
C GLU C 35 -16.19 -35.49 -0.02
N ASN C 36 -15.36 -35.39 -1.05
CA ASN C 36 -13.93 -35.12 -0.87
C ASN C 36 -13.54 -33.65 -0.98
N LEU C 37 -14.41 -32.84 -1.57
CA LEU C 37 -14.04 -31.47 -1.89
C LEU C 37 -14.71 -30.44 -0.98
N ARG C 38 -14.85 -30.81 0.30
CA ARG C 38 -15.21 -29.88 1.36
C ARG C 38 -14.28 -28.66 1.35
N GLY C 39 -14.87 -27.47 1.29
CA GLY C 39 -14.14 -26.22 1.30
C GLY C 39 -13.91 -25.60 -0.08
N PHE C 40 -14.32 -26.32 -1.12
CA PHE C 40 -14.27 -25.87 -2.51
C PHE C 40 -15.69 -25.77 -3.07
N SER C 41 -15.83 -25.04 -4.18
CA SER C 41 -17.08 -25.02 -4.95
C SER C 41 -16.97 -25.98 -6.11
N LEU C 42 -18.13 -26.31 -6.69
CA LEU C 42 -18.19 -26.86 -8.02
C LEU C 42 -17.45 -25.95 -8.99
N LYS C 43 -16.89 -26.55 -10.04
CA LYS C 43 -16.24 -25.76 -11.09
C LYS C 43 -17.17 -24.68 -11.66
N LEU C 44 -16.56 -23.54 -11.97
CA LEU C 44 -17.29 -22.38 -12.51
CA LEU C 44 -17.29 -22.37 -12.50
C LEU C 44 -17.65 -22.56 -13.97
N SER C 45 -18.90 -22.21 -14.31
CA SER C 45 -19.31 -22.11 -15.69
C SER C 45 -18.96 -20.69 -16.13
N ALA C 46 -18.98 -20.43 -17.42
CA ALA C 46 -18.76 -19.07 -17.93
C ALA C 46 -19.56 -18.78 -19.19
N GLU C 47 -19.77 -17.48 -19.43
CA GLU C 47 -20.32 -16.96 -20.66
C GLU C 47 -21.81 -17.27 -20.87
N ASN C 48 -22.52 -17.63 -19.81
CA ASN C 48 -23.97 -17.81 -19.90
C ASN C 48 -24.60 -16.47 -20.26
N ASP C 49 -25.50 -16.46 -21.25
CA ASP C 49 -26.21 -15.22 -21.56
C ASP C 49 -26.98 -14.83 -20.30
N PHE C 50 -27.13 -13.54 -20.06
CA PHE C 50 -27.91 -13.05 -18.92
C PHE C 50 -29.33 -13.64 -18.93
N SER C 51 -29.88 -13.91 -20.12
CA SER C 51 -31.23 -14.50 -20.25
C SER C 51 -31.31 -16.02 -20.01
N SER C 52 -30.16 -16.67 -19.88
CA SER C 52 -30.11 -18.12 -19.59
C SER C 52 -28.94 -18.43 -18.66
N ASP C 53 -29.04 -17.88 -17.44
CA ASP C 53 -28.01 -17.99 -16.44
C ASP C 53 -28.61 -18.75 -15.26
N SER C 54 -28.34 -20.06 -15.22
CA SER C 54 -28.90 -20.96 -14.21
C SER C 54 -27.78 -21.68 -13.44
N PRO C 55 -27.14 -20.98 -12.49
CA PRO C 55 -26.04 -21.60 -11.74
C PRO C 55 -26.48 -22.80 -10.89
N GLU C 56 -25.65 -23.84 -10.87
CA GLU C 56 -25.87 -24.99 -10.00
C GLU C 56 -25.60 -24.62 -8.53
N ARG C 57 -26.35 -25.23 -7.62
CA ARG C 57 -26.26 -24.90 -6.20
CA ARG C 57 -26.27 -24.97 -6.19
C ARG C 57 -24.84 -25.04 -5.65
N LYS C 58 -24.18 -26.15 -5.97
CA LYS C 58 -22.84 -26.41 -5.46
C LYS C 58 -21.75 -25.49 -6.01
N MET C 59 -22.08 -24.68 -7.03
CA MET C 59 -21.17 -23.65 -7.56
C MET C 59 -21.22 -22.31 -6.79
N LEU C 60 -22.18 -22.16 -5.88
CA LEU C 60 -22.47 -20.87 -5.24
C LEU C 60 -22.05 -20.82 -3.76
N PRO C 61 -20.94 -20.13 -3.45
CA PRO C 61 -20.61 -19.93 -2.05
C PRO C 61 -21.71 -19.14 -1.35
N CYS C 62 -21.96 -19.51 -0.10
CA CYS C 62 -22.98 -18.88 0.74
C CYS C 62 -22.36 -18.36 2.01
N TYR C 63 -23.03 -17.39 2.62
CA TYR C 63 -22.66 -16.91 3.95
C TYR C 63 -22.76 -18.04 4.97
N SER C 64 -21.83 -18.00 5.92
CA SER C 64 -21.84 -18.89 7.06
C SER C 64 -22.39 -18.14 8.26
N THR C 65 -23.10 -18.84 9.12
CA THR C 65 -23.60 -18.24 10.34
C THR C 65 -23.88 -19.29 11.42
N ALA C 66 -23.76 -18.87 12.67
CA ALA C 66 -24.09 -19.70 13.82
C ALA C 66 -24.72 -18.84 14.91
N ARG C 67 -25.72 -19.41 15.57
CA ARG C 67 -26.31 -18.81 16.76
C ARG C 67 -25.72 -19.52 17.97
N ILE C 68 -25.09 -18.77 18.87
CA ILE C 68 -24.45 -19.32 20.05
C ILE C 68 -25.27 -19.01 21.29
N PRO C 69 -25.80 -20.06 21.97
CA PRO C 69 -26.58 -19.79 23.18
C PRO C 69 -25.69 -19.29 24.33
N LEU C 70 -26.23 -18.39 25.14
CA LEU C 70 -25.52 -17.86 26.29
C LEU C 70 -26.29 -18.19 27.58
N PRO C 71 -25.63 -18.05 28.75
CA PRO C 71 -26.30 -18.32 30.03
C PRO C 71 -27.45 -17.36 30.34
N ASN C 72 -28.51 -17.87 30.97
CA ASN C 72 -29.73 -17.09 31.24
C ASN C 72 -29.50 -15.81 32.04
N LEU C 82 -34.00 -8.03 33.16
CA LEU C 82 -33.25 -6.91 33.72
C LEU C 82 -31.82 -6.86 33.18
N LEU C 83 -31.18 -8.02 33.00
CA LEU C 83 -29.78 -8.10 32.56
C LEU C 83 -29.60 -8.82 31.23
N MET C 84 -28.75 -8.27 30.37
CA MET C 84 -28.44 -8.85 29.06
C MET C 84 -26.94 -8.95 28.87
N TRP C 85 -26.52 -9.95 28.08
CA TRP C 85 -25.11 -10.11 27.70
C TRP C 85 -24.77 -9.08 26.62
N GLU C 86 -23.65 -8.39 26.81
CA GLU C 86 -23.19 -7.35 25.90
C GLU C 86 -21.83 -7.73 25.34
N ALA C 87 -21.73 -7.84 24.01
CA ALA C 87 -20.47 -8.14 23.34
C ALA C 87 -19.57 -6.91 23.28
N VAL C 88 -18.35 -7.03 23.81
CA VAL C 88 -17.43 -5.91 23.98
C VAL C 88 -16.25 -5.93 23.00
N THR C 89 -15.67 -7.10 22.78
CA THR C 89 -14.57 -7.24 21.83
C THR C 89 -14.68 -8.55 21.07
N VAL C 90 -14.05 -8.59 19.89
CA VAL C 90 -13.87 -9.82 19.15
C VAL C 90 -12.43 -9.94 18.62
N GLN C 91 -11.88 -11.16 18.76
CA GLN C 91 -10.64 -11.54 18.09
C GLN C 91 -11.06 -12.54 17.03
N THR C 92 -10.55 -12.37 15.81
CA THR C 92 -10.97 -13.24 14.71
C THR C 92 -9.83 -13.40 13.73
N GLU C 93 -9.74 -14.59 13.13
CA GLU C 93 -8.82 -14.80 12.03
C GLU C 93 -9.21 -15.98 11.15
N VAL C 94 -8.71 -15.93 9.91
CA VAL C 94 -8.99 -16.96 8.92
C VAL C 94 -8.01 -18.12 9.17
N ILE C 95 -8.54 -19.34 9.12
CA ILE C 95 -7.81 -20.53 9.60
C ILE C 95 -7.36 -21.42 8.45
N GLY C 96 -6.06 -21.66 8.36
CA GLY C 96 -5.49 -22.58 7.37
C GLY C 96 -4.91 -21.91 6.14
N ILE C 97 -4.47 -20.67 6.30
CA ILE C 97 -4.01 -19.88 5.15
C ILE C 97 -2.80 -20.51 4.48
N THR C 98 -1.97 -21.21 5.24
CA THR C 98 -0.77 -21.83 4.70
C THR C 98 -1.07 -23.04 3.82
N SER C 99 -2.29 -23.57 3.89
CA SER C 99 -2.67 -24.69 3.01
C SER C 99 -2.53 -24.38 1.53
N MET C 100 -2.57 -23.08 1.20
CA MET C 100 -2.35 -22.59 -0.16
C MET C 100 -0.89 -22.74 -0.65
N LEU C 101 0.02 -23.15 0.23
CA LEU C 101 1.40 -23.48 -0.14
C LEU C 101 1.56 -24.90 -0.70
N ASN C 102 0.48 -25.67 -0.70
CA ASN C 102 0.42 -26.94 -1.45
C ASN C 102 0.21 -26.60 -2.93
N LEU C 103 1.31 -26.58 -3.68
CA LEU C 103 1.25 -26.36 -5.13
C LEU C 103 1.53 -27.66 -5.91
N HIS C 104 1.52 -28.79 -5.21
CA HIS C 104 1.73 -30.10 -5.84
C HIS C 104 0.43 -30.83 -6.20
N ALA C 105 -0.68 -30.49 -5.54
CA ALA C 105 -1.93 -31.22 -5.73
C ALA C 105 -2.88 -30.47 -6.64
N GLY C 106 -3.21 -31.08 -7.78
CA GLY C 106 -4.37 -30.71 -8.58
C GLY C 106 -4.30 -29.48 -9.46
N SER C 107 -3.45 -28.53 -9.09
CA SER C 107 -3.44 -27.23 -9.77
C SER C 107 -2.59 -27.23 -11.03
N GLN C 108 -3.01 -26.45 -12.01
CA GLN C 108 -2.34 -26.32 -13.29
C GLN C 108 -0.92 -25.77 -13.14
N LYS C 109 0.02 -26.38 -13.85
CA LYS C 109 1.38 -25.90 -13.84
C LYS C 109 1.44 -24.47 -14.37
N VAL C 110 2.28 -23.63 -13.75
CA VAL C 110 2.41 -22.25 -14.21
C VAL C 110 3.06 -22.13 -15.60
N HIS C 111 3.92 -23.09 -15.92
CA HIS C 111 4.58 -23.23 -17.22
C HIS C 111 5.18 -24.65 -17.25
N GLU C 112 5.71 -25.05 -18.41
CA GLU C 112 6.37 -26.35 -18.57
C GLU C 112 7.46 -26.53 -17.49
N HIS C 113 7.38 -27.63 -16.76
CA HIS C 113 8.32 -28.00 -15.67
C HIS C 113 8.16 -27.23 -14.37
N GLY C 114 7.23 -26.28 -14.33
CA GLY C 114 7.02 -25.45 -13.14
C GLY C 114 6.07 -26.05 -12.12
N GLY C 115 5.95 -25.39 -10.96
CA GLY C 115 5.01 -25.81 -9.95
C GLY C 115 3.58 -25.43 -10.28
N GLY C 116 2.65 -25.87 -9.44
CA GLY C 116 1.25 -25.52 -9.61
C GLY C 116 0.96 -24.04 -9.40
N LYS C 117 -0.14 -23.61 -9.98
CA LYS C 117 -0.61 -22.24 -9.89
C LYS C 117 -1.24 -22.01 -8.51
N PRO C 118 -0.81 -20.97 -7.81
CA PRO C 118 -1.44 -20.58 -6.55
C PRO C 118 -2.91 -20.20 -6.72
N ILE C 119 -3.67 -20.39 -5.65
CA ILE C 119 -4.99 -19.82 -5.55
C ILE C 119 -4.82 -18.30 -5.62
N GLN C 120 -5.61 -17.67 -6.47
CA GLN C 120 -5.60 -16.23 -6.65
C GLN C 120 -6.91 -15.79 -7.32
N GLY C 121 -7.12 -14.49 -7.39
CA GLY C 121 -8.32 -13.95 -8.03
C GLY C 121 -9.25 -13.34 -7.02
N SER C 122 -10.48 -13.09 -7.44
CA SER C 122 -11.39 -12.32 -6.62
C SER C 122 -11.58 -12.97 -5.28
N ASN C 123 -11.66 -12.15 -4.25
CA ASN C 123 -11.85 -12.66 -2.92
C ASN C 123 -12.73 -11.74 -2.08
N PHE C 124 -13.31 -12.30 -1.04
CA PHE C 124 -14.17 -11.54 -0.15
C PHE C 124 -13.98 -12.07 1.26
N HIS C 125 -13.66 -11.17 2.19
CA HIS C 125 -13.44 -11.54 3.59
C HIS C 125 -14.29 -10.65 4.48
N PHE C 126 -15.16 -11.29 5.23
CA PHE C 126 -16.24 -10.63 5.91
C PHE C 126 -16.55 -11.35 7.21
N PHE C 127 -16.81 -10.57 8.25
CA PHE C 127 -17.35 -11.13 9.47
C PHE C 127 -18.27 -10.14 10.17
N ALA C 128 -19.13 -10.68 11.03
CA ALA C 128 -20.07 -9.89 11.80
C ALA C 128 -20.33 -10.56 13.15
N VAL C 129 -20.60 -9.73 14.15
CA VAL C 129 -20.97 -10.17 15.49
C VAL C 129 -22.15 -9.32 15.94
N GLY C 130 -23.22 -9.98 16.37
CA GLY C 130 -24.42 -9.26 16.77
C GLY C 130 -25.28 -9.97 17.78
N GLY C 131 -26.24 -9.22 18.31
CA GLY C 131 -27.24 -9.74 19.23
C GLY C 131 -28.53 -10.15 18.54
N ASP C 132 -28.57 -9.96 17.23
CA ASP C 132 -29.65 -10.43 16.38
C ASP C 132 -29.01 -10.97 15.10
N PRO C 133 -29.74 -11.79 14.32
CA PRO C 133 -29.18 -12.21 13.03
C PRO C 133 -28.78 -11.02 12.13
N LEU C 134 -27.76 -11.21 11.31
CA LEU C 134 -27.31 -10.17 10.39
C LEU C 134 -28.44 -9.78 9.43
N GLU C 135 -28.63 -8.48 9.24
CA GLU C 135 -29.61 -7.96 8.30
CA GLU C 135 -29.62 -7.94 8.30
C GLU C 135 -28.92 -7.64 6.97
N MET C 136 -29.49 -8.15 5.90
CA MET C 136 -28.89 -8.12 4.58
C MET C 136 -29.79 -7.45 3.55
N GLN C 137 -29.14 -6.88 2.54
CA GLN C 137 -29.78 -6.24 1.39
C GLN C 137 -29.33 -6.99 0.13
N GLY C 138 -30.28 -7.24 -0.76
CA GLY C 138 -30.00 -7.99 -1.99
C GLY C 138 -29.65 -7.10 -3.16
N VAL C 139 -28.59 -7.44 -3.88
CA VAL C 139 -28.17 -6.78 -5.12
C VAL C 139 -27.60 -7.87 -6.02
N LEU C 140 -28.00 -7.83 -7.29
CA LEU C 140 -27.64 -8.86 -8.26
C LEU C 140 -26.84 -8.28 -9.42
N MET C 141 -25.87 -9.06 -9.89
CA MET C 141 -25.20 -8.76 -11.13
C MET C 141 -26.20 -8.77 -12.30
N ASN C 142 -27.08 -9.78 -12.27
CA ASN C 142 -28.03 -10.05 -13.35
C ASN C 142 -29.35 -10.44 -12.74
N TYR C 143 -30.35 -9.58 -12.82
CA TYR C 143 -31.62 -9.84 -12.15
C TYR C 143 -32.37 -11.06 -12.71
N ARG C 144 -32.01 -11.46 -13.93
CA ARG C 144 -32.64 -12.57 -14.63
C ARG C 144 -32.02 -13.93 -14.31
N THR C 145 -30.98 -13.95 -13.48
CA THR C 145 -30.38 -15.19 -13.04
C THR C 145 -31.47 -16.07 -12.40
N LYS C 146 -31.49 -17.34 -12.81
CA LYS C 146 -32.39 -18.34 -12.26
C LYS C 146 -31.61 -19.10 -11.19
N TYR C 147 -31.87 -18.80 -9.92
CA TYR C 147 -31.12 -19.42 -8.83
C TYR C 147 -31.68 -20.78 -8.46
N PRO C 148 -30.82 -21.69 -7.98
CA PRO C 148 -31.21 -23.08 -7.80
C PRO C 148 -31.93 -23.36 -6.48
N ASP C 149 -32.72 -24.43 -6.46
CA ASP C 149 -33.37 -24.88 -5.23
C ASP C 149 -32.36 -25.07 -4.12
N GLY C 150 -32.74 -24.64 -2.91
CA GLY C 150 -31.85 -24.71 -1.75
C GLY C 150 -31.19 -23.38 -1.44
N THR C 151 -31.21 -22.43 -2.37
CA THR C 151 -30.71 -21.10 -2.12
C THR C 151 -31.88 -20.18 -1.81
N ILE C 152 -31.61 -19.15 -1.03
CA ILE C 152 -32.55 -18.10 -0.70
C ILE C 152 -32.01 -16.82 -1.33
N THR C 153 -32.71 -16.30 -2.35
CA THR C 153 -32.23 -15.17 -3.15
C THR C 153 -33.35 -14.11 -3.30
N PRO C 154 -33.00 -12.90 -3.77
CA PRO C 154 -34.04 -11.86 -3.90
C PRO C 154 -35.29 -12.31 -4.68
N LYS C 155 -36.45 -12.04 -4.08
CA LYS C 155 -37.73 -12.47 -4.64
C LYS C 155 -38.28 -11.37 -5.56
N ASN C 156 -38.94 -11.77 -6.63
CA ASN C 156 -39.48 -10.85 -7.65
C ASN C 156 -38.48 -9.78 -8.07
N PRO C 157 -37.27 -10.20 -8.46
CA PRO C 157 -36.30 -9.21 -8.85
C PRO C 157 -36.68 -8.53 -10.16
N THR C 158 -36.18 -7.30 -10.30
CA THR C 158 -36.36 -6.50 -11.49
C THR C 158 -35.01 -5.94 -11.90
N ALA C 159 -34.98 -5.16 -12.99
CA ALA C 159 -33.74 -4.46 -13.36
C ALA C 159 -33.21 -3.60 -12.21
N GLN C 160 -34.10 -3.07 -11.37
CA GLN C 160 -33.66 -2.23 -10.24
C GLN C 160 -32.90 -3.02 -9.16
N SER C 161 -33.07 -4.35 -9.17
CA SER C 161 -32.31 -5.24 -8.28
C SER C 161 -30.82 -5.31 -8.62
N GLN C 162 -30.46 -4.82 -9.80
CA GLN C 162 -29.05 -4.66 -10.19
C GLN C 162 -28.46 -3.40 -9.59
N VAL C 163 -29.31 -2.50 -9.12
CA VAL C 163 -28.85 -1.32 -8.36
C VAL C 163 -29.45 -1.47 -6.96
N MET C 164 -30.21 -0.51 -6.46
CA MET C 164 -30.88 -0.66 -5.16
C MET C 164 -32.37 -0.85 -5.31
N ASN C 165 -32.86 -2.00 -4.87
CA ASN C 165 -34.28 -2.31 -4.80
C ASN C 165 -34.55 -2.64 -3.34
N THR C 166 -35.24 -1.72 -2.66
CA THR C 166 -35.47 -1.84 -1.22
C THR C 166 -36.38 -3.02 -0.79
N ASP C 167 -37.00 -3.72 -1.75
CA ASP C 167 -37.75 -4.94 -1.44
C ASP C 167 -36.88 -6.05 -0.86
N HIS C 168 -35.61 -6.08 -1.26
CA HIS C 168 -34.74 -7.23 -0.97
C HIS C 168 -34.05 -7.14 0.38
N LYS C 169 -34.83 -7.37 1.42
CA LYS C 169 -34.35 -7.42 2.80
C LYS C 169 -34.41 -8.85 3.28
N ALA C 170 -33.39 -9.27 4.01
CA ALA C 170 -33.32 -10.62 4.54
C ALA C 170 -32.57 -10.66 5.87
N TYR C 171 -32.89 -11.67 6.68
CA TYR C 171 -32.08 -12.01 7.85
C TYR C 171 -31.20 -13.20 7.49
N LEU C 172 -29.93 -13.16 7.90
CA LEU C 172 -29.05 -14.31 7.74
C LEU C 172 -29.43 -15.30 8.81
N ASP C 173 -30.48 -16.05 8.52
CA ASP C 173 -31.14 -16.93 9.49
C ASP C 173 -30.96 -18.41 9.16
N LYS C 174 -30.18 -18.71 8.12
CA LYS C 174 -29.90 -20.09 7.74
C LYS C 174 -28.46 -20.16 7.24
N ASN C 175 -27.73 -21.15 7.72
CA ASN C 175 -26.38 -21.45 7.22
C ASN C 175 -26.44 -22.11 5.84
N ASN C 176 -25.45 -21.83 4.99
CA ASN C 176 -25.34 -22.45 3.67
C ASN C 176 -26.60 -22.32 2.80
N ALA C 177 -27.16 -21.11 2.72
CA ALA C 177 -28.39 -20.85 1.95
C ALA C 177 -28.44 -19.51 1.21
N TYR C 178 -27.81 -18.49 1.77
CA TYR C 178 -27.81 -17.15 1.18
C TYR C 178 -26.53 -16.95 0.37
N PRO C 179 -26.62 -16.99 -0.97
CA PRO C 179 -25.40 -16.88 -1.77
C PRO C 179 -24.69 -15.56 -1.58
N VAL C 180 -23.36 -15.61 -1.47
CA VAL C 180 -22.61 -14.40 -1.25
C VAL C 180 -22.82 -13.39 -2.38
N GLU C 181 -22.95 -13.90 -3.61
CA GLU C 181 -23.12 -13.01 -4.77
C GLU C 181 -24.47 -12.25 -4.82
N CYS C 182 -25.44 -12.65 -3.98
CA CYS C 182 -26.77 -12.03 -3.98
C CYS C 182 -26.99 -11.00 -2.87
N TRP C 183 -26.14 -11.02 -1.84
CA TRP C 183 -26.46 -10.37 -0.56
C TRP C 183 -25.27 -9.64 0.03
N VAL C 184 -25.54 -8.47 0.61
CA VAL C 184 -24.55 -7.71 1.36
C VAL C 184 -25.14 -7.34 2.73
N PRO C 185 -24.29 -7.05 3.72
CA PRO C 185 -24.82 -6.49 4.96
C PRO C 185 -25.53 -5.15 4.66
N ASP C 186 -26.67 -4.91 5.33
CA ASP C 186 -27.49 -3.73 5.13
C ASP C 186 -27.07 -2.59 6.07
N PRO C 187 -26.44 -1.52 5.52
CA PRO C 187 -26.04 -0.44 6.44
C PRO C 187 -27.19 0.40 7.00
N SER C 188 -28.39 0.26 6.44
CA SER C 188 -29.56 1.00 6.92
C SER C 188 -30.26 0.30 8.07
N ARG C 189 -29.80 -0.90 8.42
CA ARG C 189 -30.32 -1.62 9.57
C ARG C 189 -29.13 -2.04 10.45
N ASN C 190 -29.15 -3.26 11.00
CA ASN C 190 -28.03 -3.72 11.84
C ASN C 190 -27.68 -2.80 13.02
N GLU C 191 -28.70 -2.27 13.70
CA GLU C 191 -28.45 -1.45 14.89
C GLU C 191 -27.72 -2.24 16.00
N ASN C 192 -27.87 -3.56 16.00
CA ASN C 192 -27.39 -4.42 17.10
C ASN C 192 -26.34 -5.44 16.63
N THR C 193 -25.67 -5.12 15.52
CA THR C 193 -24.65 -5.97 14.92
C THR C 193 -23.52 -5.05 14.45
N ARG C 194 -22.28 -5.52 14.56
CA ARG C 194 -21.15 -4.82 13.92
C ARG C 194 -20.61 -5.73 12.83
N TYR C 195 -20.38 -5.18 11.64
CA TYR C 195 -19.90 -5.97 10.53
C TYR C 195 -18.75 -5.29 9.79
N PHE C 196 -17.90 -6.12 9.18
CA PHE C 196 -16.68 -5.66 8.52
C PHE C 196 -16.41 -6.57 7.33
N GLY C 197 -16.23 -5.98 6.15
CA GLY C 197 -15.93 -6.75 4.95
C GLY C 197 -15.09 -6.01 3.93
N THR C 198 -14.28 -6.77 3.19
CA THR C 198 -13.50 -6.24 2.08
C THR C 198 -13.62 -7.17 0.90
N PHE C 199 -13.97 -6.58 -0.25
CA PHE C 199 -14.02 -7.26 -1.52
C PHE C 199 -12.85 -6.79 -2.37
N THR C 200 -12.11 -7.73 -2.93
CA THR C 200 -11.03 -7.40 -3.87
C THR C 200 -11.26 -8.24 -5.13
N GLY C 201 -11.48 -7.59 -6.27
CA GLY C 201 -11.82 -8.30 -7.51
C GLY C 201 -10.72 -8.29 -8.55
N GLY C 202 -10.64 -9.34 -9.35
CA GLY C 202 -9.71 -9.37 -10.47
C GLY C 202 -9.08 -10.75 -10.64
N GLU C 203 -8.75 -11.13 -11.86
CA GLU C 203 -8.32 -12.52 -12.09
C GLU C 203 -6.97 -12.86 -11.45
N ASN C 204 -6.11 -11.86 -11.27
CA ASN C 204 -4.76 -12.11 -10.76
C ASN C 204 -4.50 -11.57 -9.35
N VAL C 205 -5.57 -11.22 -8.64
CA VAL C 205 -5.45 -10.64 -7.29
C VAL C 205 -4.75 -11.63 -6.35
N PRO C 206 -3.66 -11.21 -5.70
CA PRO C 206 -3.04 -12.06 -4.70
C PRO C 206 -3.79 -12.08 -3.38
N PRO C 207 -4.04 -13.26 -2.80
CA PRO C 207 -4.57 -13.30 -1.43
C PRO C 207 -3.53 -12.72 -0.48
N VAL C 208 -3.96 -11.91 0.47
CA VAL C 208 -3.09 -11.34 1.49
C VAL C 208 -3.82 -11.51 2.80
N LEU C 209 -3.31 -12.41 3.65
CA LEU C 209 -3.98 -12.75 4.91
C LEU C 209 -3.00 -12.76 6.07
N HIS C 210 -3.43 -12.11 7.16
CA HIS C 210 -2.61 -11.93 8.34
C HIS C 210 -3.17 -12.77 9.48
N VAL C 211 -2.27 -13.31 10.29
CA VAL C 211 -2.64 -13.98 11.52
C VAL C 211 -1.86 -13.36 12.68
N THR C 212 -2.54 -13.21 13.80
CA THR C 212 -1.88 -12.82 15.04
C THR C 212 -2.91 -12.95 16.16
N ASN C 213 -2.43 -13.33 17.33
CA ASN C 213 -3.29 -13.41 18.52
C ASN C 213 -3.21 -12.16 19.40
N THR C 214 -2.69 -11.07 18.83
CA THR C 214 -2.47 -9.84 19.58
C THR C 214 -3.43 -8.72 19.17
N ALA C 215 -4.35 -9.02 18.25
CA ALA C 215 -5.25 -8.05 17.62
C ALA C 215 -6.68 -8.23 18.12
N THR C 216 -7.31 -7.14 18.54
CA THR C 216 -8.69 -7.19 19.04
C THR C 216 -9.50 -6.09 18.35
N THR C 217 -10.76 -6.37 18.03
CA THR C 217 -11.68 -5.36 17.52
C THR C 217 -12.71 -5.04 18.61
N VAL C 218 -12.80 -3.78 18.98
CA VAL C 218 -13.77 -3.30 19.97
C VAL C 218 -15.13 -3.17 19.28
N LEU C 219 -16.18 -3.66 19.93
CA LEU C 219 -17.53 -3.69 19.33
C LEU C 219 -18.43 -2.59 19.89
N LEU C 220 -17.92 -1.76 20.80
CA LEU C 220 -18.71 -0.70 21.42
C LEU C 220 -18.94 0.41 20.40
N ASP C 221 -20.13 1.02 20.45
CA ASP C 221 -20.43 2.17 19.62
C ASP C 221 -19.94 3.45 20.31
N GLU C 222 -20.30 4.62 19.79
CA GLU C 222 -19.86 5.89 20.37
C GLU C 222 -20.48 6.21 21.72
N GLN C 223 -21.57 5.52 22.07
CA GLN C 223 -22.16 5.62 23.41
C GLN C 223 -21.50 4.63 24.38
N GLY C 224 -20.58 3.80 23.88
CA GLY C 224 -19.93 2.79 24.69
C GLY C 224 -20.77 1.54 24.90
N VAL C 225 -21.70 1.29 23.99
CA VAL C 225 -22.58 0.13 24.09
C VAL C 225 -22.32 -0.87 22.95
N GLY C 226 -22.05 -2.11 23.32
CA GLY C 226 -21.86 -3.18 22.34
C GLY C 226 -23.17 -3.85 22.00
N PRO C 227 -23.16 -4.74 20.99
CA PRO C 227 -24.32 -5.58 20.69
C PRO C 227 -24.91 -6.26 21.92
N LEU C 228 -26.23 -6.15 22.09
CA LEU C 228 -26.97 -6.71 23.22
C LEU C 228 -27.67 -7.99 22.80
N CYS C 229 -27.43 -9.07 23.54
CA CYS C 229 -27.95 -10.37 23.16
C CYS C 229 -29.31 -10.61 23.78
N LYS C 230 -30.35 -10.05 23.17
CA LYS C 230 -31.73 -10.34 23.60
C LYS C 230 -32.05 -11.76 23.15
N ALA C 231 -32.80 -12.48 23.99
CA ALA C 231 -33.06 -13.91 23.81
C ALA C 231 -31.84 -14.77 24.15
N ASP C 232 -30.85 -14.17 24.83
CA ASP C 232 -29.63 -14.87 25.27
C ASP C 232 -28.92 -15.63 24.14
N SER C 233 -28.81 -14.96 22.99
CA SER C 233 -28.19 -15.54 21.80
C SER C 233 -27.19 -14.59 21.17
N LEU C 234 -26.03 -15.12 20.80
CA LEU C 234 -24.99 -14.37 20.11
C LEU C 234 -24.91 -14.91 18.68
N TYR C 235 -24.84 -14.01 17.70
CA TYR C 235 -24.79 -14.38 16.30
C TYR C 235 -23.42 -14.04 15.70
N VAL C 236 -22.80 -15.06 15.08
CA VAL C 236 -21.56 -14.87 14.33
C VAL C 236 -21.83 -15.20 12.87
N SER C 237 -21.27 -14.39 11.98
CA SER C 237 -21.47 -14.54 10.55
C SER C 237 -20.16 -14.31 9.83
N ALA C 238 -19.99 -14.96 8.69
CA ALA C 238 -18.75 -14.83 7.93
C ALA C 238 -18.88 -15.25 6.48
N ALA C 239 -17.95 -14.76 5.67
CA ALA C 239 -17.72 -15.26 4.32
C ALA C 239 -16.24 -14.99 4.04
N ASP C 240 -15.53 -16.05 3.66
CA ASP C 240 -14.10 -15.99 3.42
C ASP C 240 -13.74 -16.78 2.16
N ILE C 241 -14.11 -16.19 1.04
CA ILE C 241 -13.77 -16.71 -0.30
C ILE C 241 -12.34 -16.23 -0.55
N CYS C 242 -11.40 -17.16 -0.60
CA CYS C 242 -9.98 -16.80 -0.67
C CYS C 242 -9.49 -16.54 -2.08
N GLY C 243 -10.19 -17.06 -3.06
CA GLY C 243 -9.75 -16.96 -4.46
C GLY C 243 -10.18 -18.17 -5.25
N LEU C 244 -9.66 -18.29 -6.48
CA LEU C 244 -9.94 -19.43 -7.32
C LEU C 244 -8.75 -20.38 -7.41
N PHE C 245 -9.08 -21.67 -7.31
CA PHE C 245 -8.18 -22.78 -7.56
C PHE C 245 -8.33 -23.18 -9.03
N THR C 246 -7.22 -23.26 -9.76
CA THR C 246 -7.24 -23.62 -11.18
C THR C 246 -6.71 -25.04 -11.34
N ASN C 247 -7.61 -25.95 -11.69
CA ASN C 247 -7.23 -27.34 -12.00
C ASN C 247 -6.33 -27.44 -13.22
N SER C 248 -5.63 -28.57 -13.33
CA SER C 248 -4.74 -28.78 -14.48
CA SER C 248 -4.75 -28.82 -14.47
C SER C 248 -5.49 -28.63 -15.79
N SER C 249 -6.77 -29.03 -15.82
CA SER C 249 -7.60 -28.92 -17.01
C SER C 249 -7.93 -27.49 -17.44
N GLY C 250 -7.79 -26.54 -16.52
CA GLY C 250 -8.15 -25.15 -16.75
C GLY C 250 -9.40 -24.75 -15.99
N THR C 251 -10.17 -25.72 -15.49
CA THR C 251 -11.41 -25.40 -14.74
C THR C 251 -11.03 -24.73 -13.42
N GLN C 252 -11.96 -23.93 -12.88
CA GLN C 252 -11.70 -23.15 -11.67
C GLN C 252 -12.77 -23.38 -10.62
N GLN C 253 -12.34 -23.40 -9.35
CA GLN C 253 -13.25 -23.59 -8.23
C GLN C 253 -12.90 -22.58 -7.16
N TRP C 254 -13.93 -22.03 -6.51
CA TRP C 254 -13.68 -21.22 -5.31
C TRP C 254 -13.08 -22.08 -4.20
N ARG C 255 -12.19 -21.48 -3.42
CA ARG C 255 -11.67 -22.07 -2.20
C ARG C 255 -11.94 -21.11 -1.04
N GLY C 256 -12.50 -21.66 0.03
CA GLY C 256 -12.76 -20.92 1.26
C GLY C 256 -12.13 -21.57 2.47
N LEU C 257 -12.06 -20.81 3.57
CA LEU C 257 -11.45 -21.28 4.81
C LEU C 257 -12.34 -20.91 5.99
N ALA C 258 -12.24 -21.69 7.07
CA ALA C 258 -12.95 -21.42 8.32
C ALA C 258 -12.49 -20.11 8.96
N ARG C 259 -13.36 -19.54 9.79
CA ARG C 259 -13.04 -18.33 10.57
C ARG C 259 -13.24 -18.62 12.07
N TYR C 260 -12.21 -18.31 12.86
CA TYR C 260 -12.27 -18.35 14.31
C TYR C 260 -12.82 -17.03 14.87
N PHE C 261 -13.69 -17.13 15.89
CA PHE C 261 -14.11 -15.98 16.70
C PHE C 261 -13.88 -16.26 18.18
N LYS C 262 -13.33 -15.27 18.89
CA LYS C 262 -13.36 -15.25 20.35
C LYS C 262 -13.98 -13.91 20.78
N ILE C 263 -15.13 -14.00 21.45
CA ILE C 263 -15.90 -12.82 21.79
C ILE C 263 -15.96 -12.69 23.30
N ARG C 264 -15.62 -11.51 23.80
CA ARG C 264 -15.72 -11.21 25.24
C ARG C 264 -17.03 -10.47 25.50
N LEU C 265 -17.77 -10.93 26.51
CA LEU C 265 -19.06 -10.35 26.85
C LEU C 265 -19.09 -9.98 28.32
N ARG C 266 -19.87 -8.96 28.62
CA ARG C 266 -20.10 -8.53 30.00
C ARG C 266 -21.60 -8.40 30.23
N LYS C 267 -22.01 -8.42 31.50
CA LYS C 267 -23.42 -8.27 31.85
C LYS C 267 -23.79 -6.79 31.88
N ARG C 268 -24.92 -6.46 31.25
CA ARG C 268 -25.42 -5.08 31.19
C ARG C 268 -26.86 -5.07 31.68
N SER C 269 -27.21 -4.08 32.51
CA SER C 269 -28.59 -3.88 32.96
C SER C 269 -29.38 -3.07 31.93
N VAL C 270 -30.64 -3.44 31.71
CA VAL C 270 -31.51 -2.71 30.78
C VAL C 270 -32.91 -2.48 31.35
N VAL D 7 23.38 -18.38 18.96
CA VAL D 7 22.60 -18.10 20.22
C VAL D 7 23.50 -17.53 21.31
N GLU D 8 23.07 -16.42 21.89
CA GLU D 8 23.77 -15.81 23.02
C GLU D 8 22.73 -15.39 24.05
N VAL D 9 23.00 -15.71 25.31
CA VAL D 9 22.14 -15.32 26.44
C VAL D 9 22.96 -14.41 27.35
N LEU D 10 22.64 -13.11 27.32
CA LEU D 10 23.49 -12.07 27.94
C LEU D 10 22.80 -11.37 29.09
N GLU D 11 23.44 -11.35 30.25
CA GLU D 11 22.96 -10.60 31.40
C GLU D 11 23.35 -9.13 31.21
N VAL D 12 22.42 -8.34 30.69
CA VAL D 12 22.65 -6.91 30.45
C VAL D 12 22.69 -6.15 31.77
N LYS D 13 21.77 -6.50 32.65
CA LYS D 13 21.72 -5.94 33.99
C LYS D 13 21.36 -7.08 34.93
N THR D 14 21.94 -7.06 36.13
CA THR D 14 21.70 -8.10 37.10
C THR D 14 20.97 -7.52 38.32
N GLY D 15 20.55 -8.40 39.22
CA GLY D 15 19.84 -8.01 40.44
C GLY D 15 18.33 -8.13 40.30
N VAL D 16 17.62 -7.39 41.13
CA VAL D 16 16.15 -7.47 41.18
C VAL D 16 15.53 -7.03 39.85
N ASP D 17 16.08 -5.94 39.31
CA ASP D 17 15.64 -5.34 38.04
C ASP D 17 16.49 -5.86 36.88
N ALA D 18 16.95 -7.10 37.01
CA ALA D 18 17.78 -7.74 35.97
C ALA D 18 17.08 -7.71 34.63
N ILE D 19 17.89 -7.53 33.57
CA ILE D 19 17.44 -7.71 32.21
C ILE D 19 18.40 -8.69 31.53
N THR D 20 17.83 -9.70 30.87
CA THR D 20 18.62 -10.62 30.07
C THR D 20 18.16 -10.44 28.62
N GLU D 21 19.13 -10.38 27.71
CA GLU D 21 18.85 -10.31 26.28
C GLU D 21 19.28 -11.64 25.66
N VAL D 22 18.34 -12.29 24.98
CA VAL D 22 18.60 -13.52 24.25
C VAL D 22 18.62 -13.17 22.79
N GLU D 23 19.68 -13.58 22.11
CA GLU D 23 19.81 -13.36 20.66
C GLU D 23 19.94 -14.70 20.00
N CYS D 24 19.38 -14.85 18.81
CA CYS D 24 19.65 -16.04 18.05
C CYS D 24 19.25 -15.87 16.61
N PHE D 25 19.89 -16.65 15.74
CA PHE D 25 19.57 -16.69 14.33
C PHE D 25 18.96 -18.07 14.11
N LEU D 26 17.70 -18.09 13.67
CA LEU D 26 16.99 -19.33 13.44
C LEU D 26 17.03 -19.64 11.93
N ASN D 27 17.69 -20.74 11.56
CA ASN D 27 17.81 -21.10 10.16
C ASN D 27 16.49 -21.62 9.59
N PRO D 28 16.26 -21.39 8.29
CA PRO D 28 15.04 -21.86 7.65
C PRO D 28 15.14 -23.35 7.34
N GLU D 29 14.00 -24.00 7.14
CA GLU D 29 13.95 -25.41 6.84
C GLU D 29 13.10 -25.64 5.59
N MET D 30 13.71 -25.34 4.45
CA MET D 30 13.01 -25.37 3.18
C MET D 30 13.00 -26.73 2.49
N GLY D 31 13.81 -27.67 2.98
CA GLY D 31 13.89 -28.99 2.37
C GLY D 31 15.31 -29.47 2.14
N ASP D 32 16.15 -28.56 1.62
CA ASP D 32 17.59 -28.77 1.49
C ASP D 32 17.92 -30.02 0.65
N PRO D 33 17.62 -29.96 -0.66
CA PRO D 33 17.58 -31.15 -1.50
C PRO D 33 18.91 -31.81 -1.84
N ASP D 34 20.01 -31.05 -1.76
CA ASP D 34 21.34 -31.60 -1.77
C ASP D 34 22.27 -30.79 -0.87
N GLU D 35 23.50 -31.27 -0.73
CA GLU D 35 24.50 -30.67 0.14
C GLU D 35 24.84 -29.23 -0.21
N ASN D 36 24.59 -28.82 -1.45
CA ASN D 36 24.87 -27.44 -1.86
C ASN D 36 23.68 -26.50 -1.79
N LEU D 37 22.48 -27.04 -1.60
CA LEU D 37 21.25 -26.26 -1.76
C LEU D 37 20.55 -26.01 -0.44
N ARG D 38 21.34 -25.83 0.61
CA ARG D 38 20.84 -25.34 1.88
C ARG D 38 20.08 -24.02 1.65
N GLY D 39 18.87 -23.94 2.20
CA GLY D 39 18.00 -22.77 2.07
C GLY D 39 16.98 -22.82 0.93
N PHE D 40 17.04 -23.89 0.13
CA PHE D 40 16.13 -24.08 -0.99
C PHE D 40 15.36 -25.39 -0.76
N SER D 41 14.23 -25.54 -1.45
CA SER D 41 13.55 -26.84 -1.53
C SER D 41 13.96 -27.62 -2.79
N LEU D 42 13.62 -28.90 -2.78
CA LEU D 42 13.53 -29.69 -3.99
C LEU D 42 12.59 -29.00 -4.98
N LYS D 43 12.83 -29.18 -6.27
CA LYS D 43 11.94 -28.62 -7.28
C LYS D 43 10.49 -29.07 -7.04
N LEU D 44 9.57 -28.18 -7.38
CA LEU D 44 8.15 -28.44 -7.21
C LEU D 44 7.59 -29.33 -8.30
N SER D 45 6.85 -30.34 -7.88
CA SER D 45 6.01 -31.09 -8.78
C SER D 45 4.71 -30.31 -9.02
N ALA D 46 3.95 -30.75 -10.01
CA ALA D 46 2.66 -30.12 -10.31
C ALA D 46 1.68 -31.11 -10.90
N GLU D 47 0.40 -30.81 -10.69
CA GLU D 47 -0.74 -31.50 -11.31
C GLU D 47 -1.00 -32.93 -10.84
N ASN D 48 -0.54 -33.28 -9.65
CA ASN D 48 -0.85 -34.59 -9.08
C ASN D 48 -2.32 -34.64 -8.75
N ASP D 49 -3.00 -35.71 -9.13
CA ASP D 49 -4.41 -35.88 -8.75
CA ASP D 49 -4.40 -35.91 -8.75
C ASP D 49 -4.50 -35.88 -7.23
N PHE D 50 -5.60 -35.36 -6.69
CA PHE D 50 -5.80 -35.34 -5.25
C PHE D 50 -5.75 -36.77 -4.67
N SER D 51 -6.13 -37.76 -5.49
CA SER D 51 -6.12 -39.17 -5.07
C SER D 51 -4.74 -39.85 -5.10
N SER D 52 -3.75 -39.18 -5.68
CA SER D 52 -2.37 -39.69 -5.76
C SER D 52 -1.36 -38.55 -5.64
N ASP D 53 -1.39 -37.94 -4.46
CA ASP D 53 -0.60 -36.78 -4.15
C ASP D 53 0.38 -37.18 -3.05
N SER D 54 1.62 -37.50 -3.44
CA SER D 54 2.64 -37.99 -2.51
C SER D 54 3.90 -37.13 -2.60
N PRO D 55 3.88 -35.94 -1.98
CA PRO D 55 5.01 -35.03 -2.07
C PRO D 55 6.28 -35.57 -1.42
N GLU D 56 7.41 -35.34 -2.09
CA GLU D 56 8.70 -35.73 -1.54
C GLU D 56 9.08 -34.88 -0.34
N ARG D 57 9.72 -35.52 0.63
CA ARG D 57 10.14 -34.85 1.87
C ARG D 57 10.86 -33.53 1.62
N LYS D 58 11.84 -33.56 0.73
CA LYS D 58 12.72 -32.40 0.52
C LYS D 58 12.03 -31.27 -0.25
N MET D 59 10.81 -31.50 -0.72
CA MET D 59 10.02 -30.49 -1.42
C MET D 59 9.16 -29.65 -0.46
N LEU D 60 9.06 -30.06 0.80
CA LEU D 60 8.14 -29.42 1.75
C LEU D 60 8.87 -28.57 2.80
N PRO D 61 8.77 -27.23 2.67
CA PRO D 61 9.23 -26.39 3.78
C PRO D 61 8.49 -26.69 5.08
N CYS D 62 9.24 -26.65 6.18
CA CYS D 62 8.70 -26.90 7.50
C CYS D 62 8.96 -25.68 8.39
N TYR D 63 8.18 -25.58 9.45
CA TYR D 63 8.43 -24.56 10.47
C TYR D 63 9.76 -24.82 11.14
N SER D 64 10.43 -23.71 11.46
CA SER D 64 11.64 -23.73 12.29
CA SER D 64 11.64 -23.80 12.28
C SER D 64 11.27 -23.45 13.73
N THR D 65 11.97 -24.10 14.65
CA THR D 65 11.76 -23.80 16.08
C THR D 65 13.00 -24.13 16.90
N ALA D 66 13.14 -23.46 18.05
CA ALA D 66 14.20 -23.75 19.00
C ALA D 66 13.72 -23.40 20.39
N ARG D 67 14.17 -24.19 21.36
CA ARG D 67 13.98 -23.91 22.79
C ARG D 67 15.30 -23.46 23.35
N ILE D 68 15.29 -22.29 23.97
CA ILE D 68 16.50 -21.69 24.54
C ILE D 68 16.41 -21.76 26.06
N PRO D 69 17.28 -22.55 26.69
CA PRO D 69 17.28 -22.60 28.16
C PRO D 69 17.78 -21.30 28.77
N LEU D 70 17.14 -20.88 29.85
CA LEU D 70 17.49 -19.69 30.58
C LEU D 70 18.04 -20.08 31.95
N PRO D 71 18.73 -19.15 32.62
CA PRO D 71 19.25 -19.46 33.95
C PRO D 71 18.12 -19.67 34.96
N ASN D 72 18.28 -20.66 35.83
CA ASN D 72 17.32 -20.89 36.92
C ASN D 72 17.36 -19.72 37.90
N LEU D 73 16.20 -19.31 38.37
CA LEU D 73 16.06 -18.15 39.26
C LEU D 73 15.75 -18.50 40.70
N ASN D 74 15.43 -19.76 40.97
CA ASN D 74 14.90 -20.17 42.26
C ASN D 74 15.81 -21.16 42.96
N GLU D 75 16.50 -20.69 43.99
CA GLU D 75 17.42 -21.52 44.79
C GLU D 75 16.66 -22.47 45.70
N ASP D 76 15.53 -22.00 46.23
CA ASP D 76 14.71 -22.78 47.14
C ASP D 76 13.36 -22.98 46.47
N LEU D 77 13.08 -24.20 46.04
CA LEU D 77 11.86 -24.49 45.31
C LEU D 77 10.61 -24.60 46.21
N THR D 78 10.79 -24.45 47.52
CA THR D 78 9.68 -24.54 48.47
C THR D 78 9.17 -23.16 48.94
N CYS D 79 9.70 -22.08 48.35
CA CYS D 79 9.23 -20.72 48.65
C CYS D 79 7.78 -20.53 48.21
N GLY D 80 7.05 -19.67 48.93
CA GLY D 80 5.66 -19.33 48.57
C GLY D 80 5.57 -18.63 47.23
N ASN D 81 6.57 -17.81 46.92
CA ASN D 81 6.69 -17.17 45.60
C ASN D 81 7.98 -17.62 44.92
N LEU D 82 7.89 -17.78 43.59
CA LEU D 82 9.01 -18.14 42.73
C LEU D 82 9.17 -17.14 41.60
N LEU D 83 10.38 -16.98 41.11
CA LEU D 83 10.65 -16.08 39.98
C LEU D 83 10.63 -16.80 38.65
N MET D 84 10.16 -16.11 37.63
CA MET D 84 10.15 -16.61 36.26
C MET D 84 10.63 -15.52 35.30
N TRP D 85 11.28 -15.92 34.22
CA TRP D 85 11.64 -14.99 33.16
C TRP D 85 10.40 -14.64 32.37
N GLU D 86 10.22 -13.33 32.14
CA GLU D 86 9.08 -12.80 31.40
C GLU D 86 9.63 -12.08 30.17
N ALA D 87 9.17 -12.49 28.98
CA ALA D 87 9.62 -11.87 27.72
C ALA D 87 8.83 -10.59 27.52
N VAL D 88 9.52 -9.47 27.34
CA VAL D 88 8.89 -8.14 27.30
CA VAL D 88 8.82 -8.18 27.27
C VAL D 88 8.84 -7.54 25.89
N THR D 89 9.93 -7.73 25.14
CA THR D 89 10.02 -7.21 23.78
C THR D 89 10.77 -8.18 22.88
N VAL D 90 10.52 -8.08 21.58
CA VAL D 90 11.30 -8.76 20.56
C VAL D 90 11.62 -7.84 19.39
N GLN D 91 12.88 -7.91 18.93
CA GLN D 91 13.30 -7.29 17.67
C GLN D 91 13.62 -8.43 16.74
N THR D 92 13.13 -8.35 15.51
CA THR D 92 13.29 -9.46 14.60
C THR D 92 13.36 -8.97 13.16
N GLU D 93 14.14 -9.67 12.35
CA GLU D 93 14.13 -9.43 10.91
C GLU D 93 14.71 -10.61 10.15
N VAL D 94 14.41 -10.64 8.86
CA VAL D 94 14.84 -11.70 7.98
C VAL D 94 16.22 -11.35 7.47
N ILE D 95 17.13 -12.33 7.46
CA ILE D 95 18.55 -12.09 7.26
C ILE D 95 19.00 -12.55 5.87
N GLY D 96 19.60 -11.65 5.09
CA GLY D 96 20.12 -11.98 3.75
C GLY D 96 19.21 -11.60 2.59
N ILE D 97 18.32 -10.63 2.82
CA ILE D 97 17.34 -10.27 1.77
C ILE D 97 18.00 -9.80 0.47
N THR D 98 19.16 -9.19 0.57
CA THR D 98 19.86 -8.69 -0.60
C THR D 98 20.46 -9.79 -1.47
N SER D 99 20.54 -11.01 -0.94
CA SER D 99 21.06 -12.13 -1.73
C SER D 99 20.21 -12.36 -2.98
N MET D 100 18.95 -11.92 -2.94
CA MET D 100 18.04 -12.03 -4.08
C MET D 100 18.41 -11.10 -5.23
N LEU D 101 19.42 -10.23 -5.03
CA LEU D 101 19.96 -9.38 -6.10
C LEU D 101 20.99 -10.10 -6.96
N ASN D 102 21.33 -11.35 -6.61
CA ASN D 102 22.09 -12.20 -7.52
C ASN D 102 21.16 -12.72 -8.61
N LEU D 103 21.18 -12.10 -9.78
CA LEU D 103 20.37 -12.54 -10.93
C LEU D 103 21.23 -13.21 -12.01
N HIS D 104 22.49 -13.50 -11.69
CA HIS D 104 23.41 -14.13 -12.63
C HIS D 104 23.48 -15.64 -12.46
N ALA D 105 23.20 -16.12 -11.26
CA ALA D 105 23.30 -17.56 -10.93
C ALA D 105 21.96 -18.29 -11.09
N GLY D 106 21.95 -19.28 -12.00
CA GLY D 106 20.92 -20.32 -11.99
C GLY D 106 19.52 -20.00 -12.50
N SER D 107 19.10 -18.73 -12.43
CA SER D 107 17.72 -18.37 -12.72
C SER D 107 17.48 -18.14 -14.20
N GLN D 108 16.26 -18.45 -14.65
CA GLN D 108 15.87 -18.35 -16.05
C GLN D 108 15.91 -16.90 -16.49
N LYS D 109 16.48 -16.66 -17.67
CA LYS D 109 16.47 -15.31 -18.22
C LYS D 109 15.02 -14.81 -18.35
N VAL D 110 14.81 -13.53 -18.04
CA VAL D 110 13.47 -12.95 -18.19
C VAL D 110 13.01 -12.85 -19.66
N HIS D 111 13.98 -12.70 -20.56
CA HIS D 111 13.76 -12.67 -22.00
C HIS D 111 15.14 -12.84 -22.62
N GLU D 112 15.20 -13.01 -23.94
CA GLU D 112 16.49 -13.20 -24.61
C GLU D 112 17.43 -12.02 -24.33
N HIS D 113 18.65 -12.34 -23.88
CA HIS D 113 19.71 -11.37 -23.58
C HIS D 113 19.47 -10.61 -22.26
N GLY D 114 18.37 -10.92 -21.56
CA GLY D 114 18.07 -10.27 -20.29
C GLY D 114 18.73 -10.94 -19.09
N GLY D 115 18.57 -10.34 -17.92
CA GLY D 115 19.05 -10.91 -16.67
C GLY D 115 18.17 -12.05 -16.17
N GLY D 116 18.62 -12.70 -15.10
CA GLY D 116 17.83 -13.76 -14.49
C GLY D 116 16.54 -13.28 -13.84
N LYS D 117 15.59 -14.20 -13.71
CA LYS D 117 14.31 -13.89 -13.08
C LYS D 117 14.46 -13.81 -11.57
N PRO D 118 14.00 -12.71 -10.98
CA PRO D 118 13.96 -12.60 -9.53
C PRO D 118 13.13 -13.69 -8.87
N ILE D 119 13.51 -14.04 -7.65
CA ILE D 119 12.64 -14.80 -6.77
C ILE D 119 11.34 -14.01 -6.56
N GLN D 120 10.22 -14.69 -6.72
CA GLN D 120 8.90 -14.08 -6.58
CA GLN D 120 8.90 -14.08 -6.57
C GLN D 120 7.86 -15.18 -6.47
N GLY D 121 6.62 -14.78 -6.16
CA GLY D 121 5.54 -15.71 -5.96
C GLY D 121 5.12 -15.82 -4.52
N SER D 122 4.34 -16.86 -4.25
CA SER D 122 3.73 -17.00 -2.92
C SER D 122 4.78 -16.96 -1.82
N ASN D 123 4.46 -16.26 -0.75
CA ASN D 123 5.39 -16.18 0.35
C ASN D 123 4.66 -16.17 1.69
N PHE D 124 5.39 -16.56 2.73
CA PHE D 124 4.84 -16.63 4.09
C PHE D 124 5.94 -16.20 5.04
N HIS D 125 5.63 -15.19 5.87
CA HIS D 125 6.58 -14.68 6.87
C HIS D 125 5.87 -14.67 8.21
N PHE D 126 6.46 -15.40 9.15
CA PHE D 126 5.81 -15.74 10.41
C PHE D 126 6.86 -15.85 11.50
N PHE D 127 6.55 -15.32 12.68
CA PHE D 127 7.35 -15.63 13.83
C PHE D 127 6.52 -15.69 15.09
N ALA D 128 7.05 -16.36 16.10
CA ALA D 128 6.42 -16.43 17.40
C ALA D 128 7.45 -16.43 18.50
N VAL D 129 7.07 -15.87 19.64
CA VAL D 129 7.88 -15.93 20.85
C VAL D 129 6.98 -16.31 22.03
N GLY D 130 7.36 -17.34 22.77
CA GLY D 130 6.55 -17.76 23.92
C GLY D 130 7.32 -18.47 24.98
N GLY D 131 6.63 -18.74 26.08
CA GLY D 131 7.17 -19.51 27.21
C GLY D 131 6.68 -20.95 27.24
N ASP D 132 5.93 -21.33 26.20
CA ASP D 132 5.57 -22.73 25.92
C ASP D 132 5.75 -22.95 24.43
N PRO D 133 5.81 -24.22 23.99
CA PRO D 133 5.81 -24.46 22.56
C PRO D 133 4.61 -23.82 21.85
N LEU D 134 4.83 -23.32 20.63
CA LEU D 134 3.76 -22.78 19.82
C LEU D 134 2.69 -23.85 19.60
N GLU D 135 1.44 -23.48 19.78
CA GLU D 135 0.32 -24.42 19.59
C GLU D 135 -0.25 -24.25 18.19
N MET D 136 -0.40 -25.35 17.46
CA MET D 136 -0.80 -25.27 16.05
C MET D 136 -2.09 -26.05 15.79
N GLN D 137 -2.78 -25.64 14.72
CA GLN D 137 -3.98 -26.27 14.23
C GLN D 137 -3.71 -26.73 12.80
N GLY D 138 -4.10 -27.96 12.49
CA GLY D 138 -3.90 -28.55 11.16
C GLY D 138 -5.03 -28.21 10.20
N VAL D 139 -4.67 -27.78 8.98
CA VAL D 139 -5.61 -27.60 7.85
C VAL D 139 -4.90 -28.00 6.56
N LEU D 140 -5.59 -28.79 5.74
CA LEU D 140 -5.00 -29.34 4.52
C LEU D 140 -5.69 -28.83 3.26
N MET D 141 -4.90 -28.61 2.21
CA MET D 141 -5.46 -28.36 0.88
C MET D 141 -6.27 -29.58 0.41
N ASN D 142 -5.70 -30.76 0.66
CA ASN D 142 -6.21 -32.03 0.14
C ASN D 142 -6.02 -33.08 1.24
N TYR D 143 -7.11 -33.52 1.87
CA TYR D 143 -6.97 -34.40 3.04
C TYR D 143 -6.36 -35.76 2.67
N ARG D 144 -6.42 -36.11 1.39
CA ARG D 144 -5.91 -37.38 0.90
C ARG D 144 -4.40 -37.37 0.59
N THR D 145 -3.73 -36.23 0.79
CA THR D 145 -2.27 -36.15 0.54
C THR D 145 -1.56 -37.21 1.41
N LYS D 146 -0.65 -37.94 0.78
CA LYS D 146 0.15 -38.93 1.48
C LYS D 146 1.48 -38.28 1.79
N TYR D 147 1.67 -37.87 3.04
CA TYR D 147 2.86 -37.15 3.43
C TYR D 147 4.01 -38.11 3.72
N PRO D 148 5.25 -37.64 3.47
CA PRO D 148 6.41 -38.53 3.52
C PRO D 148 6.95 -38.78 4.94
N ASP D 149 7.65 -39.89 5.10
CA ASP D 149 8.31 -40.17 6.38
C ASP D 149 9.27 -39.03 6.71
N GLY D 150 9.28 -38.65 7.98
CA GLY D 150 10.07 -37.54 8.47
C GLY D 150 9.27 -36.29 8.76
N THR D 151 8.01 -36.26 8.29
CA THR D 151 7.12 -35.15 8.56
C THR D 151 6.06 -35.55 9.59
N ILE D 152 5.55 -34.54 10.29
CA ILE D 152 4.46 -34.73 11.23
C ILE D 152 3.30 -33.93 10.69
N THR D 153 2.23 -34.62 10.31
CA THR D 153 1.08 -34.01 9.68
C THR D 153 -0.21 -34.50 10.34
N PRO D 154 -1.34 -33.83 10.06
CA PRO D 154 -2.60 -34.20 10.68
C PRO D 154 -2.91 -35.70 10.57
N LYS D 155 -3.23 -36.32 11.70
CA LYS D 155 -3.44 -37.77 11.69
C LYS D 155 -4.92 -38.10 11.55
N ASN D 156 -5.18 -39.20 10.85
CA ASN D 156 -6.54 -39.61 10.49
C ASN D 156 -7.37 -38.47 9.90
N PRO D 157 -6.82 -37.74 8.91
CA PRO D 157 -7.60 -36.65 8.36
C PRO D 157 -8.84 -37.13 7.60
N THR D 158 -9.79 -36.22 7.45
CA THR D 158 -11.03 -36.47 6.73
C THR D 158 -11.26 -35.26 5.84
N ALA D 159 -12.32 -35.28 5.02
CA ALA D 159 -12.68 -34.12 4.20
C ALA D 159 -12.82 -32.85 5.05
N GLN D 160 -13.30 -32.98 6.27
CA GLN D 160 -13.40 -31.85 7.20
C GLN D 160 -12.05 -31.21 7.55
N SER D 161 -10.97 -31.97 7.43
CA SER D 161 -9.63 -31.44 7.60
C SER D 161 -9.26 -30.36 6.56
N GLN D 162 -9.99 -30.28 5.46
CA GLN D 162 -9.79 -29.20 4.47
C GLN D 162 -10.38 -27.87 4.93
N VAL D 163 -11.26 -27.93 5.92
CA VAL D 163 -11.77 -26.72 6.57
C VAL D 163 -11.28 -26.80 8.03
N MET D 164 -12.15 -26.96 9.02
CA MET D 164 -11.70 -27.04 10.40
C MET D 164 -12.07 -28.39 11.04
N ASN D 165 -11.05 -29.14 11.41
CA ASN D 165 -11.21 -30.41 12.12
C ASN D 165 -10.44 -30.27 13.44
N THR D 166 -11.17 -30.13 14.54
CA THR D 166 -10.55 -29.80 15.83
C THR D 166 -9.67 -30.92 16.39
N ASP D 167 -9.68 -32.09 15.77
CA ASP D 167 -8.74 -33.16 16.13
C ASP D 167 -7.27 -32.78 15.90
N HIS D 168 -7.00 -31.89 14.95
CA HIS D 168 -5.63 -31.66 14.51
C HIS D 168 -4.93 -30.57 15.32
N LYS D 169 -4.59 -30.92 16.56
CA LYS D 169 -3.90 -30.06 17.48
C LYS D 169 -2.48 -30.61 17.66
N ALA D 170 -1.50 -29.71 17.65
CA ALA D 170 -0.10 -30.07 17.85
C ALA D 170 0.65 -28.95 18.54
N TYR D 171 1.72 -29.33 19.21
CA TYR D 171 2.77 -28.39 19.58
C TYR D 171 3.81 -28.39 18.48
N LEU D 172 4.36 -27.21 18.18
CA LEU D 172 5.54 -27.13 17.32
C LEU D 172 6.72 -27.57 18.18
N ASP D 173 6.94 -28.89 18.23
CA ASP D 173 7.83 -29.51 19.22
C ASP D 173 8.97 -30.27 18.56
N LYS D 174 9.17 -30.02 17.26
CA LYS D 174 10.26 -30.63 16.52
C LYS D 174 10.60 -29.71 15.34
N ASN D 175 11.87 -29.35 15.25
CA ASN D 175 12.36 -28.57 14.12
C ASN D 175 12.38 -29.40 12.83
N ASN D 176 12.09 -28.74 11.71
CA ASN D 176 12.14 -29.36 10.38
C ASN D 176 11.30 -30.64 10.27
N ALA D 177 10.07 -30.57 10.78
CA ALA D 177 9.16 -31.72 10.75
C ALA D 177 7.71 -31.39 10.44
N TYR D 178 7.23 -30.22 10.88
CA TYR D 178 5.85 -29.79 10.64
C TYR D 178 5.79 -28.98 9.34
N PRO D 179 5.23 -29.55 8.25
CA PRO D 179 5.22 -28.78 7.00
C PRO D 179 4.38 -27.52 7.11
N VAL D 180 4.89 -26.43 6.54
CA VAL D 180 4.18 -25.16 6.61
C VAL D 180 2.80 -25.30 5.99
N GLU D 181 2.67 -26.05 4.88
CA GLU D 181 1.37 -26.22 4.22
C GLU D 181 0.29 -26.95 5.03
N CYS D 182 0.68 -27.60 6.13
CA CYS D 182 -0.26 -28.41 6.92
C CYS D 182 -0.78 -27.75 8.19
N TRP D 183 -0.09 -26.72 8.68
CA TRP D 183 -0.25 -26.24 10.05
C TRP D 183 -0.26 -24.73 10.09
N VAL D 184 -1.11 -24.16 10.95
CA VAL D 184 -1.13 -22.73 11.24
C VAL D 184 -1.09 -22.55 12.77
N PRO D 185 -0.63 -21.38 13.24
CA PRO D 185 -0.78 -21.13 14.68
C PRO D 185 -2.26 -21.18 15.08
N ASP D 186 -2.54 -21.72 16.27
CA ASP D 186 -3.91 -21.91 16.76
C ASP D 186 -4.41 -20.72 17.60
N PRO D 187 -5.34 -19.92 17.06
CA PRO D 187 -5.75 -18.73 17.84
C PRO D 187 -6.62 -19.05 19.06
N SER D 188 -7.07 -20.29 19.18
CA SER D 188 -7.90 -20.70 20.30
C SER D 188 -7.05 -21.13 21.49
N ARG D 189 -5.74 -21.22 21.31
CA ARG D 189 -4.83 -21.57 22.39
C ARG D 189 -3.74 -20.48 22.44
N ASN D 190 -2.49 -20.86 22.65
CA ASN D 190 -1.39 -19.89 22.68
C ASN D 190 -1.57 -18.74 23.69
N GLU D 191 -2.06 -19.07 24.89
CA GLU D 191 -2.20 -18.08 25.96
C GLU D 191 -0.85 -17.47 26.37
N ASN D 192 0.22 -18.24 26.19
CA ASN D 192 1.56 -17.86 26.65
C ASN D 192 2.56 -17.66 25.52
N THR D 193 2.04 -17.36 24.33
CA THR D 193 2.87 -17.07 23.14
C THR D 193 2.22 -15.92 22.39
N ARG D 194 3.05 -15.06 21.80
CA ARG D 194 2.58 -14.05 20.83
C ARG D 194 3.09 -14.49 19.47
N TYR D 195 2.20 -14.53 18.47
CA TYR D 195 2.60 -14.89 17.10
C TYR D 195 2.08 -13.87 16.07
N PHE D 196 2.79 -13.80 14.94
CA PHE D 196 2.50 -12.82 13.88
C PHE D 196 2.89 -13.45 12.57
N GLY D 197 1.97 -13.44 11.60
CA GLY D 197 2.28 -13.92 10.27
C GLY D 197 1.49 -13.29 9.16
N THR D 198 2.08 -13.27 7.97
CA THR D 198 1.40 -12.79 6.77
C THR D 198 1.67 -13.74 5.61
N PHE D 199 0.60 -14.19 4.96
CA PHE D 199 0.66 -15.00 3.76
C PHE D 199 0.26 -14.14 2.59
N THR D 200 1.07 -14.17 1.54
CA THR D 200 0.77 -13.46 0.30
C THR D 200 0.91 -14.47 -0.83
N GLY D 201 -0.21 -14.76 -1.50
CA GLY D 201 -0.26 -15.82 -2.50
C GLY D 201 -0.30 -15.30 -3.92
N GLY D 202 0.30 -16.04 -4.84
CA GLY D 202 0.16 -15.72 -6.25
C GLY D 202 1.44 -15.86 -7.02
N GLU D 203 1.33 -15.99 -8.34
CA GLU D 203 2.49 -16.33 -9.17
C GLU D 203 3.55 -15.25 -9.21
N ASN D 204 3.10 -14.02 -9.30
CA ASN D 204 4.00 -12.91 -9.56
C ASN D 204 4.16 -11.96 -8.36
N VAL D 205 3.81 -12.43 -7.18
CA VAL D 205 3.89 -11.60 -5.97
C VAL D 205 5.32 -11.16 -5.70
N PRO D 206 5.55 -9.84 -5.57
CA PRO D 206 6.90 -9.38 -5.22
C PRO D 206 7.22 -9.53 -3.74
N PRO D 207 8.37 -10.12 -3.42
CA PRO D 207 8.81 -10.05 -2.02
C PRO D 207 9.02 -8.60 -1.60
N VAL D 208 8.56 -8.24 -0.41
CA VAL D 208 8.79 -6.93 0.17
C VAL D 208 9.23 -7.16 1.61
N LEU D 209 10.49 -6.86 1.90
CA LEU D 209 11.09 -7.14 3.21
C LEU D 209 11.83 -5.91 3.72
N HIS D 210 11.58 -5.58 4.98
CA HIS D 210 12.18 -4.43 5.65
C HIS D 210 13.17 -4.90 6.70
N VAL D 211 14.28 -4.17 6.82
CA VAL D 211 15.22 -4.36 7.90
C VAL D 211 15.46 -3.03 8.59
N THR D 212 15.58 -3.08 9.92
CA THR D 212 15.99 -1.94 10.71
C THR D 212 16.23 -2.40 12.12
N ASN D 213 17.25 -1.84 12.76
CA ASN D 213 17.50 -2.14 14.16
C ASN D 213 16.79 -1.17 15.13
N THR D 214 15.80 -0.41 14.64
CA THR D 214 15.07 0.59 15.42
C THR D 214 13.62 0.20 15.72
N ALA D 215 13.21 -1.00 15.30
CA ALA D 215 11.82 -1.49 15.44
C ALA D 215 11.76 -2.55 16.52
N THR D 216 10.85 -2.37 17.47
CA THR D 216 10.65 -3.29 18.55
C THR D 216 9.16 -3.66 18.65
N THR D 217 8.88 -4.94 18.88
CA THR D 217 7.51 -5.40 19.13
C THR D 217 7.33 -5.69 20.63
N VAL D 218 6.36 -5.04 21.28
CA VAL D 218 6.09 -5.30 22.70
C VAL D 218 5.28 -6.60 22.82
N LEU D 219 5.66 -7.43 23.80
CA LEU D 219 5.03 -8.76 23.98
C LEU D 219 4.04 -8.82 25.14
N LEU D 220 3.87 -7.71 25.83
CA LEU D 220 2.96 -7.63 26.97
C LEU D 220 1.52 -7.71 26.49
N ASP D 221 0.69 -8.45 27.22
CA ASP D 221 -0.75 -8.54 26.93
C ASP D 221 -1.48 -7.32 27.52
N GLU D 222 -2.82 -7.37 27.47
CA GLU D 222 -3.65 -6.25 27.95
C GLU D 222 -3.49 -5.96 29.45
N GLN D 223 -2.98 -6.94 30.20
CA GLN D 223 -2.74 -6.77 31.64
C GLN D 223 -1.27 -6.43 31.96
N GLY D 224 -0.47 -6.18 30.93
CA GLY D 224 0.94 -5.83 31.13
C GLY D 224 1.84 -7.02 31.41
N VAL D 225 1.40 -8.22 31.02
CA VAL D 225 2.15 -9.44 31.29
C VAL D 225 2.64 -10.08 29.98
N GLY D 226 3.94 -10.35 29.92
CA GLY D 226 4.54 -11.00 28.77
C GLY D 226 4.54 -12.51 28.91
N PRO D 227 4.92 -13.22 27.84
CA PRO D 227 5.11 -14.67 27.97
C PRO D 227 6.02 -15.04 29.15
N LEU D 228 5.59 -16.04 29.93
CA LEU D 228 6.28 -16.50 31.12
C LEU D 228 6.99 -17.84 30.83
N CYS D 229 8.31 -17.86 31.00
CA CYS D 229 9.12 -18.98 30.52
C CYS D 229 9.08 -20.17 31.47
N LYS D 230 8.24 -21.14 31.10
CA LYS D 230 7.97 -22.31 31.90
C LYS D 230 9.20 -23.21 31.87
N ALA D 231 9.59 -23.75 33.02
CA ALA D 231 10.77 -24.60 33.08
C ALA D 231 11.97 -23.89 32.47
N ASP D 232 12.02 -22.57 32.70
CA ASP D 232 13.08 -21.69 32.26
C ASP D 232 13.42 -21.87 30.78
N SER D 233 12.37 -21.95 29.98
CA SER D 233 12.49 -22.21 28.54
C SER D 233 11.85 -21.09 27.73
N LEU D 234 12.61 -20.52 26.79
CA LEU D 234 12.11 -19.52 25.85
C LEU D 234 11.99 -20.17 24.47
N TYR D 235 10.83 -20.02 23.84
CA TYR D 235 10.58 -20.66 22.54
C TYR D 235 10.50 -19.65 21.41
N VAL D 236 11.30 -19.90 20.37
CA VAL D 236 11.27 -19.09 19.15
C VAL D 236 10.83 -19.99 17.99
N SER D 237 9.99 -19.45 17.12
CA SER D 237 9.49 -20.18 15.96
C SER D 237 9.40 -19.24 14.75
N ALA D 238 9.56 -19.79 13.56
CA ALA D 238 9.53 -18.95 12.35
C ALA D 238 9.23 -19.77 11.12
N ALA D 239 8.72 -19.10 10.10
CA ALA D 239 8.71 -19.65 8.75
C ALA D 239 8.86 -18.42 7.86
N ASP D 240 9.85 -18.43 6.97
CA ASP D 240 10.11 -17.32 6.06
C ASP D 240 10.40 -17.83 4.66
N ILE D 241 9.31 -18.24 4.01
CA ILE D 241 9.32 -18.65 2.62
C ILE D 241 9.26 -17.38 1.81
N CYS D 242 10.32 -17.08 1.07
CA CYS D 242 10.45 -15.79 0.42
C CYS D 242 9.79 -15.73 -0.95
N GLY D 243 9.56 -16.88 -1.55
CA GLY D 243 9.05 -17.00 -2.90
C GLY D 243 9.66 -18.19 -3.61
N LEU D 244 9.45 -18.25 -4.93
CA LEU D 244 9.98 -19.31 -5.76
C LEU D 244 11.17 -18.82 -6.61
N PHE D 245 12.22 -19.64 -6.64
CA PHE D 245 13.37 -19.48 -7.53
C PHE D 245 13.07 -20.29 -8.79
N THR D 246 13.18 -19.67 -9.95
CA THR D 246 12.93 -20.38 -11.23
C THR D 246 14.23 -20.65 -11.95
N ASN D 247 14.60 -21.93 -12.03
CA ASN D 247 15.77 -22.37 -12.82
C ASN D 247 15.59 -22.13 -14.31
N SER D 248 16.72 -22.15 -15.03
CA SER D 248 16.69 -21.93 -16.47
CA SER D 248 16.72 -21.95 -16.47
C SER D 248 15.81 -22.95 -17.19
N SER D 249 15.73 -24.16 -16.64
CA SER D 249 14.88 -25.22 -17.19
C SER D 249 13.38 -24.96 -17.06
N GLY D 250 13.02 -24.08 -16.13
CA GLY D 250 11.63 -23.82 -15.76
C GLY D 250 11.24 -24.37 -14.42
N THR D 251 12.05 -25.28 -13.87
CA THR D 251 11.72 -25.87 -12.57
C THR D 251 11.80 -24.80 -11.50
N GLN D 252 11.01 -24.97 -10.45
CA GLN D 252 10.91 -23.98 -9.40
C GLN D 252 11.23 -24.59 -8.04
N GLN D 253 11.88 -23.80 -7.18
CA GLN D 253 12.25 -24.19 -5.83
C GLN D 253 11.90 -23.08 -4.87
N TRP D 254 11.33 -23.43 -3.72
CA TRP D 254 11.17 -22.46 -2.65
C TRP D 254 12.54 -21.97 -2.20
N ARG D 255 12.62 -20.68 -1.84
CA ARG D 255 13.79 -20.10 -1.20
C ARG D 255 13.39 -19.52 0.13
N GLY D 256 14.16 -19.86 1.18
CA GLY D 256 13.93 -19.33 2.52
C GLY D 256 15.16 -18.64 3.05
N LEU D 257 14.97 -17.86 4.12
CA LEU D 257 16.05 -17.12 4.77
C LEU D 257 15.90 -17.24 6.29
N ALA D 258 17.03 -17.13 6.97
CA ALA D 258 17.07 -17.17 8.42
C ALA D 258 16.41 -15.94 9.01
N ARG D 259 15.94 -16.09 10.24
CA ARG D 259 15.35 -14.99 11.01
C ARG D 259 16.14 -14.76 12.30
N TYR D 260 16.49 -13.50 12.51
CA TYR D 260 17.10 -13.03 13.75
C TYR D 260 16.04 -12.67 14.79
N PHE D 261 16.32 -13.04 16.04
CA PHE D 261 15.55 -12.62 17.21
C PHE D 261 16.46 -11.97 18.25
N LYS D 262 16.02 -10.86 18.83
CA LYS D 262 16.60 -10.34 20.06
C LYS D 262 15.44 -10.11 21.03
N ILE D 263 15.43 -10.87 22.11
CA ILE D 263 14.34 -10.89 23.05
C ILE D 263 14.82 -10.38 24.41
N ARG D 264 14.12 -9.39 24.96
CA ARG D 264 14.49 -8.85 26.27
C ARG D 264 13.57 -9.46 27.32
N LEU D 265 14.17 -9.94 28.40
CA LEU D 265 13.42 -10.58 29.49
C LEU D 265 13.70 -9.95 30.85
N ARG D 266 12.70 -9.96 31.70
CA ARG D 266 12.86 -9.50 33.09
C ARG D 266 12.38 -10.59 34.00
N LYS D 267 12.63 -10.42 35.29
CA LYS D 267 12.18 -11.38 36.30
C LYS D 267 10.83 -10.98 36.86
N ARG D 268 9.90 -11.93 36.89
CA ARG D 268 8.59 -11.67 37.50
C ARG D 268 8.38 -12.64 38.63
N SER D 269 7.84 -12.12 39.73
CA SER D 269 7.46 -12.96 40.86
C SER D 269 6.07 -13.55 40.61
N VAL D 270 5.96 -14.87 40.78
CA VAL D 270 4.70 -15.60 40.61
CA VAL D 270 4.68 -15.57 40.65
C VAL D 270 4.46 -16.44 41.87
N LYS D 271 3.20 -16.78 42.14
CA LYS D 271 2.86 -17.64 43.27
C LYS D 271 3.29 -19.08 42.97
N ASN D 272 3.89 -19.73 43.96
CA ASN D 272 4.32 -21.14 43.85
C ASN D 272 3.08 -22.05 43.83
N PRO D 273 2.87 -22.79 42.73
CA PRO D 273 1.75 -23.72 42.66
C PRO D 273 2.04 -25.08 43.30
N VAL E 7 31.68 3.04 27.06
CA VAL E 7 31.42 4.50 27.23
C VAL E 7 30.20 4.74 28.14
N GLU E 8 30.43 5.41 29.27
CA GLU E 8 29.33 5.74 30.17
C GLU E 8 28.74 7.11 29.81
N VAL E 9 27.46 7.11 29.44
CA VAL E 9 26.82 8.28 28.87
C VAL E 9 26.21 9.18 29.96
N LEU E 10 26.60 10.45 29.95
CA LEU E 10 26.13 11.43 30.92
C LEU E 10 25.15 12.38 30.24
N GLU E 11 25.04 13.61 30.73
CA GLU E 11 24.04 14.52 30.21
C GLU E 11 24.44 15.16 28.89
N VAL E 12 23.46 15.69 28.18
CA VAL E 12 23.70 16.54 27.02
C VAL E 12 24.35 17.84 27.51
N LYS E 13 25.42 18.25 26.83
CA LYS E 13 26.06 19.53 27.10
C LYS E 13 25.23 20.65 26.47
N THR E 14 24.66 21.50 27.30
CA THR E 14 23.89 22.65 26.82
C THR E 14 24.79 23.89 26.80
N GLY E 15 24.42 24.88 26.00
CA GLY E 15 25.19 26.12 25.89
C GLY E 15 24.62 27.07 24.87
N ILE E 19 25.17 22.56 19.12
CA ILE E 19 24.40 21.90 18.05
C ILE E 19 24.85 22.34 16.66
N THR E 20 25.21 21.36 15.83
CA THR E 20 25.66 21.62 14.48
C THR E 20 24.95 20.69 13.51
N GLU E 21 25.09 20.96 12.22
CA GLU E 21 24.60 20.06 11.19
C GLU E 21 25.73 19.75 10.23
N VAL E 22 25.79 18.51 9.76
CA VAL E 22 26.67 18.14 8.67
C VAL E 22 25.85 17.54 7.55
N GLU E 23 26.35 17.63 6.34
CA GLU E 23 25.62 17.10 5.20
C GLU E 23 26.58 16.49 4.19
N CYS E 24 26.02 15.60 3.37
CA CYS E 24 26.78 14.82 2.39
CA CYS E 24 26.76 15.07 2.25
C CYS E 24 25.83 14.38 1.27
N PHE E 25 26.29 14.38 0.03
CA PHE E 25 25.62 13.64 -1.04
C PHE E 25 26.54 12.46 -1.30
N LEU E 26 26.01 11.24 -1.16
CA LEU E 26 26.79 10.02 -1.33
C LEU E 26 26.44 9.38 -2.68
N ASN E 27 27.42 9.27 -3.55
CA ASN E 27 27.17 8.68 -4.86
C ASN E 27 26.94 7.16 -4.81
N PRO E 28 26.13 6.62 -5.72
CA PRO E 28 25.89 5.19 -5.81
C PRO E 28 27.08 4.51 -6.48
N GLU E 29 27.25 3.23 -6.20
CA GLU E 29 28.33 2.41 -6.76
C GLU E 29 27.76 1.17 -7.45
N MET E 30 27.20 1.40 -8.63
CA MET E 30 26.47 0.36 -9.38
C MET E 30 27.35 -0.53 -10.26
N GLY E 31 28.60 -0.13 -10.48
CA GLY E 31 29.57 -0.90 -11.28
C GLY E 31 30.31 -0.04 -12.26
N ASP E 32 29.58 0.91 -12.87
CA ASP E 32 30.15 1.91 -13.78
C ASP E 32 30.99 1.28 -14.90
N PRO E 33 30.33 0.61 -15.86
CA PRO E 33 31.07 -0.26 -16.79
C PRO E 33 31.95 0.46 -17.79
N ASP E 34 31.64 1.72 -18.05
CA ASP E 34 32.51 2.53 -18.86
C ASP E 34 32.33 3.98 -18.46
N GLU E 35 33.13 4.85 -19.08
CA GLU E 35 33.22 6.25 -18.68
C GLU E 35 31.93 7.04 -18.87
N ASN E 36 31.02 6.52 -19.70
CA ASN E 36 29.76 7.20 -19.97
C ASN E 36 28.57 6.64 -19.19
N LEU E 37 28.76 5.50 -18.55
CA LEU E 37 27.65 4.82 -17.87
C LEU E 37 27.78 4.84 -16.35
N ARG E 38 28.28 5.96 -15.84
CA ARG E 38 28.30 6.22 -14.41
C ARG E 38 26.86 6.12 -13.88
N GLY E 39 26.68 5.35 -12.82
CA GLY E 39 25.36 5.15 -12.20
C GLY E 39 24.62 3.92 -12.69
N PHE E 40 25.19 3.22 -13.66
CA PHE E 40 24.64 1.95 -14.15
C PHE E 40 25.60 0.81 -13.84
N SER E 41 25.11 -0.44 -13.87
CA SER E 41 25.99 -1.61 -13.90
C SER E 41 26.31 -2.06 -15.32
N LEU E 42 27.30 -2.95 -15.43
CA LEU E 42 27.48 -3.75 -16.64
C LEU E 42 26.18 -4.52 -16.93
N LYS E 43 25.95 -4.84 -18.20
CA LYS E 43 24.85 -5.72 -18.59
C LYS E 43 24.84 -7.01 -17.73
N LEU E 44 23.63 -7.44 -17.36
CA LEU E 44 23.47 -8.64 -16.54
CA LEU E 44 23.48 -8.65 -16.54
C LEU E 44 23.60 -9.91 -17.37
N SER E 45 24.41 -10.84 -16.89
CA SER E 45 24.47 -12.19 -17.43
C SER E 45 23.30 -12.94 -16.80
N ALA E 46 22.99 -14.12 -17.32
CA ALA E 46 21.94 -14.96 -16.77
C ALA E 46 22.22 -16.43 -17.02
N GLU E 47 21.65 -17.26 -16.15
CA GLU E 47 21.61 -18.73 -16.29
C GLU E 47 22.95 -19.44 -16.08
N ASN E 48 23.90 -18.77 -15.44
CA ASN E 48 25.15 -19.43 -15.09
C ASN E 48 24.87 -20.55 -14.08
N ASP E 49 25.40 -21.74 -14.33
CA ASP E 49 25.25 -22.81 -13.35
C ASP E 49 25.84 -22.35 -12.01
N PHE E 50 25.23 -22.78 -10.91
CA PHE E 50 25.77 -22.46 -9.59
C PHE E 50 27.25 -22.90 -9.47
N SER E 51 27.63 -23.93 -10.21
CA SER E 51 29.01 -24.45 -10.19
C SER E 51 30.01 -23.63 -11.00
N SER E 52 29.52 -22.71 -11.84
CA SER E 52 30.38 -21.90 -12.70
C SER E 52 29.76 -20.51 -12.84
N ASP E 53 29.72 -19.82 -11.69
CA ASP E 53 29.12 -18.51 -11.56
C ASP E 53 30.23 -17.53 -11.16
N SER E 54 30.76 -16.82 -12.16
CA SER E 54 31.88 -15.88 -11.98
C SER E 54 31.52 -14.48 -12.49
N PRO E 55 30.77 -13.70 -11.69
CA PRO E 55 30.29 -12.39 -12.12
C PRO E 55 31.45 -11.39 -12.28
N GLU E 56 31.44 -10.61 -13.35
CA GLU E 56 32.42 -9.53 -13.51
C GLU E 56 32.17 -8.41 -12.50
N ARG E 57 33.26 -7.76 -12.08
CA ARG E 57 33.17 -6.73 -11.06
CA ARG E 57 33.20 -6.70 -11.07
C ARG E 57 32.22 -5.60 -11.44
N LYS E 58 32.24 -5.18 -12.69
CA LYS E 58 31.43 -4.02 -13.10
C LYS E 58 29.93 -4.36 -13.16
N MET E 59 29.60 -5.64 -13.02
CA MET E 59 28.22 -6.07 -12.97
C MET E 59 27.59 -6.02 -11.56
N LEU E 60 28.41 -5.81 -10.53
CA LEU E 60 27.98 -5.93 -9.13
C LEU E 60 27.87 -4.58 -8.40
N PRO E 61 26.64 -4.12 -8.15
CA PRO E 61 26.47 -2.98 -7.25
C PRO E 61 27.05 -3.27 -5.88
N CYS E 62 27.66 -2.24 -5.30
CA CYS E 62 28.26 -2.33 -3.98
C CYS E 62 27.66 -1.26 -3.07
N TYR E 63 27.76 -1.49 -1.77
CA TYR E 63 27.40 -0.47 -0.78
C TYR E 63 28.30 0.75 -0.92
N SER E 64 27.71 1.93 -0.71
CA SER E 64 28.44 3.19 -0.64
CA SER E 64 28.51 3.13 -0.64
C SER E 64 28.61 3.61 0.81
N THR E 65 29.74 4.25 1.12
CA THR E 65 29.96 4.78 2.45
C THR E 65 30.91 5.96 2.43
N ALA E 66 30.76 6.84 3.43
CA ALA E 66 31.68 7.95 3.61
C ALA E 66 31.83 8.26 5.10
N ARG E 67 33.00 8.73 5.46
CA ARG E 67 33.35 9.15 6.82
C ARG E 67 33.41 10.67 6.85
N ILE E 68 32.67 11.27 7.76
CA ILE E 68 32.68 12.73 7.94
C ILE E 68 33.51 13.04 9.18
N PRO E 69 34.63 13.77 9.02
CA PRO E 69 35.52 14.13 10.12
C PRO E 69 34.92 15.24 10.96
N LEU E 70 35.11 15.16 12.28
CA LEU E 70 34.59 16.16 13.21
C LEU E 70 35.71 16.60 14.13
N PRO E 71 35.69 17.86 14.62
CA PRO E 71 36.73 18.30 15.54
C PRO E 71 36.57 17.70 16.91
N ASN E 72 37.68 17.37 17.56
CA ASN E 72 37.61 16.93 18.96
C ASN E 72 37.08 18.04 19.84
N LEU E 73 36.26 17.68 20.83
CA LEU E 73 35.60 18.65 21.71
C LEU E 73 36.28 18.89 23.06
N ASN E 74 37.39 18.20 23.31
CA ASN E 74 38.02 18.24 24.62
C ASN E 74 39.31 19.06 24.55
N GLU E 75 39.25 20.33 24.94
CA GLU E 75 40.44 21.22 24.97
C GLU E 75 41.45 20.67 25.97
N ASP E 76 40.93 20.21 27.11
CA ASP E 76 41.71 19.42 28.06
C ASP E 76 41.26 17.95 27.90
N LEU E 77 42.18 17.09 27.48
CA LEU E 77 41.94 15.64 27.42
C LEU E 77 42.11 14.96 28.79
N THR E 78 42.33 15.76 29.84
CA THR E 78 42.60 15.25 31.20
C THR E 78 41.40 15.33 32.15
N CYS E 79 40.29 15.91 31.70
CA CYS E 79 39.12 16.10 32.55
C CYS E 79 38.40 14.78 32.85
N GLY E 80 37.83 14.69 34.05
CA GLY E 80 37.03 13.51 34.44
C GLY E 80 35.92 13.22 33.45
N ASN E 81 35.25 14.26 32.97
CA ASN E 81 34.24 14.13 31.92
C ASN E 81 34.78 14.62 30.58
N LEU E 82 34.49 13.87 29.53
CA LEU E 82 34.83 14.26 28.16
C LEU E 82 33.57 14.52 27.37
N LEU E 83 33.73 14.94 26.12
CA LEU E 83 32.61 15.31 25.26
C LEU E 83 32.74 14.61 23.92
N MET E 84 31.60 14.19 23.37
CA MET E 84 31.54 13.53 22.07
C MET E 84 30.35 14.10 21.31
N TRP E 85 30.49 14.19 19.99
CA TRP E 85 29.37 14.50 19.14
C TRP E 85 28.36 13.34 19.14
N GLU E 86 27.08 13.70 19.19
CA GLU E 86 25.99 12.74 19.20
C GLU E 86 25.04 13.06 18.05
N ALA E 87 24.71 12.06 17.23
CA ALA E 87 23.82 12.24 16.09
C ALA E 87 22.39 12.09 16.57
N VAL E 88 21.54 13.09 16.31
CA VAL E 88 20.17 13.17 16.87
CA VAL E 88 20.19 13.05 16.88
C VAL E 88 19.09 12.83 15.83
N THR E 89 19.24 13.39 14.64
CA THR E 89 18.28 13.21 13.56
C THR E 89 18.99 13.18 12.21
N VAL E 90 18.33 12.58 11.24
CA VAL E 90 18.80 12.59 9.86
C VAL E 90 17.64 12.86 8.90
N GLN E 91 17.90 13.78 7.96
CA GLN E 91 17.02 13.97 6.82
CA GLN E 91 17.05 14.03 6.80
C GLN E 91 17.73 13.34 5.63
N THR E 92 17.01 12.51 4.89
CA THR E 92 17.65 11.82 3.77
C THR E 92 16.69 11.66 2.62
N GLU E 93 17.26 11.59 1.42
CA GLU E 93 16.48 11.60 0.20
C GLU E 93 17.29 10.99 -0.96
N VAL E 94 16.64 10.20 -1.81
CA VAL E 94 17.25 9.69 -3.05
C VAL E 94 17.14 10.80 -4.11
N ILE E 95 18.25 11.05 -4.80
CA ILE E 95 18.41 12.27 -5.63
C ILE E 95 18.37 11.94 -7.12
N GLY E 96 17.42 12.55 -7.85
CA GLY E 96 17.32 12.38 -9.30
C GLY E 96 16.26 11.41 -9.76
N ILE E 97 15.25 11.21 -8.94
CA ILE E 97 14.22 10.23 -9.28
C ILE E 97 13.48 10.53 -10.60
N THR E 98 13.37 11.81 -10.94
CA THR E 98 12.67 12.20 -12.16
C THR E 98 13.46 11.90 -13.41
N SER E 99 14.75 11.58 -13.28
CA SER E 99 15.55 11.20 -14.44
C SER E 99 14.99 9.95 -15.12
N MET E 100 14.23 9.15 -14.39
CA MET E 100 13.56 7.98 -14.99
C MET E 100 12.40 8.34 -15.95
N LEU E 101 12.06 9.62 -16.05
CA LEU E 101 11.07 10.11 -17.01
C LEU E 101 11.67 10.30 -18.42
N ASN E 102 12.98 10.09 -18.56
CA ASN E 102 13.58 10.01 -19.90
C ASN E 102 13.33 8.62 -20.46
N LEU E 103 12.34 8.50 -21.33
CA LEU E 103 12.01 7.24 -22.01
C LEU E 103 12.38 7.26 -23.49
N HIS E 104 13.16 8.27 -23.89
CA HIS E 104 13.60 8.46 -25.27
C HIS E 104 15.01 7.91 -25.51
N ALA E 105 15.81 7.79 -24.45
CA ALA E 105 17.21 7.38 -24.57
C ALA E 105 17.39 5.93 -24.20
N GLY E 106 17.88 5.14 -25.15
CA GLY E 106 18.47 3.83 -24.85
C GLY E 106 17.57 2.65 -24.55
N SER E 107 16.35 2.89 -24.04
CA SER E 107 15.50 1.83 -23.55
C SER E 107 14.63 1.21 -24.65
N GLN E 108 14.37 -0.08 -24.51
CA GLN E 108 13.57 -0.84 -25.46
C GLN E 108 12.16 -0.30 -25.54
N LYS E 109 11.64 -0.16 -26.76
CA LYS E 109 10.26 0.27 -26.93
C LYS E 109 9.31 -0.73 -26.27
N VAL E 110 8.26 -0.23 -25.62
CA VAL E 110 7.25 -1.11 -24.98
C VAL E 110 6.45 -1.94 -26.00
N HIS E 111 6.29 -1.41 -27.21
CA HIS E 111 5.61 -2.06 -28.32
C HIS E 111 5.91 -1.23 -29.56
N GLU E 112 5.51 -1.69 -30.74
CA GLU E 112 5.81 -0.97 -31.98
C GLU E 112 5.23 0.47 -31.90
N HIS E 113 6.08 1.45 -32.18
CA HIS E 113 5.72 2.89 -32.20
C HIS E 113 5.61 3.53 -30.82
N GLY E 114 5.77 2.74 -29.76
CA GLY E 114 5.61 3.22 -28.38
C GLY E 114 6.85 3.87 -27.82
N GLY E 115 6.75 4.42 -26.61
CA GLY E 115 7.93 4.96 -25.92
C GLY E 115 8.80 3.88 -25.29
N GLY E 116 9.93 4.30 -24.73
CA GLY E 116 10.83 3.38 -24.07
C GLY E 116 10.28 2.78 -22.80
N LYS E 117 10.81 1.62 -22.45
CA LYS E 117 10.44 0.91 -21.22
C LYS E 117 11.02 1.60 -20.01
N PRO E 118 10.17 1.92 -19.02
CA PRO E 118 10.67 2.47 -17.78
C PRO E 118 11.59 1.53 -17.03
N ILE E 119 12.47 2.11 -16.22
CA ILE E 119 13.21 1.36 -15.22
C ILE E 119 12.22 0.73 -14.24
N GLN E 120 12.41 -0.57 -14.00
CA GLN E 120 11.55 -1.32 -13.11
CA GLN E 120 11.53 -1.33 -13.13
C GLN E 120 12.21 -2.63 -12.72
N GLY E 121 11.60 -3.35 -11.79
CA GLY E 121 12.15 -4.60 -11.29
C GLY E 121 12.74 -4.46 -9.90
N SER E 122 13.49 -5.47 -9.48
CA SER E 122 13.97 -5.54 -8.11
C SER E 122 14.72 -4.29 -7.72
N ASN E 123 14.52 -3.84 -6.50
CA ASN E 123 15.14 -2.64 -6.02
C ASN E 123 15.44 -2.77 -4.52
N PHE E 124 16.39 -1.96 -4.07
CA PHE E 124 16.80 -1.98 -2.66
C PHE E 124 17.21 -0.57 -2.29
N HIS E 125 16.63 -0.07 -1.20
CA HIS E 125 16.87 1.28 -0.73
C HIS E 125 17.19 1.19 0.74
N PHE E 126 18.39 1.63 1.07
CA PHE E 126 18.99 1.41 2.38
C PHE E 126 19.86 2.60 2.75
N PHE E 127 19.78 3.01 4.02
CA PHE E 127 20.74 3.96 4.56
C PHE E 127 21.04 3.64 6.03
N ALA E 128 22.19 4.13 6.47
CA ALA E 128 22.58 4.03 7.88
C ALA E 128 23.39 5.25 8.29
N VAL E 129 23.30 5.59 9.57
CA VAL E 129 24.07 6.67 10.18
C VAL E 129 24.62 6.12 11.49
N GLY E 130 25.93 6.24 11.70
CA GLY E 130 26.49 5.76 12.95
C GLY E 130 27.76 6.43 13.37
N GLY E 131 28.19 6.13 14.59
CA GLY E 131 29.50 6.59 15.07
C GLY E 131 30.64 5.62 14.89
N ASP E 132 30.34 4.49 14.26
CA ASP E 132 31.34 3.46 13.88
C ASP E 132 30.93 3.02 12.49
N PRO E 133 31.87 2.46 11.70
CA PRO E 133 31.47 1.87 10.41
C PRO E 133 30.35 0.84 10.57
N LEU E 134 29.48 0.74 9.56
CA LEU E 134 28.38 -0.22 9.57
C LEU E 134 28.91 -1.63 9.68
N GLU E 135 28.24 -2.43 10.52
CA GLU E 135 28.61 -3.82 10.72
CA GLU E 135 28.62 -3.82 10.72
C GLU E 135 27.67 -4.68 9.89
N MET E 136 28.25 -5.56 9.07
CA MET E 136 27.48 -6.37 8.14
C MET E 136 27.66 -7.87 8.39
N GLN E 137 26.65 -8.61 7.94
CA GLN E 137 26.60 -10.07 7.97
C GLN E 137 26.48 -10.56 6.52
N GLY E 138 27.28 -11.57 6.17
CA GLY E 138 27.26 -12.13 4.82
C GLY E 138 26.23 -13.24 4.65
N VAL E 139 25.47 -13.17 3.56
CA VAL E 139 24.56 -14.24 3.12
C VAL E 139 24.59 -14.28 1.60
N LEU E 140 24.72 -15.48 1.05
CA LEU E 140 24.87 -15.68 -0.37
C LEU E 140 23.70 -16.45 -0.98
N MET E 141 23.34 -16.07 -2.20
CA MET E 141 22.42 -16.88 -3.01
C MET E 141 23.03 -18.25 -3.30
N ASN E 142 24.33 -18.22 -3.62
CA ASN E 142 25.06 -19.38 -4.08
C ASN E 142 26.45 -19.35 -3.49
N TYR E 143 26.75 -20.24 -2.53
CA TYR E 143 28.03 -20.15 -1.82
C TYR E 143 29.21 -20.39 -2.74
N ARG E 144 28.95 -21.07 -3.86
CA ARG E 144 29.99 -21.39 -4.84
C ARG E 144 30.34 -20.27 -5.82
N THR E 145 29.66 -19.14 -5.75
CA THR E 145 29.96 -18.00 -6.62
C THR E 145 31.43 -17.62 -6.47
N LYS E 146 32.10 -17.43 -7.60
CA LYS E 146 33.48 -16.98 -7.62
C LYS E 146 33.44 -15.47 -7.85
N TYR E 147 33.70 -14.70 -6.80
CA TYR E 147 33.62 -13.26 -6.90
C TYR E 147 34.92 -12.67 -7.44
N PRO E 148 34.83 -11.52 -8.11
CA PRO E 148 35.99 -10.98 -8.82
C PRO E 148 36.93 -10.12 -7.97
N ASP E 149 38.17 -10.00 -8.41
CA ASP E 149 39.16 -9.14 -7.75
C ASP E 149 38.59 -7.73 -7.60
N GLY E 150 38.87 -7.12 -6.45
CA GLY E 150 38.36 -5.79 -6.12
C GLY E 150 37.12 -5.82 -5.25
N THR E 151 36.44 -6.97 -5.19
CA THR E 151 35.33 -7.12 -4.26
C THR E 151 35.78 -7.77 -2.96
N ILE E 152 35.02 -7.50 -1.89
CA ILE E 152 35.25 -8.13 -0.60
C ILE E 152 33.95 -8.87 -0.25
N THR E 153 34.06 -10.20 -0.18
CA THR E 153 32.90 -11.08 -0.08
C THR E 153 33.17 -12.13 0.98
N PRO E 154 32.15 -12.87 1.40
CA PRO E 154 32.38 -13.82 2.49
C PRO E 154 33.53 -14.80 2.23
N LYS E 155 34.37 -14.98 3.25
CA LYS E 155 35.58 -15.78 3.15
C LYS E 155 35.27 -17.23 3.52
N ASN E 156 35.82 -18.15 2.73
CA ASN E 156 35.63 -19.58 2.95
C ASN E 156 34.16 -19.96 3.15
N PRO E 157 33.30 -19.53 2.22
CA PRO E 157 31.89 -19.86 2.40
C PRO E 157 31.60 -21.36 2.30
N THR E 158 30.48 -21.75 2.88
CA THR E 158 29.98 -23.12 2.85
C THR E 158 28.51 -23.06 2.45
N ALA E 159 27.88 -24.21 2.32
CA ALA E 159 26.42 -24.24 2.05
C ALA E 159 25.65 -23.47 3.13
N GLN E 160 26.15 -23.46 4.37
CA GLN E 160 25.48 -22.72 5.45
C GLN E 160 25.50 -21.22 5.19
N SER E 161 26.43 -20.75 4.37
CA SER E 161 26.49 -19.34 3.98
C SER E 161 25.28 -18.89 3.15
N GLN E 162 24.49 -19.85 2.65
CA GLN E 162 23.23 -19.52 1.95
C GLN E 162 22.08 -19.28 2.92
N VAL E 163 22.28 -19.65 4.19
CA VAL E 163 21.35 -19.30 5.24
C VAL E 163 22.13 -18.41 6.21
N MET E 164 22.32 -18.81 7.45
CA MET E 164 23.15 -18.02 8.37
C MET E 164 24.41 -18.73 8.80
N ASN E 165 25.55 -18.15 8.43
CA ASN E 165 26.89 -18.59 8.83
C ASN E 165 27.52 -17.43 9.61
N THR E 166 27.68 -17.60 10.92
CA THR E 166 28.13 -16.47 11.75
C THR E 166 29.59 -16.08 11.55
N ASP E 167 30.36 -16.85 10.77
CA ASP E 167 31.73 -16.48 10.42
C ASP E 167 31.79 -15.20 9.60
N HIS E 168 30.73 -14.92 8.82
CA HIS E 168 30.77 -13.85 7.83
C HIS E 168 30.41 -12.49 8.42
N LYS E 169 31.34 -11.95 9.21
CA LYS E 169 31.20 -10.62 9.79
C LYS E 169 32.17 -9.67 9.09
N ALA E 170 31.68 -8.50 8.71
CA ALA E 170 32.51 -7.49 8.06
C ALA E 170 32.14 -6.09 8.53
N TYR E 171 33.10 -5.18 8.45
CA TYR E 171 32.86 -3.74 8.57
C TYR E 171 32.75 -3.13 7.17
N LEU E 172 31.80 -2.21 6.97
CA LEU E 172 31.72 -1.46 5.71
C LEU E 172 32.79 -0.37 5.74
N ASP E 173 34.01 -0.78 5.43
CA ASP E 173 35.21 0.03 5.66
C ASP E 173 35.90 0.42 4.36
N LYS E 174 35.22 0.19 3.24
CA LYS E 174 35.74 0.53 1.93
C LYS E 174 34.56 0.81 1.02
N ASN E 175 34.58 1.98 0.37
CA ASN E 175 33.56 2.33 -0.60
C ASN E 175 33.75 1.48 -1.86
N ASN E 176 32.66 1.17 -2.54
CA ASN E 176 32.71 0.41 -3.81
C ASN E 176 33.50 -0.93 -3.80
N ALA E 177 33.28 -1.74 -2.78
CA ALA E 177 33.99 -2.99 -2.59
C ALA E 177 33.14 -4.16 -2.09
N TYR E 178 32.14 -3.85 -1.25
CA TYR E 178 31.26 -4.86 -0.65
C TYR E 178 29.98 -5.01 -1.49
N PRO E 179 29.84 -6.12 -2.24
CA PRO E 179 28.66 -6.20 -3.12
C PRO E 179 27.37 -6.27 -2.33
N VAL E 180 26.36 -5.54 -2.79
CA VAL E 180 25.06 -5.55 -2.13
C VAL E 180 24.49 -6.96 -2.02
N GLU E 181 24.68 -7.77 -3.05
CA GLU E 181 24.14 -9.13 -3.06
C GLU E 181 24.77 -10.06 -2.02
N CYS E 182 25.92 -9.69 -1.42
CA CYS E 182 26.63 -10.57 -0.48
C CYS E 182 26.40 -10.24 0.99
N TRP E 183 25.89 -9.03 1.27
CA TRP E 183 25.97 -8.46 2.61
C TRP E 183 24.69 -7.74 3.00
N VAL E 184 24.35 -7.84 4.28
CA VAL E 184 23.25 -7.10 4.87
C VAL E 184 23.70 -6.47 6.17
N PRO E 185 23.02 -5.39 6.59
CA PRO E 185 23.31 -4.88 7.93
C PRO E 185 23.08 -5.97 8.97
N ASP E 186 23.97 -6.06 9.95
CA ASP E 186 23.91 -7.11 10.99
C ASP E 186 23.09 -6.66 12.21
N PRO E 187 21.88 -7.22 12.41
CA PRO E 187 21.09 -6.83 13.56
C PRO E 187 21.64 -7.30 14.91
N SER E 188 22.59 -8.24 14.91
CA SER E 188 23.23 -8.69 16.14
C SER E 188 24.37 -7.78 16.61
N ARG E 189 24.72 -6.78 15.81
CA ARG E 189 25.75 -5.82 16.19
CA ARG E 189 25.75 -5.81 16.19
C ARG E 189 25.17 -4.41 15.97
N ASN E 190 25.96 -3.47 15.46
CA ASN E 190 25.47 -2.09 15.21
C ASN E 190 24.82 -1.42 16.43
N GLU E 191 25.47 -1.56 17.57
CA GLU E 191 25.04 -0.89 18.80
C GLU E 191 25.08 0.64 18.65
N ASN E 192 25.97 1.13 17.79
CA ASN E 192 26.22 2.56 17.66
C ASN E 192 25.88 3.12 16.28
N THR E 193 24.97 2.43 15.57
CA THR E 193 24.50 2.80 14.24
C THR E 193 23.00 2.53 14.17
N ARG E 194 22.27 3.38 13.48
CA ARG E 194 20.88 3.08 13.15
C ARG E 194 20.83 2.84 11.65
N TYR E 195 20.15 1.76 11.23
CA TYR E 195 20.04 1.45 9.79
C TYR E 195 18.59 1.15 9.41
N PHE E 196 18.28 1.35 8.12
CA PHE E 196 16.93 1.23 7.61
C PHE E 196 17.04 0.77 6.15
N GLY E 197 16.34 -0.31 5.80
CA GLY E 197 16.35 -0.78 4.42
C GLY E 197 15.07 -1.48 3.99
N THR E 198 14.73 -1.36 2.71
CA THR E 198 13.59 -2.09 2.15
C THR E 198 14.03 -2.73 0.83
N PHE E 199 13.80 -4.04 0.72
CA PHE E 199 14.02 -4.79 -0.50
C PHE E 199 12.67 -5.11 -1.13
N THR E 200 12.54 -4.85 -2.44
CA THR E 200 11.33 -5.20 -3.18
C THR E 200 11.79 -5.96 -4.42
N GLY E 201 11.40 -7.21 -4.55
CA GLY E 201 11.89 -8.07 -5.64
C GLY E 201 10.83 -8.39 -6.65
N GLY E 202 11.25 -8.58 -7.90
CA GLY E 202 10.31 -9.00 -8.94
C GLY E 202 10.59 -8.37 -10.28
N GLU E 203 10.17 -9.02 -11.35
CA GLU E 203 10.49 -8.53 -12.69
C GLU E 203 9.90 -7.18 -13.02
N ASN E 204 8.67 -6.94 -12.59
CA ASN E 204 7.94 -5.78 -13.06
C ASN E 204 7.57 -4.83 -11.94
N VAL E 205 8.27 -4.95 -10.82
CA VAL E 205 8.06 -4.10 -9.66
C VAL E 205 8.21 -2.62 -10.04
N PRO E 206 7.19 -1.78 -9.77
CA PRO E 206 7.34 -0.33 -10.02
C PRO E 206 8.16 0.36 -8.95
N PRO E 207 9.15 1.17 -9.35
CA PRO E 207 9.81 2.05 -8.40
C PRO E 207 8.78 3.01 -7.83
N VAL E 208 8.82 3.20 -6.51
CA VAL E 208 7.97 4.18 -5.85
C VAL E 208 8.89 4.94 -4.89
N LEU E 209 9.16 6.20 -5.24
CA LEU E 209 10.09 7.05 -4.50
C LEU E 209 9.48 8.39 -4.17
N HIS E 210 9.64 8.78 -2.91
CA HIS E 210 9.07 10.01 -2.37
C HIS E 210 10.20 10.99 -2.05
N VAL E 211 9.93 12.26 -2.28
CA VAL E 211 10.84 13.31 -1.85
C VAL E 211 10.07 14.35 -1.05
N THR E 212 10.64 14.78 0.06
CA THR E 212 10.10 15.91 0.80
C THR E 212 11.15 16.35 1.79
N ASN E 213 11.21 17.66 2.00
CA ASN E 213 12.11 18.22 3.00
C ASN E 213 11.45 18.41 4.36
N THR E 214 10.29 17.77 4.59
CA THR E 214 9.53 17.94 5.82
C THR E 214 9.63 16.69 6.72
N ALA E 215 10.41 15.70 6.28
CA ALA E 215 10.51 14.38 6.95
C ALA E 215 11.87 14.24 7.62
N THR E 216 11.84 13.88 8.90
CA THR E 216 13.05 13.71 9.69
C THR E 216 13.01 12.33 10.38
N THR E 217 14.13 11.61 10.37
CA THR E 217 14.24 10.35 11.12
C THR E 217 15.02 10.60 12.43
N VAL E 218 14.40 10.29 13.57
CA VAL E 218 15.05 10.42 14.87
C VAL E 218 16.02 9.23 15.06
N LEU E 219 17.23 9.51 15.54
CA LEU E 219 18.28 8.50 15.71
C LEU E 219 18.50 8.09 17.17
N LEU E 220 17.77 8.73 18.08
CA LEU E 220 17.83 8.41 19.50
C LEU E 220 17.28 6.99 19.75
N ASP E 221 17.96 6.26 20.62
CA ASP E 221 17.48 4.93 21.03
C ASP E 221 16.42 5.04 22.12
N GLU E 222 16.06 3.91 22.72
CA GLU E 222 15.05 3.88 23.78
C GLU E 222 15.43 4.68 25.04
N GLN E 223 16.73 4.89 25.27
CA GLN E 223 17.23 5.70 26.39
C GLN E 223 17.43 7.19 26.05
N GLY E 224 17.14 7.59 24.83
CA GLY E 224 17.30 8.98 24.40
C GLY E 224 18.73 9.28 23.92
N VAL E 225 19.47 8.25 23.54
CA VAL E 225 20.88 8.45 23.12
C VAL E 225 21.08 8.08 21.65
N GLY E 226 21.64 9.01 20.88
CA GLY E 226 21.91 8.78 19.48
C GLY E 226 23.28 8.15 19.28
N PRO E 227 23.63 7.79 18.05
CA PRO E 227 25.00 7.34 17.76
C PRO E 227 26.01 8.35 18.27
N LEU E 228 27.07 7.85 18.89
CA LEU E 228 28.10 8.67 19.49
C LEU E 228 29.39 8.54 18.65
N CYS E 229 29.93 9.68 18.27
CA CYS E 229 31.13 9.75 17.42
C CYS E 229 32.40 9.58 18.29
N LYS E 230 32.62 8.34 18.72
CA LYS E 230 33.64 8.01 19.72
C LYS E 230 35.04 8.42 19.29
N ALA E 231 35.30 8.34 17.98
CA ALA E 231 36.60 8.68 17.39
C ALA E 231 36.50 9.95 16.51
N ASP E 232 35.57 10.84 16.86
CA ASP E 232 35.38 12.13 16.18
C ASP E 232 35.13 11.98 14.67
N SER E 233 34.29 11.00 14.35
CA SER E 233 33.95 10.61 13.00
CA SER E 233 33.93 10.69 12.98
C SER E 233 32.49 10.21 12.93
N LEU E 234 31.82 10.55 11.86
CA LEU E 234 30.46 10.12 11.62
C LEU E 234 30.42 9.33 10.31
N TYR E 235 29.71 8.21 10.30
CA TYR E 235 29.66 7.32 9.13
C TYR E 235 28.26 7.31 8.50
N VAL E 236 28.21 7.54 7.18
CA VAL E 236 26.99 7.42 6.43
C VAL E 236 27.19 6.28 5.42
N SER E 237 26.13 5.50 5.23
CA SER E 237 26.18 4.36 4.32
C SER E 237 24.87 4.27 3.54
N ALA E 238 24.94 3.72 2.34
CA ALA E 238 23.74 3.61 1.52
C ALA E 238 23.85 2.54 0.44
N ALA E 239 22.68 2.12 -0.01
CA ALA E 239 22.53 1.37 -1.27
C ALA E 239 21.16 1.75 -1.84
N ASP E 240 21.17 2.27 -3.07
CA ASP E 240 19.93 2.66 -3.72
C ASP E 240 19.88 2.15 -5.16
N ILE E 241 19.63 0.86 -5.29
CA ILE E 241 19.40 0.22 -6.58
C ILE E 241 17.96 0.47 -6.95
N CYS E 242 17.71 1.21 -8.04
CA CYS E 242 16.33 1.68 -8.31
C CYS E 242 15.52 0.68 -9.11
N GLY E 243 16.22 -0.20 -9.82
CA GLY E 243 15.63 -1.17 -10.71
C GLY E 243 16.57 -1.46 -11.86
N LEU E 244 16.00 -2.08 -12.88
CA LEU E 244 16.73 -2.47 -14.09
C LEU E 244 16.31 -1.61 -15.26
N PHE E 245 17.32 -1.15 -16.00
CA PHE E 245 17.17 -0.46 -17.28
C PHE E 245 17.28 -1.50 -18.36
N THR E 246 16.30 -1.55 -19.26
CA THR E 246 16.29 -2.50 -20.37
C THR E 246 16.69 -1.79 -21.67
N ASN E 247 17.85 -2.15 -22.19
CA ASN E 247 18.33 -1.60 -23.46
C ASN E 247 17.49 -2.08 -24.63
N SER E 248 17.55 -1.35 -25.74
CA SER E 248 16.83 -1.71 -26.95
CA SER E 248 16.80 -1.72 -26.92
C SER E 248 17.17 -3.13 -27.42
N SER E 249 18.41 -3.54 -27.13
CA SER E 249 18.86 -4.90 -27.49
C SER E 249 18.26 -6.01 -26.64
N GLY E 250 17.68 -5.65 -25.50
CA GLY E 250 17.12 -6.63 -24.56
C GLY E 250 17.99 -6.77 -23.33
N THR E 251 19.25 -6.33 -23.39
CA THR E 251 20.13 -6.47 -22.21
C THR E 251 19.65 -5.56 -21.09
N GLN E 252 19.96 -5.95 -19.85
CA GLN E 252 19.55 -5.18 -18.68
C GLN E 252 20.75 -4.74 -17.85
N GLN E 253 20.60 -3.57 -17.22
CA GLN E 253 21.62 -2.99 -16.35
C GLN E 253 20.93 -2.42 -15.10
N TRP E 254 21.54 -2.60 -13.93
CA TRP E 254 21.07 -1.86 -12.76
C TRP E 254 21.25 -0.35 -12.94
N ARG E 255 20.32 0.42 -12.39
CA ARG E 255 20.46 1.87 -12.28
C ARG E 255 20.35 2.25 -10.82
N GLY E 256 21.29 3.07 -10.36
CA GLY E 256 21.26 3.60 -9.00
C GLY E 256 21.30 5.12 -9.01
N LEU E 257 21.03 5.69 -7.85
CA LEU E 257 21.01 7.13 -7.67
C LEU E 257 21.69 7.48 -6.34
N ALA E 258 22.22 8.70 -6.27
CA ALA E 258 22.82 9.23 -5.06
C ALA E 258 21.82 9.45 -3.95
N ARG E 259 22.33 9.48 -2.72
CA ARG E 259 21.51 9.76 -1.53
C ARG E 259 22.10 10.93 -0.74
N TYR E 260 21.24 11.89 -0.42
CA TYR E 260 21.58 13.00 0.42
C TYR E 260 21.35 12.68 1.90
N PHE E 261 22.27 13.15 2.73
CA PHE E 261 22.10 13.08 4.19
C PHE E 261 22.28 14.47 4.81
N LYS E 262 21.39 14.87 5.72
CA LYS E 262 21.65 16.00 6.61
C LYS E 262 21.43 15.54 8.04
N ILE E 263 22.50 15.57 8.82
CA ILE E 263 22.50 15.04 10.19
C ILE E 263 22.70 16.16 11.21
N ARG E 264 21.78 16.22 12.17
CA ARG E 264 21.93 17.15 13.29
C ARG E 264 22.68 16.47 14.42
N LEU E 265 23.70 17.16 14.93
CA LEU E 265 24.57 16.67 15.97
C LEU E 265 24.47 17.58 17.20
N ARG E 266 24.60 16.99 18.38
CA ARG E 266 24.74 17.78 19.62
C ARG E 266 25.93 17.27 20.41
N LYS E 267 26.32 18.02 21.44
CA LYS E 267 27.44 17.60 22.29
C LYS E 267 26.94 16.84 23.52
N ARG E 268 27.57 15.70 23.78
CA ARG E 268 27.19 14.78 24.84
C ARG E 268 28.34 14.57 25.81
N SER E 269 28.08 14.75 27.10
CA SER E 269 29.10 14.47 28.12
CA SER E 269 29.10 14.48 28.11
C SER E 269 29.17 12.97 28.34
N VAL E 270 30.39 12.46 28.48
CA VAL E 270 30.62 11.05 28.75
C VAL E 270 31.73 10.92 29.80
N LYS E 271 31.82 9.76 30.44
CA LYS E 271 32.89 9.53 31.39
C LYS E 271 34.17 9.18 30.65
N ASN E 272 35.28 9.71 31.15
CA ASN E 272 36.62 9.46 30.61
C ASN E 272 37.05 8.03 30.97
N PRO E 273 37.49 7.24 29.97
CA PRO E 273 38.20 6.00 30.24
C PRO E 273 39.70 6.22 30.36
#